data_7ECM
# 
_entry.id   7ECM 
# 
_audit_conform.dict_name       mmcif_pdbx.dic 
_audit_conform.dict_version    5.392 
_audit_conform.dict_location   http://mmcif.pdb.org/dictionaries/ascii/mmcif_pdbx.dic 
# 
loop_
_database_2.database_id 
_database_2.database_code 
_database_2.pdbx_database_accession 
_database_2.pdbx_DOI 
PDB   7ECM         pdb_00007ecm 10.2210/pdb7ecm/pdb 
WWPDB D_1300021139 ?            ?                   
# 
loop_
_pdbx_audit_revision_history.ordinal 
_pdbx_audit_revision_history.data_content_type 
_pdbx_audit_revision_history.major_revision 
_pdbx_audit_revision_history.minor_revision 
_pdbx_audit_revision_history.revision_date 
1 'Structure model' 1 0 2022-03-16 
2 'Structure model' 1 1 2024-05-29 
# 
_pdbx_audit_revision_details.ordinal             1 
_pdbx_audit_revision_details.revision_ordinal    1 
_pdbx_audit_revision_details.data_content_type   'Structure model' 
_pdbx_audit_revision_details.provider            repository 
_pdbx_audit_revision_details.type                'Initial release' 
_pdbx_audit_revision_details.description         ? 
_pdbx_audit_revision_details.details             ? 
# 
_pdbx_audit_revision_group.ordinal             1 
_pdbx_audit_revision_group.revision_ordinal    2 
_pdbx_audit_revision_group.data_content_type   'Structure model' 
_pdbx_audit_revision_group.group               'Data collection' 
# 
loop_
_pdbx_audit_revision_category.ordinal 
_pdbx_audit_revision_category.revision_ordinal 
_pdbx_audit_revision_category.data_content_type 
_pdbx_audit_revision_category.category 
1 2 'Structure model' chem_comp_atom 
2 2 'Structure model' chem_comp_bond 
# 
_pdbx_database_status.status_code                     REL 
_pdbx_database_status.status_code_sf                  REL 
_pdbx_database_status.status_code_mr                  ? 
_pdbx_database_status.entry_id                        7ECM 
_pdbx_database_status.recvd_initial_deposition_date   2021-03-12 
_pdbx_database_status.SG_entry                        N 
_pdbx_database_status.deposit_site                    PDBJ 
_pdbx_database_status.process_site                    PDBJ 
_pdbx_database_status.status_code_cs                  ? 
_pdbx_database_status.status_code_nmr_data            ? 
_pdbx_database_status.methods_development_category    ? 
_pdbx_database_status.pdb_format_compatible           Y 
# 
loop_
_audit_author.name 
_audit_author.pdbx_ordinal 
_audit_author.identifier_ORCID 
'Kondo, J.'   1 0000-0002-5682-3685 
'Tsudura, A.' 2 ?                   
# 
_citation.abstract                  ? 
_citation.abstract_id_CAS           ? 
_citation.book_id_ISBN              ? 
_citation.book_publisher            ? 
_citation.book_publisher_city       ? 
_citation.book_title                ? 
_citation.coordinate_linkage        ? 
_citation.country                   ? 
_citation.database_id_Medline       ? 
_citation.details                   ? 
_citation.id                        primary 
_citation.journal_abbrev            'To Be Published' 
_citation.journal_id_ASTM           ? 
_citation.journal_id_CSD            0353 
_citation.journal_id_ISSN           ? 
_citation.journal_full              ? 
_citation.journal_issue             ? 
_citation.journal_volume            ? 
_citation.language                  ? 
_citation.page_first                ? 
_citation.page_last                 ? 
_citation.title                     'RNA duplex containing C-A base pair' 
_citation.year                      ? 
_citation.database_id_CSD           ? 
_citation.pdbx_database_id_DOI      ? 
_citation.pdbx_database_id_PubMed   ? 
_citation.pdbx_database_id_patent   ? 
_citation.unpublished_flag          ? 
# 
loop_
_citation_author.citation_id 
_citation_author.name 
_citation_author.ordinal 
_citation_author.identifier_ORCID 
primary 'Kondo, J.'   1 0000-0002-5682-3685 
primary 'Tsudura, A.' 2 ?                   
# 
loop_
_entity.id 
_entity.type 
_entity.src_method 
_entity.pdbx_description 
_entity.formula_weight 
_entity.pdbx_number_of_molecules 
_entity.pdbx_ec 
_entity.pdbx_mutation 
_entity.pdbx_fragment 
_entity.details 
1 polymer     syn 
;RNA (5'-R(*GP*GP*GP*CP*CP*CP*GP*GP*AP*CP*CP*C)-3')
;
3841.368 4   ? ? ? ? 
2 non-polymer syn 'BARIUM ION'                                         137.327  9   ? ? ? ? 
3 water       nat water                                                18.015   235 ? ? ? ? 
# 
_entity_poly.entity_id                      1 
_entity_poly.type                           polyribonucleotide 
_entity_poly.nstd_linkage                   no 
_entity_poly.nstd_monomer                   no 
_entity_poly.pdbx_seq_one_letter_code       GGGCCCGGACCC 
_entity_poly.pdbx_seq_one_letter_code_can   GGGCCCGGACCC 
_entity_poly.pdbx_strand_id                 A,B,C,D 
_entity_poly.pdbx_target_identifier         ? 
# 
loop_
_pdbx_entity_nonpoly.entity_id 
_pdbx_entity_nonpoly.name 
_pdbx_entity_nonpoly.comp_id 
2 'BARIUM ION' BA  
3 water        HOH 
# 
loop_
_entity_poly_seq.entity_id 
_entity_poly_seq.num 
_entity_poly_seq.mon_id 
_entity_poly_seq.hetero 
1 1  G n 
1 2  G n 
1 3  G n 
1 4  C n 
1 5  C n 
1 6  C n 
1 7  G n 
1 8  G n 
1 9  A n 
1 10 C n 
1 11 C n 
1 12 C n 
# 
_pdbx_entity_src_syn.entity_id              1 
_pdbx_entity_src_syn.pdbx_src_id            1 
_pdbx_entity_src_syn.pdbx_alt_source_flag   sample 
_pdbx_entity_src_syn.pdbx_beg_seq_num       1 
_pdbx_entity_src_syn.pdbx_end_seq_num       12 
_pdbx_entity_src_syn.organism_scientific    'synthetic construct' 
_pdbx_entity_src_syn.organism_common_name   ? 
_pdbx_entity_src_syn.ncbi_taxonomy_id       32630 
_pdbx_entity_src_syn.details                ? 
# 
loop_
_chem_comp.id 
_chem_comp.type 
_chem_comp.mon_nstd_flag 
_chem_comp.name 
_chem_comp.pdbx_synonyms 
_chem_comp.formula 
_chem_comp.formula_weight 
A   'RNA linking' y "ADENOSINE-5'-MONOPHOSPHATE" ? 'C10 H14 N5 O7 P' 347.221 
BA  non-polymer   . 'BARIUM ION'                 ? 'Ba 2'            137.327 
C   'RNA linking' y "CYTIDINE-5'-MONOPHOSPHATE"  ? 'C9 H14 N3 O8 P'  323.197 
G   'RNA linking' y "GUANOSINE-5'-MONOPHOSPHATE" ? 'C10 H14 N5 O8 P' 363.221 
HOH non-polymer   . WATER                        ? 'H2 O'            18.015  
# 
loop_
_pdbx_poly_seq_scheme.asym_id 
_pdbx_poly_seq_scheme.entity_id 
_pdbx_poly_seq_scheme.seq_id 
_pdbx_poly_seq_scheme.mon_id 
_pdbx_poly_seq_scheme.ndb_seq_num 
_pdbx_poly_seq_scheme.pdb_seq_num 
_pdbx_poly_seq_scheme.auth_seq_num 
_pdbx_poly_seq_scheme.pdb_mon_id 
_pdbx_poly_seq_scheme.auth_mon_id 
_pdbx_poly_seq_scheme.pdb_strand_id 
_pdbx_poly_seq_scheme.pdb_ins_code 
_pdbx_poly_seq_scheme.hetero 
A 1 1  G 1  1  1  G G A . n 
A 1 2  G 2  2  2  G G A . n 
A 1 3  G 3  3  3  G G A . n 
A 1 4  C 4  4  4  C C A . n 
A 1 5  C 5  5  5  C C A . n 
A 1 6  C 6  6  6  C C A . n 
A 1 7  G 7  7  7  G G A . n 
A 1 8  G 8  8  8  G G A . n 
A 1 9  A 9  9  9  A A A . n 
A 1 10 C 10 10 10 C C A . n 
A 1 11 C 11 11 11 C C A . n 
A 1 12 C 12 12 12 C C A . n 
B 1 1  G 1  1  1  G G B . n 
B 1 2  G 2  2  2  G G B . n 
B 1 3  G 3  3  3  G G B . n 
B 1 4  C 4  4  4  C C B . n 
B 1 5  C 5  5  5  C C B . n 
B 1 6  C 6  6  6  C C B . n 
B 1 7  G 7  7  7  G G B . n 
B 1 8  G 8  8  8  G G B . n 
B 1 9  A 9  9  9  A A B . n 
B 1 10 C 10 10 10 C C B . n 
B 1 11 C 11 11 11 C C B . n 
B 1 12 C 12 12 12 C C B . n 
C 1 1  G 1  1  1  G G C . n 
C 1 2  G 2  2  2  G G C . n 
C 1 3  G 3  3  3  G G C . n 
C 1 4  C 4  4  4  C C C . n 
C 1 5  C 5  5  5  C C C . n 
C 1 6  C 6  6  6  C C C . n 
C 1 7  G 7  7  7  G G C . n 
C 1 8  G 8  8  8  G G C . n 
C 1 9  A 9  9  9  A A C . n 
C 1 10 C 10 10 10 C C C . n 
C 1 11 C 11 11 11 C C C . n 
C 1 12 C 12 12 12 C C C . n 
D 1 1  G 1  1  1  G G D . n 
D 1 2  G 2  2  2  G G D . n 
D 1 3  G 3  3  3  G G D . n 
D 1 4  C 4  4  4  C C D . n 
D 1 5  C 5  5  5  C C D . n 
D 1 6  C 6  6  6  C C D . n 
D 1 7  G 7  7  7  G G D . n 
D 1 8  G 8  8  8  G G D . n 
D 1 9  A 9  9  9  A A D . n 
D 1 10 C 10 10 10 C C D . n 
D 1 11 C 11 11 11 C C D . n 
D 1 12 C 12 12 12 C C D . n 
# 
loop_
_pdbx_nonpoly_scheme.asym_id 
_pdbx_nonpoly_scheme.entity_id 
_pdbx_nonpoly_scheme.mon_id 
_pdbx_nonpoly_scheme.ndb_seq_num 
_pdbx_nonpoly_scheme.pdb_seq_num 
_pdbx_nonpoly_scheme.auth_seq_num 
_pdbx_nonpoly_scheme.pdb_mon_id 
_pdbx_nonpoly_scheme.auth_mon_id 
_pdbx_nonpoly_scheme.pdb_strand_id 
_pdbx_nonpoly_scheme.pdb_ins_code 
E 2 BA  1  101 3   BA  BA  A . 
F 2 BA  1  102 4   BA  BA  A . 
G 2 BA  1  103 6   BA  BA  A . 
H 2 BA  1  101 5   BA  BA  B . 
I 2 BA  1  101 2   BA  BA  C . 
J 2 BA  1  102 8   BA  BA  C . 
K 2 BA  1  101 1   BA  BA  D . 
L 2 BA  1  102 7   BA  BA  D . 
M 2 BA  1  103 9   BA  BA  D . 
N 3 HOH 1  201 148 HOH HOH A . 
N 3 HOH 2  202 178 HOH HOH A . 
N 3 HOH 3  203 174 HOH HOH A . 
N 3 HOH 4  204 181 HOH HOH A . 
N 3 HOH 5  205 94  HOH HOH A . 
N 3 HOH 6  206 158 HOH HOH A . 
N 3 HOH 7  207 130 HOH HOH A . 
N 3 HOH 8  208 235 HOH HOH A . 
N 3 HOH 9  209 75  HOH HOH A . 
N 3 HOH 10 210 25  HOH HOH A . 
N 3 HOH 11 211 57  HOH HOH A . 
N 3 HOH 12 212 221 HOH HOH A . 
N 3 HOH 13 213 115 HOH HOH A . 
N 3 HOH 14 214 23  HOH HOH A . 
N 3 HOH 15 215 30  HOH HOH A . 
N 3 HOH 16 216 244 HOH HOH A . 
N 3 HOH 17 217 82  HOH HOH A . 
N 3 HOH 18 218 150 HOH HOH A . 
N 3 HOH 19 219 39  HOH HOH A . 
N 3 HOH 20 220 173 HOH HOH A . 
N 3 HOH 21 221 16  HOH HOH A . 
N 3 HOH 22 222 22  HOH HOH A . 
N 3 HOH 23 223 240 HOH HOH A . 
N 3 HOH 24 224 81  HOH HOH A . 
N 3 HOH 25 225 213 HOH HOH A . 
N 3 HOH 26 226 86  HOH HOH A . 
N 3 HOH 27 227 68  HOH HOH A . 
N 3 HOH 28 228 187 HOH HOH A . 
N 3 HOH 29 229 77  HOH HOH A . 
N 3 HOH 30 230 123 HOH HOH A . 
N 3 HOH 31 231 179 HOH HOH A . 
N 3 HOH 32 232 17  HOH HOH A . 
N 3 HOH 33 233 202 HOH HOH A . 
N 3 HOH 34 234 166 HOH HOH A . 
N 3 HOH 35 235 157 HOH HOH A . 
N 3 HOH 36 236 117 HOH HOH A . 
N 3 HOH 37 237 203 HOH HOH A . 
N 3 HOH 38 238 109 HOH HOH A . 
N 3 HOH 39 239 176 HOH HOH A . 
N 3 HOH 40 240 31  HOH HOH A . 
N 3 HOH 41 241 147 HOH HOH A . 
N 3 HOH 42 242 193 HOH HOH A . 
N 3 HOH 43 243 120 HOH HOH A . 
N 3 HOH 44 244 134 HOH HOH A . 
N 3 HOH 45 245 212 HOH HOH A . 
N 3 HOH 46 246 116 HOH HOH A . 
N 3 HOH 47 247 206 HOH HOH A . 
N 3 HOH 48 248 90  HOH HOH A . 
N 3 HOH 49 249 92  HOH HOH A . 
N 3 HOH 50 250 119 HOH HOH A . 
N 3 HOH 51 251 102 HOH HOH A . 
N 3 HOH 52 252 139 HOH HOH A . 
N 3 HOH 53 253 248 HOH HOH A . 
N 3 HOH 54 254 228 HOH HOH A . 
N 3 HOH 55 255 131 HOH HOH A . 
N 3 HOH 56 256 247 HOH HOH A . 
N 3 HOH 57 257 245 HOH HOH A . 
N 3 HOH 58 258 167 HOH HOH A . 
N 3 HOH 59 259 177 HOH HOH A . 
N 3 HOH 60 260 138 HOH HOH A . 
N 3 HOH 61 261 243 HOH HOH A . 
O 3 HOH 1  201 58  HOH HOH B . 
O 3 HOH 2  202 219 HOH HOH B . 
O 3 HOH 3  203 165 HOH HOH B . 
O 3 HOH 4  204 162 HOH HOH B . 
O 3 HOH 5  205 47  HOH HOH B . 
O 3 HOH 6  206 141 HOH HOH B . 
O 3 HOH 7  207 188 HOH HOH B . 
O 3 HOH 8  208 155 HOH HOH B . 
O 3 HOH 9  209 3   HOH HOH B . 
O 3 HOH 10 210 55  HOH HOH B . 
O 3 HOH 11 211 26  HOH HOH B . 
O 3 HOH 12 212 98  HOH HOH B . 
O 3 HOH 13 213 192 HOH HOH B . 
O 3 HOH 14 214 85  HOH HOH B . 
O 3 HOH 15 215 78  HOH HOH B . 
O 3 HOH 16 216 189 HOH HOH B . 
O 3 HOH 17 217 51  HOH HOH B . 
O 3 HOH 18 218 198 HOH HOH B . 
O 3 HOH 19 219 36  HOH HOH B . 
O 3 HOH 20 220 185 HOH HOH B . 
O 3 HOH 21 221 89  HOH HOH B . 
O 3 HOH 22 222 151 HOH HOH B . 
O 3 HOH 23 223 56  HOH HOH B . 
O 3 HOH 24 224 35  HOH HOH B . 
O 3 HOH 25 225 54  HOH HOH B . 
O 3 HOH 26 226 9   HOH HOH B . 
O 3 HOH 27 227 27  HOH HOH B . 
O 3 HOH 28 228 125 HOH HOH B . 
O 3 HOH 29 229 8   HOH HOH B . 
O 3 HOH 30 230 2   HOH HOH B . 
O 3 HOH 31 231 124 HOH HOH B . 
O 3 HOH 32 232 229 HOH HOH B . 
O 3 HOH 33 233 164 HOH HOH B . 
O 3 HOH 34 234 106 HOH HOH B . 
O 3 HOH 35 235 142 HOH HOH B . 
O 3 HOH 36 236 62  HOH HOH B . 
O 3 HOH 37 237 196 HOH HOH B . 
O 3 HOH 38 238 69  HOH HOH B . 
O 3 HOH 39 239 1   HOH HOH B . 
O 3 HOH 40 240 79  HOH HOH B . 
O 3 HOH 41 241 80  HOH HOH B . 
O 3 HOH 42 242 49  HOH HOH B . 
O 3 HOH 43 243 42  HOH HOH B . 
O 3 HOH 44 244 216 HOH HOH B . 
O 3 HOH 45 245 61  HOH HOH B . 
O 3 HOH 46 246 19  HOH HOH B . 
O 3 HOH 47 247 246 HOH HOH B . 
O 3 HOH 48 248 129 HOH HOH B . 
O 3 HOH 49 249 224 HOH HOH B . 
O 3 HOH 50 250 127 HOH HOH B . 
O 3 HOH 51 251 113 HOH HOH B . 
O 3 HOH 52 252 67  HOH HOH B . 
O 3 HOH 53 253 46  HOH HOH B . 
O 3 HOH 54 254 156 HOH HOH B . 
O 3 HOH 55 255 140 HOH HOH B . 
O 3 HOH 56 256 37  HOH HOH B . 
O 3 HOH 57 257 251 HOH HOH B . 
O 3 HOH 58 258 242 HOH HOH B . 
O 3 HOH 59 259 99  HOH HOH B . 
P 3 HOH 1  201 231 HOH HOH C . 
P 3 HOH 2  202 200 HOH HOH C . 
P 3 HOH 3  203 112 HOH HOH C . 
P 3 HOH 4  204 186 HOH HOH C . 
P 3 HOH 5  205 144 HOH HOH C . 
P 3 HOH 6  206 108 HOH HOH C . 
P 3 HOH 7  207 149 HOH HOH C . 
P 3 HOH 8  208 65  HOH HOH C . 
P 3 HOH 9  209 59  HOH HOH C . 
P 3 HOH 10 210 5   HOH HOH C . 
P 3 HOH 11 211 153 HOH HOH C . 
P 3 HOH 12 212 21  HOH HOH C . 
P 3 HOH 13 213 100 HOH HOH C . 
P 3 HOH 14 214 32  HOH HOH C . 
P 3 HOH 15 215 70  HOH HOH C . 
P 3 HOH 16 216 40  HOH HOH C . 
P 3 HOH 17 217 118 HOH HOH C . 
P 3 HOH 18 218 161 HOH HOH C . 
P 3 HOH 19 219 95  HOH HOH C . 
P 3 HOH 20 220 160 HOH HOH C . 
P 3 HOH 21 221 110 HOH HOH C . 
P 3 HOH 22 222 169 HOH HOH C . 
P 3 HOH 23 223 233 HOH HOH C . 
P 3 HOH 24 224 107 HOH HOH C . 
P 3 HOH 25 225 84  HOH HOH C . 
P 3 HOH 26 226 93  HOH HOH C . 
P 3 HOH 27 227 133 HOH HOH C . 
P 3 HOH 28 228 43  HOH HOH C . 
P 3 HOH 29 229 87  HOH HOH C . 
P 3 HOH 30 230 205 HOH HOH C . 
P 3 HOH 31 231 71  HOH HOH C . 
P 3 HOH 32 232 201 HOH HOH C . 
P 3 HOH 33 233 33  HOH HOH C . 
P 3 HOH 34 234 41  HOH HOH C . 
P 3 HOH 35 235 250 HOH HOH C . 
P 3 HOH 36 236 218 HOH HOH C . 
P 3 HOH 37 237 136 HOH HOH C . 
P 3 HOH 38 238 154 HOH HOH C . 
P 3 HOH 39 239 76  HOH HOH C . 
P 3 HOH 40 240 121 HOH HOH C . 
P 3 HOH 41 241 50  HOH HOH C . 
P 3 HOH 42 242 146 HOH HOH C . 
P 3 HOH 43 243 12  HOH HOH C . 
P 3 HOH 44 244 96  HOH HOH C . 
P 3 HOH 45 245 217 HOH HOH C . 
P 3 HOH 46 246 232 HOH HOH C . 
P 3 HOH 47 247 194 HOH HOH C . 
P 3 HOH 48 248 191 HOH HOH C . 
P 3 HOH 49 249 53  HOH HOH C . 
P 3 HOH 50 250 10  HOH HOH C . 
P 3 HOH 51 251 66  HOH HOH C . 
P 3 HOH 52 252 73  HOH HOH C . 
P 3 HOH 53 253 171 HOH HOH C . 
Q 3 HOH 1  201 226 HOH HOH D . 
Q 3 HOH 2  202 180 HOH HOH D . 
Q 3 HOH 3  203 152 HOH HOH D . 
Q 3 HOH 4  204 74  HOH HOH D . 
Q 3 HOH 5  205 34  HOH HOH D . 
Q 3 HOH 6  206 236 HOH HOH D . 
Q 3 HOH 7  207 163 HOH HOH D . 
Q 3 HOH 8  208 63  HOH HOH D . 
Q 3 HOH 9  209 18  HOH HOH D . 
Q 3 HOH 10 210 104 HOH HOH D . 
Q 3 HOH 11 211 72  HOH HOH D . 
Q 3 HOH 12 212 172 HOH HOH D . 
Q 3 HOH 13 213 13  HOH HOH D . 
Q 3 HOH 14 214 234 HOH HOH D . 
Q 3 HOH 15 215 249 HOH HOH D . 
Q 3 HOH 16 216 222 HOH HOH D . 
Q 3 HOH 17 217 215 HOH HOH D . 
Q 3 HOH 18 218 105 HOH HOH D . 
Q 3 HOH 19 219 122 HOH HOH D . 
Q 3 HOH 20 220 11  HOH HOH D . 
Q 3 HOH 21 221 183 HOH HOH D . 
Q 3 HOH 22 222 28  HOH HOH D . 
Q 3 HOH 23 223 91  HOH HOH D . 
Q 3 HOH 24 224 227 HOH HOH D . 
Q 3 HOH 25 225 128 HOH HOH D . 
Q 3 HOH 26 226 64  HOH HOH D . 
Q 3 HOH 27 227 175 HOH HOH D . 
Q 3 HOH 28 228 101 HOH HOH D . 
Q 3 HOH 29 229 111 HOH HOH D . 
Q 3 HOH 30 230 195 HOH HOH D . 
Q 3 HOH 31 231 48  HOH HOH D . 
Q 3 HOH 32 232 6   HOH HOH D . 
Q 3 HOH 33 233 60  HOH HOH D . 
Q 3 HOH 34 234 15  HOH HOH D . 
Q 3 HOH 35 235 184 HOH HOH D . 
Q 3 HOH 36 236 44  HOH HOH D . 
Q 3 HOH 37 237 168 HOH HOH D . 
Q 3 HOH 38 238 24  HOH HOH D . 
Q 3 HOH 39 239 52  HOH HOH D . 
Q 3 HOH 40 240 29  HOH HOH D . 
Q 3 HOH 41 241 4   HOH HOH D . 
Q 3 HOH 42 242 88  HOH HOH D . 
Q 3 HOH 43 243 223 HOH HOH D . 
Q 3 HOH 44 244 97  HOH HOH D . 
Q 3 HOH 45 245 190 HOH HOH D . 
Q 3 HOH 46 246 145 HOH HOH D . 
Q 3 HOH 47 247 137 HOH HOH D . 
Q 3 HOH 48 248 241 HOH HOH D . 
Q 3 HOH 49 249 45  HOH HOH D . 
Q 3 HOH 50 250 14  HOH HOH D . 
Q 3 HOH 51 251 159 HOH HOH D . 
Q 3 HOH 52 252 209 HOH HOH D . 
Q 3 HOH 53 253 103 HOH HOH D . 
Q 3 HOH 54 254 170 HOH HOH D . 
Q 3 HOH 55 255 182 HOH HOH D . 
Q 3 HOH 56 256 252 HOH HOH D . 
Q 3 HOH 57 257 20  HOH HOH D . 
Q 3 HOH 58 258 211 HOH HOH D . 
Q 3 HOH 59 259 135 HOH HOH D . 
Q 3 HOH 60 260 208 HOH HOH D . 
Q 3 HOH 61 261 143 HOH HOH D . 
Q 3 HOH 62 262 132 HOH HOH D . 
# 
loop_
_software.citation_id 
_software.classification 
_software.compiler_name 
_software.compiler_version 
_software.contact_author 
_software.contact_author_email 
_software.date 
_software.description 
_software.dependencies 
_software.hardware 
_software.language 
_software.location 
_software.mods 
_software.name 
_software.os 
_software.os_version 
_software.type 
_software.version 
_software.pdbx_ordinal 
? 'data scaling'   ? ? ? ? ? ? ? ? ? ? ? XSCALE ? ? ? .      1 
? refinement       ? ? ? ? ? ? ? ? ? ? ? PHENIX ? ? ? 1.17.1 2 
? 'data reduction' ? ? ? ? ? ? ? ? ? ? ? XDS    ? ? ? .      3 
? phasing          ? ? ? ? ? ? ? ? ? ? ? PHASER ? ? ? .      4 
# 
_cell.angle_alpha                  100.080 
_cell.angle_alpha_esd              ? 
_cell.angle_beta                   93.540 
_cell.angle_beta_esd               ? 
_cell.angle_gamma                  110.470 
_cell.angle_gamma_esd              ? 
_cell.entry_id                     7ECM 
_cell.details                      ? 
_cell.formula_units_Z              ? 
_cell.length_a                     26.475 
_cell.length_a_esd                 ? 
_cell.length_b                     27.909 
_cell.length_b_esd                 ? 
_cell.length_c                     46.665 
_cell.length_c_esd                 ? 
_cell.volume                       ? 
_cell.volume_esd                   ? 
_cell.Z_PDB                        4 
_cell.reciprocal_angle_alpha       ? 
_cell.reciprocal_angle_beta        ? 
_cell.reciprocal_angle_gamma       ? 
_cell.reciprocal_angle_alpha_esd   ? 
_cell.reciprocal_angle_beta_esd    ? 
_cell.reciprocal_angle_gamma_esd   ? 
_cell.reciprocal_length_a          ? 
_cell.reciprocal_length_b          ? 
_cell.reciprocal_length_c          ? 
_cell.reciprocal_length_a_esd      ? 
_cell.reciprocal_length_b_esd      ? 
_cell.reciprocal_length_c_esd      ? 
_cell.pdbx_unique_axis             ? 
# 
_symmetry.entry_id                         7ECM 
_symmetry.cell_setting                     ? 
_symmetry.Int_Tables_number                1 
_symmetry.space_group_name_Hall            ? 
_symmetry.space_group_name_H-M             'P 1' 
_symmetry.pdbx_full_space_group_name_H-M   ? 
# 
_exptl.absorpt_coefficient_mu     ? 
_exptl.absorpt_correction_T_max   ? 
_exptl.absorpt_correction_T_min   ? 
_exptl.absorpt_correction_type    ? 
_exptl.absorpt_process_details    ? 
_exptl.entry_id                   7ECM 
_exptl.crystals_number            1 
_exptl.details                    ? 
_exptl.method                     'X-RAY DIFFRACTION' 
_exptl.method_details             ? 
# 
_exptl_crystal.colour                      ? 
_exptl_crystal.density_diffrn              ? 
_exptl_crystal.density_Matthews            2.05 
_exptl_crystal.density_method              ? 
_exptl_crystal.density_percent_sol         40.04 
_exptl_crystal.description                 ? 
_exptl_crystal.F_000                       ? 
_exptl_crystal.id                          1 
_exptl_crystal.preparation                 ? 
_exptl_crystal.size_max                    ? 
_exptl_crystal.size_mid                    ? 
_exptl_crystal.size_min                    ? 
_exptl_crystal.size_rad                    ? 
_exptl_crystal.colour_lustre               ? 
_exptl_crystal.colour_modifier             ? 
_exptl_crystal.colour_primary              ? 
_exptl_crystal.density_meas                ? 
_exptl_crystal.density_meas_esd            ? 
_exptl_crystal.density_meas_gt             ? 
_exptl_crystal.density_meas_lt             ? 
_exptl_crystal.density_meas_temp           ? 
_exptl_crystal.density_meas_temp_esd       ? 
_exptl_crystal.density_meas_temp_gt        ? 
_exptl_crystal.density_meas_temp_lt        ? 
_exptl_crystal.pdbx_crystal_image_url      ? 
_exptl_crystal.pdbx_crystal_image_format   ? 
_exptl_crystal.pdbx_mosaicity              ? 
_exptl_crystal.pdbx_mosaicity_esd          ? 
# 
_exptl_crystal_grow.apparatus       ? 
_exptl_crystal_grow.atmosphere      ? 
_exptl_crystal_grow.crystal_id      1 
_exptl_crystal_grow.details         ? 
_exptl_crystal_grow.method          'VAPOR DIFFUSION, HANGING DROP' 
_exptl_crystal_grow.method_ref      ? 
_exptl_crystal_grow.pH              ? 
_exptl_crystal_grow.pressure        ? 
_exptl_crystal_grow.pressure_esd    ? 
_exptl_crystal_grow.seeding         ? 
_exptl_crystal_grow.seeding_ref     ? 
_exptl_crystal_grow.temp            293 
_exptl_crystal_grow.temp_details    ? 
_exptl_crystal_grow.temp_esd        ? 
_exptl_crystal_grow.time            ? 
_exptl_crystal_grow.pdbx_details    'MOPS, MPD, spermine, barium nitrate' 
_exptl_crystal_grow.pdbx_pH_range   ? 
# 
_diffrn.ambient_environment              ? 
_diffrn.ambient_temp                     100 
_diffrn.ambient_temp_details             ? 
_diffrn.ambient_temp_esd                 ? 
_diffrn.crystal_id                       1 
_diffrn.crystal_support                  ? 
_diffrn.crystal_treatment                ? 
_diffrn.details                          ? 
_diffrn.id                               1 
_diffrn.ambient_pressure                 ? 
_diffrn.ambient_pressure_esd             ? 
_diffrn.ambient_pressure_gt              ? 
_diffrn.ambient_pressure_lt              ? 
_diffrn.ambient_temp_gt                  ? 
_diffrn.ambient_temp_lt                  ? 
_diffrn.pdbx_serial_crystal_experiment   N 
# 
_diffrn_detector.details                      ? 
_diffrn_detector.detector                     PIXEL 
_diffrn_detector.diffrn_id                    1 
_diffrn_detector.type                         'DECTRIS EIGER X 4M' 
_diffrn_detector.area_resol_mean              ? 
_diffrn_detector.dtime                        ? 
_diffrn_detector.pdbx_frames_total            ? 
_diffrn_detector.pdbx_collection_time_total   ? 
_diffrn_detector.pdbx_collection_date         2016-11-22 
_diffrn_detector.pdbx_frequency               ? 
# 
_diffrn_radiation.collimation                      ? 
_diffrn_radiation.diffrn_id                        1 
_diffrn_radiation.filter_edge                      ? 
_diffrn_radiation.inhomogeneity                    ? 
_diffrn_radiation.monochromator                    ? 
_diffrn_radiation.polarisn_norm                    ? 
_diffrn_radiation.polarisn_ratio                   ? 
_diffrn_radiation.probe                            ? 
_diffrn_radiation.type                             ? 
_diffrn_radiation.xray_symbol                      ? 
_diffrn_radiation.wavelength_id                    1 
_diffrn_radiation.pdbx_monochromatic_or_laue_m_l   M 
_diffrn_radiation.pdbx_wavelength_list             ? 
_diffrn_radiation.pdbx_wavelength                  ? 
_diffrn_radiation.pdbx_diffrn_protocol             'SINGLE WAVELENGTH' 
_diffrn_radiation.pdbx_analyzer                    ? 
_diffrn_radiation.pdbx_scattering_type             x-ray 
# 
_diffrn_radiation_wavelength.id           1 
_diffrn_radiation_wavelength.wavelength   1.1 
_diffrn_radiation_wavelength.wt           1.0 
# 
_diffrn_source.current                     ? 
_diffrn_source.details                     ? 
_diffrn_source.diffrn_id                   1 
_diffrn_source.power                       ? 
_diffrn_source.size                        ? 
_diffrn_source.source                      SYNCHROTRON 
_diffrn_source.target                      ? 
_diffrn_source.type                        'PHOTON FACTORY BEAMLINE BL-1A' 
_diffrn_source.voltage                     ? 
_diffrn_source.take-off_angle              ? 
_diffrn_source.pdbx_wavelength_list        1.1 
_diffrn_source.pdbx_wavelength             ? 
_diffrn_source.pdbx_synchrotron_beamline   BL-1A 
_diffrn_source.pdbx_synchrotron_site       'Photon Factory' 
# 
_reflns.B_iso_Wilson_estimate            21.271 
_reflns.entry_id                         7ECM 
_reflns.data_reduction_details           ? 
_reflns.data_reduction_method            ? 
_reflns.d_resolution_high                1.510 
_reflns.d_resolution_low                 45.540 
_reflns.details                          ? 
_reflns.limit_h_max                      ? 
_reflns.limit_h_min                      ? 
_reflns.limit_k_max                      ? 
_reflns.limit_k_min                      ? 
_reflns.limit_l_max                      ? 
_reflns.limit_l_min                      ? 
_reflns.number_all                       ? 
_reflns.number_obs                       18436 
_reflns.observed_criterion               ? 
_reflns.observed_criterion_F_max         ? 
_reflns.observed_criterion_F_min         ? 
_reflns.observed_criterion_I_max         ? 
_reflns.observed_criterion_I_min         ? 
_reflns.observed_criterion_sigma_F       ? 
_reflns.observed_criterion_sigma_I       ? 
_reflns.percent_possible_obs             95.400 
_reflns.R_free_details                   ? 
_reflns.Rmerge_F_all                     ? 
_reflns.Rmerge_F_obs                     ? 
_reflns.Friedel_coverage                 ? 
_reflns.number_gt                        ? 
_reflns.threshold_expression             ? 
_reflns.pdbx_redundancy                  3.635 
_reflns.pdbx_Rmerge_I_obs                0.057 
_reflns.pdbx_Rmerge_I_all                ? 
_reflns.pdbx_Rsym_value                  ? 
_reflns.pdbx_netI_over_av_sigmaI         ? 
_reflns.pdbx_netI_over_sigmaI            13.370 
_reflns.pdbx_res_netI_over_av_sigmaI_2   ? 
_reflns.pdbx_res_netI_over_sigmaI_2      ? 
_reflns.pdbx_chi_squared                 0.997 
_reflns.pdbx_scaling_rejects             ? 
_reflns.pdbx_d_res_high_opt              ? 
_reflns.pdbx_d_res_low_opt               ? 
_reflns.pdbx_d_res_opt_method            ? 
_reflns.phase_calculation_details        ? 
_reflns.pdbx_Rrim_I_all                  0.067 
_reflns.pdbx_Rpim_I_all                  ? 
_reflns.pdbx_d_opt                       ? 
_reflns.pdbx_number_measured_all         ? 
_reflns.pdbx_diffrn_id                   1 
_reflns.pdbx_ordinal                     1 
_reflns.pdbx_CC_half                     0.998 
_reflns.pdbx_CC_star                     ? 
_reflns.pdbx_R_split                     ? 
# 
loop_
_reflns_shell.d_res_high 
_reflns_shell.d_res_low 
_reflns_shell.meanI_over_sigI_all 
_reflns_shell.meanI_over_sigI_obs 
_reflns_shell.number_measured_all 
_reflns_shell.number_measured_obs 
_reflns_shell.number_possible 
_reflns_shell.number_unique_all 
_reflns_shell.number_unique_obs 
_reflns_shell.percent_possible_all 
_reflns_shell.percent_possible_obs 
_reflns_shell.Rmerge_F_all 
_reflns_shell.Rmerge_F_obs 
_reflns_shell.Rmerge_I_all 
_reflns_shell.Rmerge_I_obs 
_reflns_shell.meanI_over_sigI_gt 
_reflns_shell.meanI_over_uI_all 
_reflns_shell.meanI_over_uI_gt 
_reflns_shell.number_measured_gt 
_reflns_shell.number_unique_gt 
_reflns_shell.percent_possible_gt 
_reflns_shell.Rmerge_F_gt 
_reflns_shell.Rmerge_I_gt 
_reflns_shell.pdbx_redundancy 
_reflns_shell.pdbx_Rsym_value 
_reflns_shell.pdbx_chi_squared 
_reflns_shell.pdbx_netI_over_sigmaI_all 
_reflns_shell.pdbx_netI_over_sigmaI_obs 
_reflns_shell.pdbx_Rrim_I_all 
_reflns_shell.pdbx_Rpim_I_all 
_reflns_shell.pdbx_rejects 
_reflns_shell.pdbx_ordinal 
_reflns_shell.pdbx_diffrn_id 
_reflns_shell.pdbx_CC_half 
_reflns_shell.pdbx_CC_star 
_reflns_shell.pdbx_R_split 
1.510 1.550  ? 5.510  ? 5003 1480 ? 1348 91.100 ? ? ? ? 0.276 ? ? ? ? ? ? ? ? 3.711 ? ? ? ? 0.323 ? ? 1  1 0.930 ? ? 
1.550 1.590  ? 6.360  ? 4665 1343 ? 1255 93.400 ? ? ? ? 0.226 ? ? ? ? ? ? ? ? 3.717 ? ? ? ? 0.265 ? ? 2  1 0.954 ? ? 
1.590 1.630  ? 7.810  ? 4889 1393 ? 1308 93.900 ? ? ? ? 0.157 ? ? ? ? ? ? ? ? 3.738 ? ? ? ? 0.184 ? ? 3  1 0.985 ? ? 
1.630 1.680  ? 8.790  ? 4518 1289 ? 1214 94.200 ? ? ? ? 0.137 ? ? ? ? ? ? ? ? 3.722 ? ? ? ? 0.160 ? ? 4  1 0.982 ? ? 
1.680 1.740  ? 9.960  ? 4625 1308 ? 1237 94.600 ? ? ? ? 0.114 ? ? ? ? ? ? ? ? 3.739 ? ? ? ? 0.133 ? ? 5  1 0.990 ? ? 
1.740 1.800  ? 10.750 ? 4267 1210 ? 1147 94.800 ? ? ? ? 0.107 ? ? ? ? ? ? ? ? 3.720 ? ? ? ? 0.125 ? ? 6  1 0.987 ? ? 
1.800 1.870  ? 11.290 ? 4149 1202 ? 1141 94.900 ? ? ? ? 0.096 ? ? ? ? ? ? ? ? 3.636 ? ? ? ? 0.113 ? ? 7  1 0.988 ? ? 
1.870 1.950  ? 11.880 ? 3881 1139 ? 1093 96.000 ? ? ? ? 0.091 ? ? ? ? ? ? ? ? 3.551 ? ? ? ? 0.108 ? ? 8  1 0.988 ? ? 
1.950 2.030  ? 13.180 ? 3587 1105 ? 1055 95.500 ? ? ? ? 0.081 ? ? ? ? ? ? ? ? 3.400 ? ? ? ? 0.097 ? ? 9  1 0.988 ? ? 
2.030 2.130  ? 13.640 ? 3123 1026 ? 986  96.100 ? ? ? ? 0.069 ? ? ? ? ? ? ? ? 3.167 ? ? ? ? 0.084 ? ? 10 1 0.991 ? ? 
2.130 2.250  ? 15.520 ? 3367 1001 ? 959  95.800 ? ? ? ? 0.069 ? ? ? ? ? ? ? ? 3.511 ? ? ? ? 0.082 ? ? 11 1 0.993 ? ? 
2.250 2.380  ? 16.320 ? 3072 962  ? 923  95.900 ? ? ? ? 0.064 ? ? ? ? ? ? ? ? 3.328 ? ? ? ? 0.077 ? ? 12 1 0.991 ? ? 
2.380 2.550  ? 18.370 ? 3260 870  ? 853  98.000 ? ? ? ? 0.061 ? ? ? ? ? ? ? ? 3.822 ? ? ? ? 0.070 ? ? 13 1 0.993 ? ? 
2.550 2.750  ? 20.040 ? 3103 827  ? 810  97.900 ? ? ? ? 0.058 ? ? ? ? ? ? ? ? 3.831 ? ? ? ? 0.068 ? ? 14 1 0.994 ? ? 
2.750 3.010  ? 21.230 ? 2737 752  ? 729  96.900 ? ? ? ? 0.047 ? ? ? ? ? ? ? ? 3.754 ? ? ? ? 0.054 ? ? 15 1 0.998 ? ? 
3.010 3.370  ? 22.480 ? 2545 691  ? 681  98.600 ? ? ? ? 0.038 ? ? ? ? ? ? ? ? 3.737 ? ? ? ? 0.044 ? ? 16 1 0.999 ? ? 
3.370 3.890  ? 23.360 ? 2286 620  ? 608  98.100 ? ? ? ? 0.044 ? ? ? ? ? ? ? ? 3.760 ? ? ? ? 0.052 ? ? 17 1 0.997 ? ? 
3.890 4.770  ? 23.780 ? 1826 493  ? 486  98.600 ? ? ? ? 0.046 ? ? ? ? ? ? ? ? 3.757 ? ? ? ? 0.053 ? ? 18 1 0.997 ? ? 
4.770 6.740  ? 23.240 ? 1395 400  ? 391  97.800 ? ? ? ? 0.049 ? ? ? ? ? ? ? ? 3.568 ? ? ? ? 0.057 ? ? 19 1 0.995 ? ? 
6.740 45.540 ? 22.970 ? 714  217  ? 210  96.800 ? ? ? ? 0.050 ? ? ? ? ? ? ? ? 3.400 ? ? ? ? 0.060 ? ? 20 1 0.995 ? ? 
# 
_refine.aniso_B[1][1]                            ? 
_refine.aniso_B[1][2]                            ? 
_refine.aniso_B[1][3]                            ? 
_refine.aniso_B[2][2]                            ? 
_refine.aniso_B[2][3]                            ? 
_refine.aniso_B[3][3]                            ? 
_refine.B_iso_max                                123.690 
_refine.B_iso_mean                               16.0267 
_refine.B_iso_min                                6.830 
_refine.correlation_coeff_Fo_to_Fc               ? 
_refine.correlation_coeff_Fo_to_Fc_free          ? 
_refine.details                                  ? 
_refine.diff_density_max                         ? 
_refine.diff_density_max_esd                     ? 
_refine.diff_density_min                         ? 
_refine.diff_density_min_esd                     ? 
_refine.diff_density_rms                         ? 
_refine.diff_density_rms_esd                     ? 
_refine.entry_id                                 7ECM 
_refine.pdbx_refine_id                           'X-RAY DIFFRACTION' 
_refine.ls_abs_structure_details                 ? 
_refine.ls_abs_structure_Flack                   ? 
_refine.ls_abs_structure_Flack_esd               ? 
_refine.ls_abs_structure_Rogers                  ? 
_refine.ls_abs_structure_Rogers_esd              ? 
_refine.ls_d_res_high                            1.5100 
_refine.ls_d_res_low                             45.5400 
_refine.ls_extinction_coef                       ? 
_refine.ls_extinction_coef_esd                   ? 
_refine.ls_extinction_expression                 ? 
_refine.ls_extinction_method                     ? 
_refine.ls_goodness_of_fit_all                   ? 
_refine.ls_goodness_of_fit_all_esd               ? 
_refine.ls_goodness_of_fit_obs                   ? 
_refine.ls_goodness_of_fit_obs_esd               ? 
_refine.ls_hydrogen_treatment                    ? 
_refine.ls_matrix_type                           ? 
_refine.ls_number_constraints                    ? 
_refine.ls_number_parameters                     ? 
_refine.ls_number_reflns_all                     ? 
_refine.ls_number_reflns_obs                     18436 
_refine.ls_number_reflns_R_free                  1835 
_refine.ls_number_reflns_R_work                  16601 
_refine.ls_number_restraints                     ? 
_refine.ls_percent_reflns_obs                    95.3300 
_refine.ls_percent_reflns_R_free                 9.9500 
_refine.ls_R_factor_all                          ? 
_refine.ls_R_factor_obs                          0.1611 
_refine.ls_R_factor_R_free                       0.1955 
_refine.ls_R_factor_R_free_error                 ? 
_refine.ls_R_factor_R_free_error_details         ? 
_refine.ls_R_factor_R_work                       0.1573 
_refine.ls_R_Fsqd_factor_obs                     ? 
_refine.ls_R_I_factor_obs                        ? 
_refine.ls_redundancy_reflns_all                 ? 
_refine.ls_redundancy_reflns_obs                 ? 
_refine.ls_restrained_S_all                      ? 
_refine.ls_restrained_S_obs                      ? 
_refine.ls_shift_over_esd_max                    ? 
_refine.ls_shift_over_esd_mean                   ? 
_refine.ls_structure_factor_coef                 ? 
_refine.ls_weighting_details                     ? 
_refine.ls_weighting_scheme                      ? 
_refine.ls_wR_factor_all                         ? 
_refine.ls_wR_factor_obs                         ? 
_refine.ls_wR_factor_R_free                      ? 
_refine.ls_wR_factor_R_work                      ? 
_refine.occupancy_max                            ? 
_refine.occupancy_min                            ? 
_refine.solvent_model_details                    'FLAT BULK SOLVENT MODEL' 
_refine.solvent_model_param_bsol                 ? 
_refine.solvent_model_param_ksol                 ? 
_refine.pdbx_R_complete                          ? 
_refine.ls_R_factor_gt                           ? 
_refine.ls_goodness_of_fit_gt                    ? 
_refine.ls_goodness_of_fit_ref                   ? 
_refine.ls_shift_over_su_max                     ? 
_refine.ls_shift_over_su_max_lt                  ? 
_refine.ls_shift_over_su_mean                    ? 
_refine.ls_shift_over_su_mean_lt                 ? 
_refine.pdbx_ls_sigma_I                          ? 
_refine.pdbx_ls_sigma_F                          2.080 
_refine.pdbx_ls_sigma_Fsqd                       ? 
_refine.pdbx_data_cutoff_high_absF               ? 
_refine.pdbx_data_cutoff_high_rms_absF           ? 
_refine.pdbx_data_cutoff_low_absF                ? 
_refine.pdbx_isotropic_thermal_model             ? 
_refine.pdbx_ls_cross_valid_method               THROUGHOUT 
_refine.pdbx_method_to_determine_struct          'MOLECULAR REPLACEMENT' 
_refine.pdbx_starting_model                      ? 
_refine.pdbx_stereochemistry_target_values       ML 
_refine.pdbx_R_Free_selection_details            ? 
_refine.pdbx_stereochem_target_val_spec_case     ? 
_refine.pdbx_overall_ESU_R                       ? 
_refine.pdbx_overall_ESU_R_Free                  ? 
_refine.pdbx_solvent_vdw_probe_radii             1.1100 
_refine.pdbx_solvent_ion_probe_radii             ? 
_refine.pdbx_solvent_shrinkage_radii             0.9000 
_refine.pdbx_real_space_R                        ? 
_refine.pdbx_density_correlation                 ? 
_refine.pdbx_pd_number_of_powder_patterns        ? 
_refine.pdbx_pd_number_of_points                 ? 
_refine.pdbx_pd_meas_number_of_points            ? 
_refine.pdbx_pd_proc_ls_prof_R_factor            ? 
_refine.pdbx_pd_proc_ls_prof_wR_factor           ? 
_refine.pdbx_pd_Marquardt_correlation_coeff      ? 
_refine.pdbx_pd_Fsqrd_R_factor                   ? 
_refine.pdbx_pd_ls_matrix_band_width             ? 
_refine.pdbx_overall_phase_error                 19.1900 
_refine.pdbx_overall_SU_R_free_Cruickshank_DPI   ? 
_refine.pdbx_overall_SU_R_free_Blow_DPI          ? 
_refine.pdbx_overall_SU_R_Blow_DPI               ? 
_refine.pdbx_TLS_residual_ADP_flag               ? 
_refine.pdbx_diffrn_id                           1 
_refine.overall_SU_B                             ? 
_refine.overall_SU_ML                            0.1400 
_refine.overall_SU_R_Cruickshank_DPI             ? 
_refine.overall_SU_R_free                        ? 
_refine.overall_FOM_free_R_set                   ? 
_refine.overall_FOM_work_R_set                   ? 
_refine.pdbx_average_fsc_overall                 ? 
_refine.pdbx_average_fsc_work                    ? 
_refine.pdbx_average_fsc_free                    ? 
# 
_refine_hist.pdbx_refine_id                   'X-RAY DIFFRACTION' 
_refine_hist.cycle_id                         final 
_refine_hist.details                          ? 
_refine_hist.d_res_high                       1.5100 
_refine_hist.d_res_low                        45.5400 
_refine_hist.number_atoms_solvent             235 
_refine_hist.number_atoms_total               1260 
_refine_hist.number_reflns_all                ? 
_refine_hist.number_reflns_obs                ? 
_refine_hist.number_reflns_R_free             ? 
_refine_hist.number_reflns_R_work             ? 
_refine_hist.R_factor_all                     ? 
_refine_hist.R_factor_obs                     ? 
_refine_hist.R_factor_R_free                  ? 
_refine_hist.R_factor_R_work                  ? 
_refine_hist.pdbx_number_residues_total       48 
_refine_hist.pdbx_B_iso_mean_ligand           44.32 
_refine_hist.pdbx_B_iso_mean_solvent          23.79 
_refine_hist.pdbx_number_atoms_protein        0 
_refine_hist.pdbx_number_atoms_nucleic_acid   1016 
_refine_hist.pdbx_number_atoms_ligand         9 
_refine_hist.pdbx_number_atoms_lipid          ? 
_refine_hist.pdbx_number_atoms_carb           ? 
_refine_hist.pdbx_pseudo_atom_details         ? 
# 
loop_
_refine_ls_shell.pdbx_refine_id 
_refine_ls_shell.d_res_high 
_refine_ls_shell.d_res_low 
_refine_ls_shell.number_reflns_all 
_refine_ls_shell.number_reflns_obs 
_refine_ls_shell.number_reflns_R_free 
_refine_ls_shell.number_reflns_R_work 
_refine_ls_shell.percent_reflns_obs 
_refine_ls_shell.percent_reflns_R_free 
_refine_ls_shell.R_factor_all 
_refine_ls_shell.R_factor_obs 
_refine_ls_shell.R_factor_R_free 
_refine_ls_shell.R_factor_R_free_error 
_refine_ls_shell.R_factor_R_work 
_refine_ls_shell.redundancy_reflns_all 
_refine_ls_shell.redundancy_reflns_obs 
_refine_ls_shell.wR_factor_all 
_refine_ls_shell.wR_factor_obs 
_refine_ls_shell.wR_factor_R_free 
_refine_ls_shell.wR_factor_R_work 
_refine_ls_shell.pdbx_R_complete 
_refine_ls_shell.pdbx_total_number_of_bins_used 
_refine_ls_shell.pdbx_phase_error 
_refine_ls_shell.pdbx_fsc_work 
_refine_ls_shell.pdbx_fsc_free 
'X-RAY DIFFRACTION' 1.5100 1.5500  1396 . 141 1255 90.0000 . . . 0.2749 0.0000 0.2261 . . . . . . . 13 . . . 
'X-RAY DIFFRACTION' 1.5500 1.5900  1336 . 127 1209 94.0000 . . . 0.2315 0.0000 0.1963 . . . . . . . 13 . . . 
'X-RAY DIFFRACTION' 1.5900 1.6400  1425 . 131 1294 93.0000 . . . 0.2013 0.0000 0.1658 . . . . . . . 13 . . . 
'X-RAY DIFFRACTION' 1.6400 1.7000  1384 . 149 1235 96.0000 . . . 0.1877 0.0000 0.1612 . . . . . . . 13 . . . 
'X-RAY DIFFRACTION' 1.7000 1.7700  1404 . 140 1264 93.0000 . . . 0.1904 0.0000 0.1441 . . . . . . . 13 . . . 
'X-RAY DIFFRACTION' 1.7700 1.8500  1439 . 139 1300 96.0000 . . . 0.1937 0.0000 0.1574 . . . . . . . 13 . . . 
'X-RAY DIFFRACTION' 1.8500 1.9500  1419 . 145 1274 95.0000 . . . 0.2145 0.0000 0.1627 . . . . . . . 13 . . . 
'X-RAY DIFFRACTION' 1.9500 2.0700  1406 . 139 1267 95.0000 . . . 0.2011 0.0000 0.1653 . . . . . . . 13 . . . 
'X-RAY DIFFRACTION' 2.0700 2.2300  1430 . 146 1284 96.0000 . . . 0.1876 0.0000 0.1682 . . . . . . . 13 . . . 
'X-RAY DIFFRACTION' 2.2300 2.4600  1419 . 137 1282 97.0000 . . . 0.1955 0.0000 0.1680 . . . . . . . 13 . . . 
'X-RAY DIFFRACTION' 2.4600 2.8100  1486 . 149 1337 98.0000 . . . 0.2309 0.0000 0.1680 . . . . . . . 13 . . . 
'X-RAY DIFFRACTION' 2.8100 3.5400  1435 . 145 1290 98.0000 . . . 0.1985 0.0000 0.1568 . . . . . . . 13 . . . 
'X-RAY DIFFRACTION' 3.5400 45.5400 1457 . 147 1310 98.0000 . . . 0.1610 0.0000 0.1283 . . . . . . . 13 . . . 
# 
_struct.entry_id                     7ECM 
_struct.title                        'RNA duplex containing C-A base pair' 
_struct.pdbx_model_details           ? 
_struct.pdbx_formula_weight          ? 
_struct.pdbx_formula_weight_method   ? 
_struct.pdbx_model_type_details      ? 
_struct.pdbx_CASP_flag               N 
# 
_struct_keywords.entry_id        7ECM 
_struct_keywords.text            'mismatch, Barium, RNA' 
_struct_keywords.pdbx_keywords   RNA 
# 
loop_
_struct_asym.id 
_struct_asym.pdbx_blank_PDB_chainid_flag 
_struct_asym.pdbx_modified 
_struct_asym.entity_id 
_struct_asym.details 
A N N 1 ? 
B N N 1 ? 
C N N 1 ? 
D N N 1 ? 
E N N 2 ? 
F N N 2 ? 
G N N 2 ? 
H N N 2 ? 
I N N 2 ? 
J N N 2 ? 
K N N 2 ? 
L N N 2 ? 
M N N 2 ? 
N N N 3 ? 
O N N 3 ? 
P N N 3 ? 
Q N N 3 ? 
# 
_struct_ref.id                         1 
_struct_ref.db_name                    PDB 
_struct_ref.db_code                    7ECM 
_struct_ref.pdbx_db_accession          7ECM 
_struct_ref.pdbx_db_isoform            ? 
_struct_ref.entity_id                  1 
_struct_ref.pdbx_seq_one_letter_code   ? 
_struct_ref.pdbx_align_begin           1 
# 
loop_
_struct_ref_seq.align_id 
_struct_ref_seq.ref_id 
_struct_ref_seq.pdbx_PDB_id_code 
_struct_ref_seq.pdbx_strand_id 
_struct_ref_seq.seq_align_beg 
_struct_ref_seq.pdbx_seq_align_beg_ins_code 
_struct_ref_seq.seq_align_end 
_struct_ref_seq.pdbx_seq_align_end_ins_code 
_struct_ref_seq.pdbx_db_accession 
_struct_ref_seq.db_align_beg 
_struct_ref_seq.pdbx_db_align_beg_ins_code 
_struct_ref_seq.db_align_end 
_struct_ref_seq.pdbx_db_align_end_ins_code 
_struct_ref_seq.pdbx_auth_seq_align_beg 
_struct_ref_seq.pdbx_auth_seq_align_end 
1 1 7ECM A 1 ? 12 ? 7ECM 1 ? 12 ? 1 12 
2 1 7ECM B 1 ? 12 ? 7ECM 1 ? 12 ? 1 12 
3 1 7ECM C 1 ? 12 ? 7ECM 1 ? 12 ? 1 12 
4 1 7ECM D 1 ? 12 ? 7ECM 1 ? 12 ? 1 12 
# 
loop_
_pdbx_struct_assembly.id 
_pdbx_struct_assembly.details 
_pdbx_struct_assembly.method_details 
_pdbx_struct_assembly.oligomeric_details 
_pdbx_struct_assembly.oligomeric_count 
1 author_and_software_defined_assembly PISA dimeric 2 
2 author_and_software_defined_assembly PISA dimeric 2 
# 
loop_
_pdbx_struct_assembly_prop.biol_id 
_pdbx_struct_assembly_prop.type 
_pdbx_struct_assembly_prop.value 
_pdbx_struct_assembly_prop.details 
1 'ABSA (A^2)' 2350 ? 
1 MORE         -48  ? 
1 'SSA (A^2)'  4160 ? 
2 'ABSA (A^2)' 2380 ? 
2 MORE         -51  ? 
2 'SSA (A^2)'  4300 ? 
# 
loop_
_pdbx_struct_assembly_gen.assembly_id 
_pdbx_struct_assembly_gen.oper_expression 
_pdbx_struct_assembly_gen.asym_id_list 
1 1 A,B,E,F,G,H,N,O   
2 1 C,D,I,J,K,L,M,P,Q 
# 
_pdbx_struct_assembly_auth_evidence.id                     1 
_pdbx_struct_assembly_auth_evidence.assembly_id            1 
_pdbx_struct_assembly_auth_evidence.experimental_support   none 
_pdbx_struct_assembly_auth_evidence.details                ? 
# 
_pdbx_struct_oper_list.id                   1 
_pdbx_struct_oper_list.type                 'identity operation' 
_pdbx_struct_oper_list.name                 1_555 
_pdbx_struct_oper_list.symmetry_operation   x,y,z 
_pdbx_struct_oper_list.matrix[1][1]         1.0000000000 
_pdbx_struct_oper_list.matrix[1][2]         0.0000000000 
_pdbx_struct_oper_list.matrix[1][3]         0.0000000000 
_pdbx_struct_oper_list.vector[1]            0.0000000000 
_pdbx_struct_oper_list.matrix[2][1]         0.0000000000 
_pdbx_struct_oper_list.matrix[2][2]         1.0000000000 
_pdbx_struct_oper_list.matrix[2][3]         0.0000000000 
_pdbx_struct_oper_list.vector[2]            0.0000000000 
_pdbx_struct_oper_list.matrix[3][1]         0.0000000000 
_pdbx_struct_oper_list.matrix[3][2]         0.0000000000 
_pdbx_struct_oper_list.matrix[3][3]         1.0000000000 
_pdbx_struct_oper_list.vector[3]            0.0000000000 
# 
loop_
_struct_conn.id 
_struct_conn.conn_type_id 
_struct_conn.pdbx_leaving_atom_flag 
_struct_conn.pdbx_PDB_id 
_struct_conn.ptnr1_label_asym_id 
_struct_conn.ptnr1_label_comp_id 
_struct_conn.ptnr1_label_seq_id 
_struct_conn.ptnr1_label_atom_id 
_struct_conn.pdbx_ptnr1_label_alt_id 
_struct_conn.pdbx_ptnr1_PDB_ins_code 
_struct_conn.pdbx_ptnr1_standard_comp_id 
_struct_conn.ptnr1_symmetry 
_struct_conn.ptnr2_label_asym_id 
_struct_conn.ptnr2_label_comp_id 
_struct_conn.ptnr2_label_seq_id 
_struct_conn.ptnr2_label_atom_id 
_struct_conn.pdbx_ptnr2_label_alt_id 
_struct_conn.pdbx_ptnr2_PDB_ins_code 
_struct_conn.ptnr1_auth_asym_id 
_struct_conn.ptnr1_auth_comp_id 
_struct_conn.ptnr1_auth_seq_id 
_struct_conn.ptnr2_auth_asym_id 
_struct_conn.ptnr2_auth_comp_id 
_struct_conn.ptnr2_auth_seq_id 
_struct_conn.ptnr2_symmetry 
_struct_conn.pdbx_ptnr3_label_atom_id 
_struct_conn.pdbx_ptnr3_label_seq_id 
_struct_conn.pdbx_ptnr3_label_comp_id 
_struct_conn.pdbx_ptnr3_label_asym_id 
_struct_conn.pdbx_ptnr3_label_alt_id 
_struct_conn.pdbx_ptnr3_PDB_ins_code 
_struct_conn.details 
_struct_conn.pdbx_dist_value 
_struct_conn.pdbx_value_order 
_struct_conn.pdbx_role 
metalc1  metalc ? ? A G   1  O6  ? ? ? 1_555 G BA  .  BA ? ? A G   1   A BA  103 1_555 ? ? ? ? ? ? ?             3.153 ? ? 
metalc2  metalc ? ? A G   2  OP2 ? ? ? 1_555 F BA  .  BA ? ? A G   2   A BA  102 1_555 ? ? ? ? ? ? ?             2.823 ? ? 
metalc3  metalc ? ? A G   8  O6  ? ? ? 1_555 E BA  .  BA ? ? A G   8   A BA  101 1_555 ? ? ? ? ? ? ?             2.939 ? ? 
metalc4  metalc ? ? E BA  .  BA  ? ? ? 1_555 N HOH .  O  ? ? A BA  101 A HOH 219 1_555 ? ? ? ? ? ? ?             2.851 ? ? 
metalc5  metalc ? ? E BA  .  BA  ? ? ? 1_555 N HOH .  O  ? ? A BA  101 A HOH 224 1_555 ? ? ? ? ? ? ?             2.826 ? ? 
metalc6  metalc ? ? E BA  .  BA  ? ? ? 1_555 N HOH .  O  ? ? A BA  101 A HOH 239 1_555 ? ? ? ? ? ? ?             2.957 ? ? 
metalc7  metalc ? ? E BA  .  BA  ? ? ? 1_555 N HOH .  O  ? ? A BA  101 A HOH 261 1_555 ? ? ? ? ? ? ?             2.730 ? ? 
metalc8  metalc ? ? E BA  .  BA  ? ? ? 1_555 O HOH .  O  ? ? A BA  101 B HOH 247 1_555 ? ? ? ? ? ? ?             2.647 ? ? 
metalc9  metalc ? ? F BA  .  BA  ? ? ? 1_555 N HOH .  O  ? ? A BA  102 A HOH 210 1_555 ? ? ? ? ? ? ?             2.877 ? ? 
metalc10 metalc ? ? F BA  .  BA  ? ? ? 1_555 N HOH .  O  ? ? A BA  102 A HOH 212 1_555 ? ? ? ? ? ? ?             2.813 ? ? 
metalc11 metalc ? ? F BA  .  BA  ? ? ? 1_555 N HOH .  O  ? ? A BA  102 A HOH 215 1_555 ? ? ? ? ? ? ?             2.777 ? ? 
metalc12 metalc ? ? F BA  .  BA  ? ? ? 1_555 N HOH .  O  ? ? A BA  102 A HOH 234 1_555 ? ? ? ? ? ? ?             2.690 ? ? 
metalc13 metalc ? ? G BA  .  BA  ? ? ? 1_555 N HOH .  O  ? ? A BA  103 A HOH 232 1_555 ? ? ? ? ? ? ?             2.550 ? ? 
metalc14 metalc ? ? G BA  .  BA  ? ? ? 1_555 N HOH .  O  ? ? A BA  103 A HOH 252 1_555 ? ? ? ? ? ? ?             2.943 ? ? 
metalc15 metalc ? ? G BA  .  BA  ? ? ? 1_555 N HOH .  O  ? ? A BA  103 A HOH 254 1_555 ? ? ? ? ? ? ?             3.333 ? ? 
metalc16 metalc ? ? G BA  .  BA  ? ? ? 1_555 O HOH .  O  ? ? A BA  103 B HOH 241 1_555 ? ? ? ? ? ? ?             3.199 ? ? 
metalc17 metalc ? ? G BA  .  BA  ? ? ? 1_555 O HOH .  O  ? ? A BA  103 B HOH 258 1_555 ? ? ? ? ? ? ?             2.672 ? ? 
metalc18 metalc ? ? N HOH .  O   ? ? ? 1_556 L BA  .  BA ? ? A HOH 221 D BA  102 1_555 ? ? ? ? ? ? ?             2.876 ? ? 
metalc19 metalc ? ? N HOH .  O   ? ? ? 1_556 L BA  .  BA ? ? A HOH 253 D BA  102 1_555 ? ? ? ? ? ? ?             2.585 ? ? 
metalc20 metalc ? ? B G   7  O6  ? ? ? 1_555 H BA  .  BA ? ? B G   7   B BA  101 1_555 ? ? ? ? ? ? ?             2.952 ? ? 
metalc21 metalc ? ? B G   8  O6  ? ? ? 1_555 H BA  .  BA ? ? B G   8   B BA  101 1_555 ? ? ? ? ? ? ?             2.623 ? ? 
metalc22 metalc ? ? H BA  .  BA  ? ? ? 1_555 O HOH .  O  ? ? B BA  101 B HOH 224 1_555 ? ? ? ? ? ? ?             2.930 ? ? 
metalc23 metalc ? ? H BA  .  BA  ? ? ? 1_555 O HOH .  O  ? ? B BA  101 B HOH 225 1_555 ? ? ? ? ? ? ?             2.749 ? ? 
metalc24 metalc ? ? H BA  .  BA  ? ? ? 1_555 O HOH .  O  ? ? B BA  101 B HOH 259 1_555 ? ? ? ? ? ? ?             2.579 ? ? 
metalc25 metalc ? ? O HOH .  O   ? ? ? 1_556 L BA  .  BA ? ? B HOH 209 D BA  102 1_555 ? ? ? ? ? ? ?             2.798 ? ? 
metalc26 metalc ? ? O HOH .  O   ? ? ? 1_556 L BA  .  BA ? ? B HOH 230 D BA  102 1_555 ? ? ? ? ? ? ?             2.887 ? ? 
metalc27 metalc ? ? C G   2  O6  ? ? ? 1_555 J BA  .  BA ? ? C G   2   C BA  102 1_555 ? ? ? ? ? ? ?             2.926 ? ? 
metalc28 metalc ? ? C G   8  O6  ? ? ? 1_555 I BA  .  BA ? ? C G   8   C BA  101 1_555 ? ? ? ? ? ? ?             3.155 ? ? 
metalc29 metalc ? ? I BA  .  BA  ? ? ? 1_555 P HOH .  O  ? ? C BA  101 C HOH 215 1_555 ? ? ? ? ? ? ?             3.494 ? ? 
metalc30 metalc ? ? I BA  .  BA  ? ? ? 1_555 P HOH .  O  ? ? C BA  101 C HOH 229 1_555 ? ? ? ? ? ? ?             2.853 ? ? 
metalc31 metalc ? ? I BA  .  BA  ? ? ? 1_555 P HOH .  O  ? ? C BA  101 C HOH 237 1_555 ? ? ? ? ? ? ?             2.840 ? ? 
metalc32 metalc ? ? I BA  .  BA  ? ? ? 1_555 P HOH .  O  ? ? C BA  101 C HOH 247 1_555 ? ? ? ? ? ? ?             2.748 ? ? 
metalc33 metalc ? ? I BA  .  BA  ? ? ? 1_555 P HOH .  O  ? ? C BA  101 C HOH 252 1_555 ? ? ? ? ? ? ?             3.296 ? ? 
metalc34 metalc ? ? I BA  .  BA  ? ? ? 1_555 Q HOH .  O  ? ? C BA  101 D HOH 257 1_555 ? ? ? ? ? ? ?             2.892 ? ? 
metalc35 metalc ? ? I BA  .  BA  ? ? ? 1_555 Q HOH .  O  ? ? C BA  101 D HOH 262 1_555 ? ? ? ? ? ? ?             3.459 ? ? 
metalc36 metalc ? ? J BA  .  BA  ? ? ? 1_555 P HOH .  O  ? ? C BA  102 C HOH 201 1_555 ? ? ? ? ? ? ?             2.777 ? ? 
metalc37 metalc ? ? J BA  .  BA  ? ? ? 1_555 P HOH .  O  ? ? C BA  102 C HOH 227 1_555 ? ? ? ? ? ? ?             2.698 ? ? 
metalc38 metalc ? ? J BA  .  BA  ? ? ? 1_555 P HOH .  O  ? ? C BA  102 C HOH 234 1_555 ? ? ? ? ? ? ?             3.240 ? ? 
metalc39 metalc ? ? P HOH .  O   ? ? ? 1_555 K BA  .  BA ? ? C HOH 210 D BA  101 1_555 ? ? ? ? ? ? ?             2.819 ? ? 
metalc40 metalc ? ? P HOH .  O   ? ? ? 1_555 K BA  .  BA ? ? C HOH 230 D BA  101 1_555 ? ? ? ? ? ? ?             2.798 ? ? 
metalc41 metalc ? ? P HOH .  O   ? ? ? 1_555 K BA  .  BA ? ? C HOH 249 D BA  101 1_555 ? ? ? ? ? ? ?             2.788 ? ? 
metalc42 metalc ? ? D G   1  O6  ? ? ? 1_555 M BA  .  BA ? ? D G   1   D BA  103 1_555 ? ? ? ? ? ? ?             3.136 ? ? 
metalc43 metalc ? ? D G   8  O6  ? ? ? 1_555 K BA  .  BA ? ? D G   8   D BA  101 1_555 ? ? ? ? ? ? ?             2.854 ? ? 
metalc44 metalc ? ? K BA  .  BA  ? ? ? 1_555 Q HOH .  O  ? ? D BA  101 D HOH 217 1_555 ? ? ? ? ? ? ?             2.815 ? ? 
metalc45 metalc ? ? K BA  .  BA  ? ? ? 1_555 Q HOH .  O  ? ? D BA  101 D HOH 232 1_555 ? ? ? ? ? ? ?             2.647 ? ? 
metalc46 metalc ? ? K BA  .  BA  ? ? ? 1_555 Q HOH .  O  ? ? D BA  101 D HOH 234 1_555 ? ? ? ? ? ? ?             2.851 ? ? 
metalc47 metalc ? ? K BA  .  BA  ? ? ? 1_555 Q HOH .  O  ? ? D BA  101 D HOH 241 1_555 ? ? ? ? ? ? ?             2.754 ? ? 
metalc48 metalc ? ? L BA  .  BA  ? ? ? 1_555 Q HOH .  O  ? ? D BA  102 D HOH 213 1_555 ? ? ? ? ? ? ?             2.978 ? ? 
metalc49 metalc ? ? L BA  .  BA  ? ? ? 1_555 Q HOH .  O  ? ? D BA  102 D HOH 226 1_555 ? ? ? ? ? ? ?             2.897 ? ? 
metalc50 metalc ? ? L BA  .  BA  ? ? ? 1_555 Q HOH .  O  ? ? D BA  102 D HOH 252 1_555 ? ? ? ? ? ? ?             2.854 ? ? 
metalc51 metalc ? ? L BA  .  BA  ? ? ? 1_555 Q HOH .  O  ? ? D BA  102 D HOH 253 1_555 ? ? ? ? ? ? ?             2.767 ? ? 
metalc52 metalc ? ? M BA  .  BA  ? ? ? 1_555 Q HOH .  O  ? ? D BA  103 D HOH 214 1_555 ? ? ? ? ? ? ?             3.349 ? ? 
metalc53 metalc ? ? M BA  .  BA  ? ? ? 1_555 Q HOH .  O  ? ? D BA  103 D HOH 261 1_555 ? ? ? ? ? ? ?             2.826 ? ? 
hydrog1  hydrog ? ? A G   1  N1  ? ? ? 1_555 B C   12 N3 ? ? A G   1   B C   12  1_555 ? ? ? ? ? ? WATSON-CRICK  ?     ? ? 
hydrog2  hydrog ? ? A G   1  N2  ? ? ? 1_555 B C   12 O2 ? ? A G   1   B C   12  1_555 ? ? ? ? ? ? WATSON-CRICK  ?     ? ? 
hydrog3  hydrog ? ? A G   1  O6  ? ? ? 1_555 B C   12 N4 ? ? A G   1   B C   12  1_555 ? ? ? ? ? ? WATSON-CRICK  ?     ? ? 
hydrog4  hydrog ? ? A G   2  N1  ? ? ? 1_555 B C   11 N3 ? ? A G   2   B C   11  1_555 ? ? ? ? ? ? WATSON-CRICK  ?     ? ? 
hydrog5  hydrog ? ? A G   2  N2  ? ? ? 1_555 B C   11 O2 ? ? A G   2   B C   11  1_555 ? ? ? ? ? ? WATSON-CRICK  ?     ? ? 
hydrog6  hydrog ? ? A G   2  O6  ? ? ? 1_555 B C   11 N4 ? ? A G   2   B C   11  1_555 ? ? ? ? ? ? WATSON-CRICK  ?     ? ? 
hydrog7  hydrog ? ? A G   3  N1  ? ? ? 1_555 B C   10 N3 ? ? A G   3   B C   10  1_555 ? ? ? ? ? ? WATSON-CRICK  ?     ? ? 
hydrog8  hydrog ? ? A G   3  N2  ? ? ? 1_555 B C   10 O2 ? ? A G   3   B C   10  1_555 ? ? ? ? ? ? WATSON-CRICK  ?     ? ? 
hydrog9  hydrog ? ? A G   3  O6  ? ? ? 1_555 B C   10 N4 ? ? A G   3   B C   10  1_555 ? ? ? ? ? ? WATSON-CRICK  ?     ? ? 
hydrog10 hydrog ? ? A C   4  N3  ? ? ? 1_555 B A   9  N6 ? ? A C   4   B A   9   1_555 ? ? ? ? ? ? 'C-A MISPAIR' ?     ? ? 
hydrog11 hydrog ? ? A C   5  N3  ? ? ? 1_555 B G   8  N1 ? ? A C   5   B G   8   1_555 ? ? ? ? ? ? WATSON-CRICK  ?     ? ? 
hydrog12 hydrog ? ? A C   5  N4  ? ? ? 1_555 B G   8  O6 ? ? A C   5   B G   8   1_555 ? ? ? ? ? ? WATSON-CRICK  ?     ? ? 
hydrog13 hydrog ? ? A C   5  O2  ? ? ? 1_555 B G   8  N2 ? ? A C   5   B G   8   1_555 ? ? ? ? ? ? WATSON-CRICK  ?     ? ? 
hydrog14 hydrog ? ? A C   6  N3  ? ? ? 1_555 B G   7  N1 ? ? A C   6   B G   7   1_555 ? ? ? ? ? ? WATSON-CRICK  ?     ? ? 
hydrog15 hydrog ? ? A C   6  N4  ? ? ? 1_555 B G   7  O6 ? ? A C   6   B G   7   1_555 ? ? ? ? ? ? WATSON-CRICK  ?     ? ? 
hydrog16 hydrog ? ? A C   6  O2  ? ? ? 1_555 B G   7  N2 ? ? A C   6   B G   7   1_555 ? ? ? ? ? ? WATSON-CRICK  ?     ? ? 
hydrog17 hydrog ? ? A G   7  N1  ? ? ? 1_555 B C   6  N3 ? ? A G   7   B C   6   1_555 ? ? ? ? ? ? WATSON-CRICK  ?     ? ? 
hydrog18 hydrog ? ? A G   7  N2  ? ? ? 1_555 B C   6  O2 ? ? A G   7   B C   6   1_555 ? ? ? ? ? ? WATSON-CRICK  ?     ? ? 
hydrog19 hydrog ? ? A G   7  O6  ? ? ? 1_555 B C   6  N4 ? ? A G   7   B C   6   1_555 ? ? ? ? ? ? WATSON-CRICK  ?     ? ? 
hydrog20 hydrog ? ? A G   8  N1  ? ? ? 1_555 B C   5  N3 ? ? A G   8   B C   5   1_555 ? ? ? ? ? ? WATSON-CRICK  ?     ? ? 
hydrog21 hydrog ? ? A G   8  N2  ? ? ? 1_555 B C   5  O2 ? ? A G   8   B C   5   1_555 ? ? ? ? ? ? WATSON-CRICK  ?     ? ? 
hydrog22 hydrog ? ? A G   8  O6  ? ? ? 1_555 B C   5  N4 ? ? A G   8   B C   5   1_555 ? ? ? ? ? ? WATSON-CRICK  ?     ? ? 
hydrog23 hydrog ? ? A A   9  N6  ? ? ? 1_555 B C   4  N3 ? ? A A   9   B C   4   1_555 ? ? ? ? ? ? 'A-C MISPAIR' ?     ? ? 
hydrog24 hydrog ? ? A C   10 N3  ? ? ? 1_555 B G   3  N1 ? ? A C   10  B G   3   1_555 ? ? ? ? ? ? WATSON-CRICK  ?     ? ? 
hydrog25 hydrog ? ? A C   10 N4  ? ? ? 1_555 B G   3  O6 ? ? A C   10  B G   3   1_555 ? ? ? ? ? ? WATSON-CRICK  ?     ? ? 
hydrog26 hydrog ? ? A C   10 O2  ? ? ? 1_555 B G   3  N2 ? ? A C   10  B G   3   1_555 ? ? ? ? ? ? WATSON-CRICK  ?     ? ? 
hydrog27 hydrog ? ? A C   11 N3  ? ? ? 1_555 B G   2  N1 ? ? A C   11  B G   2   1_555 ? ? ? ? ? ? WATSON-CRICK  ?     ? ? 
hydrog28 hydrog ? ? A C   11 N4  ? ? ? 1_555 B G   2  O6 ? ? A C   11  B G   2   1_555 ? ? ? ? ? ? WATSON-CRICK  ?     ? ? 
hydrog29 hydrog ? ? A C   11 O2  ? ? ? 1_555 B G   2  N2 ? ? A C   11  B G   2   1_555 ? ? ? ? ? ? WATSON-CRICK  ?     ? ? 
hydrog30 hydrog ? ? A C   12 N3  ? ? ? 1_555 B G   1  N1 ? ? A C   12  B G   1   1_555 ? ? ? ? ? ? WATSON-CRICK  ?     ? ? 
hydrog31 hydrog ? ? A C   12 N4  ? ? ? 1_555 B G   1  O6 ? ? A C   12  B G   1   1_555 ? ? ? ? ? ? WATSON-CRICK  ?     ? ? 
hydrog32 hydrog ? ? A C   12 O2  ? ? ? 1_555 B G   1  N2 ? ? A C   12  B G   1   1_555 ? ? ? ? ? ? WATSON-CRICK  ?     ? ? 
hydrog33 hydrog ? ? C G   1  N1  ? ? ? 1_555 D C   12 N3 ? ? C G   1   D C   12  1_555 ? ? ? ? ? ? WATSON-CRICK  ?     ? ? 
hydrog34 hydrog ? ? C G   1  N2  ? ? ? 1_555 D C   12 O2 ? ? C G   1   D C   12  1_555 ? ? ? ? ? ? WATSON-CRICK  ?     ? ? 
hydrog35 hydrog ? ? C G   1  O6  ? ? ? 1_555 D C   12 N4 ? ? C G   1   D C   12  1_555 ? ? ? ? ? ? WATSON-CRICK  ?     ? ? 
hydrog36 hydrog ? ? C G   2  N1  ? ? ? 1_555 D C   11 N3 ? ? C G   2   D C   11  1_555 ? ? ? ? ? ? WATSON-CRICK  ?     ? ? 
hydrog37 hydrog ? ? C G   2  N2  ? ? ? 1_555 D C   11 O2 ? ? C G   2   D C   11  1_555 ? ? ? ? ? ? WATSON-CRICK  ?     ? ? 
hydrog38 hydrog ? ? C G   2  O6  ? ? ? 1_555 D C   11 N4 ? ? C G   2   D C   11  1_555 ? ? ? ? ? ? WATSON-CRICK  ?     ? ? 
hydrog39 hydrog ? ? C G   3  N1  ? ? ? 1_555 D C   10 N3 ? ? C G   3   D C   10  1_555 ? ? ? ? ? ? WATSON-CRICK  ?     ? ? 
hydrog40 hydrog ? ? C G   3  N2  ? ? ? 1_555 D C   10 O2 ? ? C G   3   D C   10  1_555 ? ? ? ? ? ? WATSON-CRICK  ?     ? ? 
hydrog41 hydrog ? ? C G   3  O6  ? ? ? 1_555 D C   10 N4 ? ? C G   3   D C   10  1_555 ? ? ? ? ? ? WATSON-CRICK  ?     ? ? 
hydrog42 hydrog ? ? C C   4  O2  ? ? ? 1_555 D A   9  N6 ? ? C C   4   D A   9   1_555 ? ? ? ? ? ? 'C-A MISPAIR' ?     ? ? 
hydrog43 hydrog ? ? C C   5  N3  ? ? ? 1_555 D G   8  N1 ? ? C C   5   D G   8   1_555 ? ? ? ? ? ? WATSON-CRICK  ?     ? ? 
hydrog44 hydrog ? ? C C   5  N4  ? ? ? 1_555 D G   8  O6 ? ? C C   5   D G   8   1_555 ? ? ? ? ? ? WATSON-CRICK  ?     ? ? 
hydrog45 hydrog ? ? C C   5  O2  ? ? ? 1_555 D G   8  N2 ? ? C C   5   D G   8   1_555 ? ? ? ? ? ? WATSON-CRICK  ?     ? ? 
hydrog46 hydrog ? ? C C   6  N3  ? ? ? 1_555 D G   7  N1 ? ? C C   6   D G   7   1_555 ? ? ? ? ? ? WATSON-CRICK  ?     ? ? 
hydrog47 hydrog ? ? C C   6  N4  ? ? ? 1_555 D G   7  O6 ? ? C C   6   D G   7   1_555 ? ? ? ? ? ? WATSON-CRICK  ?     ? ? 
hydrog48 hydrog ? ? C C   6  O2  ? ? ? 1_555 D G   7  N2 ? ? C C   6   D G   7   1_555 ? ? ? ? ? ? WATSON-CRICK  ?     ? ? 
hydrog49 hydrog ? ? C G   7  N1  ? ? ? 1_555 D C   6  N3 ? ? C G   7   D C   6   1_555 ? ? ? ? ? ? WATSON-CRICK  ?     ? ? 
hydrog50 hydrog ? ? C G   7  N2  ? ? ? 1_555 D C   6  O2 ? ? C G   7   D C   6   1_555 ? ? ? ? ? ? WATSON-CRICK  ?     ? ? 
hydrog51 hydrog ? ? C G   7  O6  ? ? ? 1_555 D C   6  N4 ? ? C G   7   D C   6   1_555 ? ? ? ? ? ? WATSON-CRICK  ?     ? ? 
hydrog52 hydrog ? ? C G   8  N1  ? ? ? 1_555 D C   5  N3 ? ? C G   8   D C   5   1_555 ? ? ? ? ? ? WATSON-CRICK  ?     ? ? 
hydrog53 hydrog ? ? C G   8  N2  ? ? ? 1_555 D C   5  O2 ? ? C G   8   D C   5   1_555 ? ? ? ? ? ? WATSON-CRICK  ?     ? ? 
hydrog54 hydrog ? ? C G   8  O6  ? ? ? 1_555 D C   5  N4 ? ? C G   8   D C   5   1_555 ? ? ? ? ? ? WATSON-CRICK  ?     ? ? 
hydrog55 hydrog ? ? C A   9  N6  ? ? ? 1_555 D C   4  N3 ? ? C A   9   D C   4   1_555 ? ? ? ? ? ? 'A-C MISPAIR' ?     ? ? 
hydrog56 hydrog ? ? C C   10 N3  ? ? ? 1_555 D G   3  N1 ? ? C C   10  D G   3   1_555 ? ? ? ? ? ? WATSON-CRICK  ?     ? ? 
hydrog57 hydrog ? ? C C   10 N4  ? ? ? 1_555 D G   3  O6 ? ? C C   10  D G   3   1_555 ? ? ? ? ? ? WATSON-CRICK  ?     ? ? 
hydrog58 hydrog ? ? C C   10 O2  ? ? ? 1_555 D G   3  N2 ? ? C C   10  D G   3   1_555 ? ? ? ? ? ? WATSON-CRICK  ?     ? ? 
hydrog59 hydrog ? ? C C   11 N3  ? ? ? 1_555 D G   2  N1 ? ? C C   11  D G   2   1_555 ? ? ? ? ? ? WATSON-CRICK  ?     ? ? 
hydrog60 hydrog ? ? C C   11 N4  ? ? ? 1_555 D G   2  O6 ? ? C C   11  D G   2   1_555 ? ? ? ? ? ? WATSON-CRICK  ?     ? ? 
hydrog61 hydrog ? ? C C   11 O2  ? ? ? 1_555 D G   2  N2 ? ? C C   11  D G   2   1_555 ? ? ? ? ? ? WATSON-CRICK  ?     ? ? 
hydrog62 hydrog ? ? C C   12 N3  ? ? ? 1_555 D G   1  N1 ? ? C C   12  D G   1   1_555 ? ? ? ? ? ? WATSON-CRICK  ?     ? ? 
hydrog63 hydrog ? ? C C   12 N4  ? ? ? 1_555 D G   1  O6 ? ? C C   12  D G   1   1_555 ? ? ? ? ? ? WATSON-CRICK  ?     ? ? 
hydrog64 hydrog ? ? C C   12 O2  ? ? ? 1_555 D G   1  N2 ? ? C C   12  D G   1   1_555 ? ? ? ? ? ? WATSON-CRICK  ?     ? ? 
# 
loop_
_struct_conn_type.id 
_struct_conn_type.criteria 
_struct_conn_type.reference 
metalc ? ? 
hydrog ? ? 
# 
loop_
_pdbx_struct_conn_angle.id 
_pdbx_struct_conn_angle.ptnr1_label_atom_id 
_pdbx_struct_conn_angle.ptnr1_label_alt_id 
_pdbx_struct_conn_angle.ptnr1_label_asym_id 
_pdbx_struct_conn_angle.ptnr1_label_comp_id 
_pdbx_struct_conn_angle.ptnr1_label_seq_id 
_pdbx_struct_conn_angle.ptnr1_auth_atom_id 
_pdbx_struct_conn_angle.ptnr1_auth_asym_id 
_pdbx_struct_conn_angle.ptnr1_auth_comp_id 
_pdbx_struct_conn_angle.ptnr1_auth_seq_id 
_pdbx_struct_conn_angle.ptnr1_PDB_ins_code 
_pdbx_struct_conn_angle.ptnr1_symmetry 
_pdbx_struct_conn_angle.ptnr2_label_atom_id 
_pdbx_struct_conn_angle.ptnr2_label_alt_id 
_pdbx_struct_conn_angle.ptnr2_label_asym_id 
_pdbx_struct_conn_angle.ptnr2_label_comp_id 
_pdbx_struct_conn_angle.ptnr2_label_seq_id 
_pdbx_struct_conn_angle.ptnr2_auth_atom_id 
_pdbx_struct_conn_angle.ptnr2_auth_asym_id 
_pdbx_struct_conn_angle.ptnr2_auth_comp_id 
_pdbx_struct_conn_angle.ptnr2_auth_seq_id 
_pdbx_struct_conn_angle.ptnr2_PDB_ins_code 
_pdbx_struct_conn_angle.ptnr2_symmetry 
_pdbx_struct_conn_angle.ptnr3_label_atom_id 
_pdbx_struct_conn_angle.ptnr3_label_alt_id 
_pdbx_struct_conn_angle.ptnr3_label_asym_id 
_pdbx_struct_conn_angle.ptnr3_label_comp_id 
_pdbx_struct_conn_angle.ptnr3_label_seq_id 
_pdbx_struct_conn_angle.ptnr3_auth_atom_id 
_pdbx_struct_conn_angle.ptnr3_auth_asym_id 
_pdbx_struct_conn_angle.ptnr3_auth_comp_id 
_pdbx_struct_conn_angle.ptnr3_auth_seq_id 
_pdbx_struct_conn_angle.ptnr3_PDB_ins_code 
_pdbx_struct_conn_angle.ptnr3_symmetry 
_pdbx_struct_conn_angle.value 
_pdbx_struct_conn_angle.value_esd 
1   O6  ? A G   1 ? A G   1   ? 1_555 BA ? G BA . ? A BA 103 ? 1_555 O  ? N HOH . ? A HOH 232 ? 1_555 67.1  ? 
2   O6  ? A G   1 ? A G   1   ? 1_555 BA ? G BA . ? A BA 103 ? 1_555 O  ? N HOH . ? A HOH 252 ? 1_555 69.4  ? 
3   O   ? N HOH . ? A HOH 232 ? 1_555 BA ? G BA . ? A BA 103 ? 1_555 O  ? N HOH . ? A HOH 252 ? 1_555 115.5 ? 
4   O6  ? A G   1 ? A G   1   ? 1_555 BA ? G BA . ? A BA 103 ? 1_555 O  ? N HOH . ? A HOH 254 ? 1_555 101.3 ? 
5   O   ? N HOH . ? A HOH 232 ? 1_555 BA ? G BA . ? A BA 103 ? 1_555 O  ? N HOH . ? A HOH 254 ? 1_555 57.6  ? 
6   O   ? N HOH . ? A HOH 252 ? 1_555 BA ? G BA . ? A BA 103 ? 1_555 O  ? N HOH . ? A HOH 254 ? 1_555 170.6 ? 
7   O6  ? A G   1 ? A G   1   ? 1_555 BA ? G BA . ? A BA 103 ? 1_555 O  ? O HOH . ? B HOH 241 ? 1_555 111.4 ? 
8   O   ? N HOH . ? A HOH 232 ? 1_555 BA ? G BA . ? A BA 103 ? 1_555 O  ? O HOH . ? B HOH 241 ? 1_555 80.3  ? 
9   O   ? N HOH . ? A HOH 252 ? 1_555 BA ? G BA . ? A BA 103 ? 1_555 O  ? O HOH . ? B HOH 241 ? 1_555 74.0  ? 
10  O   ? N HOH . ? A HOH 254 ? 1_555 BA ? G BA . ? A BA 103 ? 1_555 O  ? O HOH . ? B HOH 241 ? 1_555 109.2 ? 
11  O6  ? A G   1 ? A G   1   ? 1_555 BA ? G BA . ? A BA 103 ? 1_555 O  ? O HOH . ? B HOH 258 ? 1_555 134.8 ? 
12  O   ? N HOH . ? A HOH 232 ? 1_555 BA ? G BA . ? A BA 103 ? 1_555 O  ? O HOH . ? B HOH 258 ? 1_555 67.8  ? 
13  O   ? N HOH . ? A HOH 252 ? 1_555 BA ? G BA . ? A BA 103 ? 1_555 O  ? O HOH . ? B HOH 258 ? 1_555 132.7 ? 
14  O   ? N HOH . ? A HOH 254 ? 1_555 BA ? G BA . ? A BA 103 ? 1_555 O  ? O HOH . ? B HOH 258 ? 1_555 52.9  ? 
15  O   ? O HOH . ? B HOH 241 ? 1_555 BA ? G BA . ? A BA 103 ? 1_555 O  ? O HOH . ? B HOH 258 ? 1_555 59.7  ? 
16  OP2 ? A G   2 ? A G   2   ? 1_555 BA ? F BA . ? A BA 102 ? 1_555 O  ? N HOH . ? A HOH 210 ? 1_555 123.3 ? 
17  OP2 ? A G   2 ? A G   2   ? 1_555 BA ? F BA . ? A BA 102 ? 1_555 O  ? N HOH . ? A HOH 212 ? 1_555 59.8  ? 
18  O   ? N HOH . ? A HOH 210 ? 1_555 BA ? F BA . ? A BA 102 ? 1_555 O  ? N HOH . ? A HOH 212 ? 1_555 137.8 ? 
19  OP2 ? A G   2 ? A G   2   ? 1_555 BA ? F BA . ? A BA 102 ? 1_555 O  ? N HOH . ? A HOH 215 ? 1_555 72.8  ? 
20  O   ? N HOH . ? A HOH 210 ? 1_555 BA ? F BA . ? A BA 102 ? 1_555 O  ? N HOH . ? A HOH 215 ? 1_555 64.5  ? 
21  O   ? N HOH . ? A HOH 212 ? 1_555 BA ? F BA . ? A BA 102 ? 1_555 O  ? N HOH . ? A HOH 215 ? 1_555 79.8  ? 
22  OP2 ? A G   2 ? A G   2   ? 1_555 BA ? F BA . ? A BA 102 ? 1_555 O  ? N HOH . ? A HOH 234 ? 1_555 79.1  ? 
23  O   ? N HOH . ? A HOH 210 ? 1_555 BA ? F BA . ? A BA 102 ? 1_555 O  ? N HOH . ? A HOH 234 ? 1_555 65.8  ? 
24  O   ? N HOH . ? A HOH 212 ? 1_555 BA ? F BA . ? A BA 102 ? 1_555 O  ? N HOH . ? A HOH 234 ? 1_555 138.9 ? 
25  O   ? N HOH . ? A HOH 215 ? 1_555 BA ? F BA . ? A BA 102 ? 1_555 O  ? N HOH . ? A HOH 234 ? 1_555 89.7  ? 
26  O6  ? A G   8 ? A G   8   ? 1_555 BA ? E BA . ? A BA 101 ? 1_555 O  ? N HOH . ? A HOH 219 ? 1_555 59.6  ? 
27  O6  ? A G   8 ? A G   8   ? 1_555 BA ? E BA . ? A BA 101 ? 1_555 O  ? N HOH . ? A HOH 224 ? 1_555 114.3 ? 
28  O   ? N HOH . ? A HOH 219 ? 1_555 BA ? E BA . ? A BA 101 ? 1_555 O  ? N HOH . ? A HOH 224 ? 1_555 65.4  ? 
29  O6  ? A G   8 ? A G   8   ? 1_555 BA ? E BA . ? A BA 101 ? 1_555 O  ? N HOH . ? A HOH 239 ? 1_555 62.2  ? 
30  O   ? N HOH . ? A HOH 219 ? 1_555 BA ? E BA . ? A BA 101 ? 1_555 O  ? N HOH . ? A HOH 239 ? 1_555 115.4 ? 
31  O   ? N HOH . ? A HOH 224 ? 1_555 BA ? E BA . ? A BA 101 ? 1_555 O  ? N HOH . ? A HOH 239 ? 1_555 172.1 ? 
32  O6  ? A G   8 ? A G   8   ? 1_555 BA ? E BA . ? A BA 101 ? 1_555 O  ? N HOH . ? A HOH 261 ? 1_555 123.1 ? 
33  O   ? N HOH . ? A HOH 219 ? 1_555 BA ? E BA . ? A BA 101 ? 1_555 O  ? N HOH . ? A HOH 261 ? 1_555 126.7 ? 
34  O   ? N HOH . ? A HOH 224 ? 1_555 BA ? E BA . ? A BA 101 ? 1_555 O  ? N HOH . ? A HOH 261 ? 1_555 117.4 ? 
35  O   ? N HOH . ? A HOH 239 ? 1_555 BA ? E BA . ? A BA 101 ? 1_555 O  ? N HOH . ? A HOH 261 ? 1_555 68.9  ? 
36  O6  ? A G   8 ? A G   8   ? 1_555 BA ? E BA . ? A BA 101 ? 1_555 O  ? O HOH . ? B HOH 247 ? 1_555 64.8  ? 
37  O   ? N HOH . ? A HOH 219 ? 1_555 BA ? E BA . ? A BA 101 ? 1_555 O  ? O HOH . ? B HOH 247 ? 1_555 71.5  ? 
38  O   ? N HOH . ? A HOH 224 ? 1_555 BA ? E BA . ? A BA 101 ? 1_555 O  ? O HOH . ? B HOH 247 ? 1_555 125.9 ? 
39  O   ? N HOH . ? A HOH 239 ? 1_555 BA ? E BA . ? A BA 101 ? 1_555 O  ? O HOH . ? B HOH 247 ? 1_555 60.1  ? 
40  O   ? N HOH . ? A HOH 261 ? 1_555 BA ? E BA . ? A BA 101 ? 1_555 O  ? O HOH . ? B HOH 247 ? 1_555 66.7  ? 
41  O   ? N HOH . ? A HOH 221 ? 1_556 BA ? L BA . ? D BA 102 ? 1_555 O  ? N HOH . ? A HOH 253 ? 1_556 81.9  ? 
42  O   ? N HOH . ? A HOH 221 ? 1_556 BA ? L BA . ? D BA 102 ? 1_555 O  ? O HOH . ? B HOH 209 ? 1_556 87.4  ? 
43  O   ? N HOH . ? A HOH 253 ? 1_556 BA ? L BA . ? D BA 102 ? 1_555 O  ? O HOH . ? B HOH 209 ? 1_556 129.0 ? 
44  O   ? N HOH . ? A HOH 221 ? 1_556 BA ? L BA . ? D BA 102 ? 1_555 O  ? O HOH . ? B HOH 230 ? 1_556 70.5  ? 
45  O   ? N HOH . ? A HOH 253 ? 1_556 BA ? L BA . ? D BA 102 ? 1_555 O  ? O HOH . ? B HOH 230 ? 1_556 65.3  ? 
46  O   ? O HOH . ? B HOH 209 ? 1_556 BA ? L BA . ? D BA 102 ? 1_555 O  ? O HOH . ? B HOH 230 ? 1_556 64.2  ? 
47  O   ? N HOH . ? A HOH 221 ? 1_556 BA ? L BA . ? D BA 102 ? 1_555 O  ? Q HOH . ? D HOH 213 ? 1_555 144.2 ? 
48  O   ? N HOH . ? A HOH 253 ? 1_556 BA ? L BA . ? D BA 102 ? 1_555 O  ? Q HOH . ? D HOH 213 ? 1_555 83.4  ? 
49  O   ? O HOH . ? B HOH 209 ? 1_556 BA ? L BA . ? D BA 102 ? 1_555 O  ? Q HOH . ? D HOH 213 ? 1_555 77.0  ? 
50  O   ? O HOH . ? B HOH 230 ? 1_556 BA ? L BA . ? D BA 102 ? 1_555 O  ? Q HOH . ? D HOH 213 ? 1_555 73.6  ? 
51  O   ? N HOH . ? A HOH 221 ? 1_556 BA ? L BA . ? D BA 102 ? 1_555 O  ? Q HOH . ? D HOH 226 ? 1_555 137.8 ? 
52  O   ? N HOH . ? A HOH 253 ? 1_556 BA ? L BA . ? D BA 102 ? 1_555 O  ? Q HOH . ? D HOH 226 ? 1_555 138.8 ? 
53  O   ? O HOH . ? B HOH 209 ? 1_556 BA ? L BA . ? D BA 102 ? 1_555 O  ? Q HOH . ? D HOH 226 ? 1_555 74.3  ? 
54  O   ? O HOH . ? B HOH 230 ? 1_556 BA ? L BA . ? D BA 102 ? 1_555 O  ? Q HOH . ? D HOH 226 ? 1_555 128.6 ? 
55  O   ? Q HOH . ? D HOH 213 ? 1_555 BA ? L BA . ? D BA 102 ? 1_555 O  ? Q HOH . ? D HOH 226 ? 1_555 68.5  ? 
56  O   ? N HOH . ? A HOH 221 ? 1_556 BA ? L BA . ? D BA 102 ? 1_555 O  ? Q HOH . ? D HOH 252 ? 1_555 70.5  ? 
57  O   ? N HOH . ? A HOH 253 ? 1_556 BA ? L BA . ? D BA 102 ? 1_555 O  ? Q HOH . ? D HOH 252 ? 1_555 146.5 ? 
58  O   ? O HOH . ? B HOH 209 ? 1_556 BA ? L BA . ? D BA 102 ? 1_555 O  ? Q HOH . ? D HOH 252 ? 1_555 69.5  ? 
59  O   ? O HOH . ? B HOH 230 ? 1_556 BA ? L BA . ? D BA 102 ? 1_555 O  ? Q HOH . ? D HOH 252 ? 1_555 119.4 ? 
60  O   ? Q HOH . ? D HOH 213 ? 1_555 BA ? L BA . ? D BA 102 ? 1_555 O  ? Q HOH . ? D HOH 252 ? 1_555 130.1 ? 
61  O   ? Q HOH . ? D HOH 226 ? 1_555 BA ? L BA . ? D BA 102 ? 1_555 O  ? Q HOH . ? D HOH 252 ? 1_555 67.5  ? 
62  O   ? N HOH . ? A HOH 221 ? 1_556 BA ? L BA . ? D BA 102 ? 1_555 O  ? Q HOH . ? D HOH 253 ? 1_555 137.0 ? 
63  O   ? N HOH . ? A HOH 253 ? 1_556 BA ? L BA . ? D BA 102 ? 1_555 O  ? Q HOH . ? D HOH 253 ? 1_555 71.2  ? 
64  O   ? O HOH . ? B HOH 209 ? 1_556 BA ? L BA . ? D BA 102 ? 1_555 O  ? Q HOH . ? D HOH 253 ? 1_555 135.7 ? 
65  O   ? O HOH . ? B HOH 230 ? 1_556 BA ? L BA . ? D BA 102 ? 1_555 O  ? Q HOH . ? D HOH 253 ? 1_555 122.8 ? 
66  O   ? Q HOH . ? D HOH 213 ? 1_555 BA ? L BA . ? D BA 102 ? 1_555 O  ? Q HOH . ? D HOH 253 ? 1_555 66.0  ? 
67  O   ? Q HOH . ? D HOH 226 ? 1_555 BA ? L BA . ? D BA 102 ? 1_555 O  ? Q HOH . ? D HOH 253 ? 1_555 70.1  ? 
68  O   ? Q HOH . ? D HOH 252 ? 1_555 BA ? L BA . ? D BA 102 ? 1_555 O  ? Q HOH . ? D HOH 253 ? 1_555 117.5 ? 
69  O6  ? B G   7 ? B G   7   ? 1_555 BA ? H BA . ? B BA 101 ? 1_555 O6 ? B G   8 ? B G   8   ? 1_555 72.1  ? 
70  O6  ? B G   7 ? B G   7   ? 1_555 BA ? H BA . ? B BA 101 ? 1_555 O  ? O HOH . ? B HOH 224 ? 1_555 80.3  ? 
71  O6  ? B G   8 ? B G   8   ? 1_555 BA ? H BA . ? B BA 101 ? 1_555 O  ? O HOH . ? B HOH 224 ? 1_555 151.0 ? 
72  O6  ? B G   7 ? B G   7   ? 1_555 BA ? H BA . ? B BA 101 ? 1_555 O  ? O HOH . ? B HOH 225 ? 1_555 110.1 ? 
73  O6  ? B G   8 ? B G   8   ? 1_555 BA ? H BA . ? B BA 101 ? 1_555 O  ? O HOH . ? B HOH 225 ? 1_555 103.4 ? 
74  O   ? O HOH . ? B HOH 224 ? 1_555 BA ? H BA . ? B BA 101 ? 1_555 O  ? O HOH . ? B HOH 225 ? 1_555 77.6  ? 
75  O6  ? B G   7 ? B G   7   ? 1_555 BA ? H BA . ? B BA 101 ? 1_555 O  ? O HOH . ? B HOH 259 ? 1_555 140.6 ? 
76  O6  ? B G   8 ? B G   8   ? 1_555 BA ? H BA . ? B BA 101 ? 1_555 O  ? O HOH . ? B HOH 259 ? 1_555 146.7 ? 
77  O   ? O HOH . ? B HOH 224 ? 1_555 BA ? H BA . ? B BA 101 ? 1_555 O  ? O HOH . ? B HOH 259 ? 1_555 60.3  ? 
78  O   ? O HOH . ? B HOH 225 ? 1_555 BA ? H BA . ? B BA 101 ? 1_555 O  ? O HOH . ? B HOH 259 ? 1_555 64.4  ? 
79  O6  ? C G   2 ? C G   2   ? 1_555 BA ? J BA . ? C BA 102 ? 1_555 O  ? P HOH . ? C HOH 201 ? 1_555 65.3  ? 
80  O6  ? C G   2 ? C G   2   ? 1_555 BA ? J BA . ? C BA 102 ? 1_555 O  ? P HOH . ? C HOH 227 ? 1_555 68.3  ? 
81  O   ? P HOH . ? C HOH 201 ? 1_555 BA ? J BA . ? C BA 102 ? 1_555 O  ? P HOH . ? C HOH 227 ? 1_555 73.4  ? 
82  O6  ? C G   2 ? C G   2   ? 1_555 BA ? J BA . ? C BA 102 ? 1_555 O  ? P HOH . ? C HOH 234 ? 1_555 85.7  ? 
83  O   ? P HOH . ? C HOH 201 ? 1_555 BA ? J BA . ? C BA 102 ? 1_555 O  ? P HOH . ? C HOH 234 ? 1_555 58.6  ? 
84  O   ? P HOH . ? C HOH 227 ? 1_555 BA ? J BA . ? C BA 102 ? 1_555 O  ? P HOH . ? C HOH 234 ? 1_555 131.7 ? 
85  O6  ? C G   8 ? C G   8   ? 1_555 BA ? I BA . ? C BA 101 ? 1_555 O  ? P HOH . ? C HOH 215 ? 1_555 53.7  ? 
86  O6  ? C G   8 ? C G   8   ? 1_555 BA ? I BA . ? C BA 101 ? 1_555 O  ? P HOH . ? C HOH 229 ? 1_555 101.4 ? 
87  O   ? P HOH . ? C HOH 215 ? 1_555 BA ? I BA . ? C BA 101 ? 1_555 O  ? P HOH . ? C HOH 229 ? 1_555 50.0  ? 
88  O6  ? C G   8 ? C G   8   ? 1_555 BA ? I BA . ? C BA 101 ? 1_555 O  ? P HOH . ? C HOH 237 ? 1_555 62.6  ? 
89  O   ? P HOH . ? C HOH 215 ? 1_555 BA ? I BA . ? C BA 101 ? 1_555 O  ? P HOH . ? C HOH 237 ? 1_555 97.9  ? 
90  O   ? P HOH . ? C HOH 229 ? 1_555 BA ? I BA . ? C BA 101 ? 1_555 O  ? P HOH . ? C HOH 237 ? 1_555 139.8 ? 
91  O6  ? C G   8 ? C G   8   ? 1_555 BA ? I BA . ? C BA 101 ? 1_555 O  ? P HOH . ? C HOH 247 ? 1_555 139.8 ? 
92  O   ? P HOH . ? C HOH 215 ? 1_555 BA ? I BA . ? C BA 101 ? 1_555 O  ? P HOH . ? C HOH 247 ? 1_555 88.2  ? 
93  O   ? P HOH . ? C HOH 229 ? 1_555 BA ? I BA . ? C BA 101 ? 1_555 O  ? P HOH . ? C HOH 247 ? 1_555 49.1  ? 
94  O   ? P HOH . ? C HOH 237 ? 1_555 BA ? I BA . ? C BA 101 ? 1_555 O  ? P HOH . ? C HOH 247 ? 1_555 118.9 ? 
95  O6  ? C G   8 ? C G   8   ? 1_555 BA ? I BA . ? C BA 101 ? 1_555 O  ? P HOH . ? C HOH 252 ? 1_555 148.4 ? 
96  O   ? P HOH . ? C HOH 215 ? 1_555 BA ? I BA . ? C BA 101 ? 1_555 O  ? P HOH . ? C HOH 252 ? 1_555 128.7 ? 
97  O   ? P HOH . ? C HOH 229 ? 1_555 BA ? I BA . ? C BA 101 ? 1_555 O  ? P HOH . ? C HOH 252 ? 1_555 96.1  ? 
98  O   ? P HOH . ? C HOH 237 ? 1_555 BA ? I BA . ? C BA 101 ? 1_555 O  ? P HOH . ? C HOH 252 ? 1_555 87.1  ? 
99  O   ? P HOH . ? C HOH 247 ? 1_555 BA ? I BA . ? C BA 101 ? 1_555 O  ? P HOH . ? C HOH 252 ? 1_555 47.2  ? 
100 O6  ? C G   8 ? C G   8   ? 1_555 BA ? I BA . ? C BA 101 ? 1_555 O  ? Q HOH . ? D HOH 257 ? 1_555 90.5  ? 
101 O   ? P HOH . ? C HOH 215 ? 1_555 BA ? I BA . ? C BA 101 ? 1_555 O  ? Q HOH . ? D HOH 257 ? 1_555 56.0  ? 
102 O   ? P HOH . ? C HOH 229 ? 1_555 BA ? I BA . ? C BA 101 ? 1_555 O  ? Q HOH . ? D HOH 257 ? 1_555 61.8  ? 
103 O   ? P HOH . ? C HOH 237 ? 1_555 BA ? I BA . ? C BA 101 ? 1_555 O  ? Q HOH . ? D HOH 257 ? 1_555 80.8  ? 
104 O   ? P HOH . ? C HOH 247 ? 1_555 BA ? I BA . ? C BA 101 ? 1_555 O  ? Q HOH . ? D HOH 257 ? 1_555 53.4  ? 
105 O   ? P HOH . ? C HOH 252 ? 1_555 BA ? I BA . ? C BA 101 ? 1_555 O  ? Q HOH . ? D HOH 257 ? 1_555 74.9  ? 
106 O6  ? C G   8 ? C G   8   ? 1_555 BA ? I BA . ? C BA 101 ? 1_555 O  ? Q HOH . ? D HOH 262 ? 1_555 114.7 ? 
107 O   ? P HOH . ? C HOH 215 ? 1_555 BA ? I BA . ? C BA 101 ? 1_555 O  ? Q HOH . ? D HOH 262 ? 1_555 95.5  ? 
108 O   ? P HOH . ? C HOH 229 ? 1_555 BA ? I BA . ? C BA 101 ? 1_555 O  ? Q HOH . ? D HOH 262 ? 1_555 88.6  ? 
109 O   ? P HOH . ? C HOH 237 ? 1_555 BA ? I BA . ? C BA 101 ? 1_555 O  ? Q HOH . ? D HOH 262 ? 1_555 68.9  ? 
110 O   ? P HOH . ? C HOH 247 ? 1_555 BA ? I BA . ? C BA 101 ? 1_555 O  ? Q HOH . ? D HOH 262 ? 1_555 50.0  ? 
111 O   ? P HOH . ? C HOH 252 ? 1_555 BA ? I BA . ? C BA 101 ? 1_555 O  ? Q HOH . ? D HOH 262 ? 1_555 39.3  ? 
112 O   ? Q HOH . ? D HOH 257 ? 1_555 BA ? I BA . ? C BA 101 ? 1_555 O  ? Q HOH . ? D HOH 262 ? 1_555 39.6  ? 
113 O   ? P HOH . ? C HOH 210 ? 1_555 BA ? K BA . ? D BA 101 ? 1_555 O  ? P HOH . ? C HOH 230 ? 1_555 70.9  ? 
114 O   ? P HOH . ? C HOH 210 ? 1_555 BA ? K BA . ? D BA 101 ? 1_555 O  ? P HOH . ? C HOH 249 ? 1_555 87.1  ? 
115 O   ? P HOH . ? C HOH 230 ? 1_555 BA ? K BA . ? D BA 101 ? 1_555 O  ? P HOH . ? C HOH 249 ? 1_555 77.5  ? 
116 O   ? P HOH . ? C HOH 210 ? 1_555 BA ? K BA . ? D BA 101 ? 1_555 O6 ? D G   8 ? D G   8   ? 1_555 72.0  ? 
117 O   ? P HOH . ? C HOH 230 ? 1_555 BA ? K BA . ? D BA 101 ? 1_555 O6 ? D G   8 ? D G   8   ? 1_555 128.5 ? 
118 O   ? P HOH . ? C HOH 249 ? 1_555 BA ? K BA . ? D BA 101 ? 1_555 O6 ? D G   8 ? D G   8   ? 1_555 134.2 ? 
119 O   ? P HOH . ? C HOH 210 ? 1_555 BA ? K BA . ? D BA 101 ? 1_555 O  ? Q HOH . ? D HOH 217 ? 1_555 80.1  ? 
120 O   ? P HOH . ? C HOH 230 ? 1_555 BA ? K BA . ? D BA 101 ? 1_555 O  ? Q HOH . ? D HOH 217 ? 1_555 74.4  ? 
121 O   ? P HOH . ? C HOH 249 ? 1_555 BA ? K BA . ? D BA 101 ? 1_555 O  ? Q HOH . ? D HOH 217 ? 1_555 151.6 ? 
122 O6  ? D G   8 ? D G   8   ? 1_555 BA ? K BA . ? D BA 101 ? 1_555 O  ? Q HOH . ? D HOH 217 ? 1_555 65.1  ? 
123 O   ? P HOH . ? C HOH 210 ? 1_555 BA ? K BA . ? D BA 101 ? 1_555 O  ? Q HOH . ? D HOH 232 ? 1_555 144.7 ? 
124 O   ? P HOH . ? C HOH 230 ? 1_555 BA ? K BA . ? D BA 101 ? 1_555 O  ? Q HOH . ? D HOH 232 ? 1_555 138.5 ? 
125 O   ? P HOH . ? C HOH 249 ? 1_555 BA ? K BA . ? D BA 101 ? 1_555 O  ? Q HOH . ? D HOH 232 ? 1_555 83.3  ? 
126 O6  ? D G   8 ? D G   8   ? 1_555 BA ? K BA . ? D BA 101 ? 1_555 O  ? Q HOH . ? D HOH 232 ? 1_555 90.9  ? 
127 O   ? Q HOH . ? D HOH 217 ? 1_555 BA ? K BA . ? D BA 101 ? 1_555 O  ? Q HOH . ? D HOH 232 ? 1_555 121.1 ? 
128 O   ? P HOH . ? C HOH 210 ? 1_555 BA ? K BA . ? D BA 101 ? 1_555 O  ? Q HOH . ? D HOH 234 ? 1_555 141.8 ? 
129 O   ? P HOH . ? C HOH 230 ? 1_555 BA ? K BA . ? D BA 101 ? 1_555 O  ? Q HOH . ? D HOH 234 ? 1_555 86.8  ? 
130 O   ? P HOH . ? C HOH 249 ? 1_555 BA ? K BA . ? D BA 101 ? 1_555 O  ? Q HOH . ? D HOH 234 ? 1_555 118.6 ? 
131 O6  ? D G   8 ? D G   8   ? 1_555 BA ? K BA . ? D BA 101 ? 1_555 O  ? Q HOH . ? D HOH 234 ? 1_555 101.6 ? 
132 O   ? Q HOH . ? D HOH 217 ? 1_555 BA ? K BA . ? D BA 101 ? 1_555 O  ? Q HOH . ? D HOH 234 ? 1_555 63.8  ? 
133 O   ? Q HOH . ? D HOH 232 ? 1_555 BA ? K BA . ? D BA 101 ? 1_555 O  ? Q HOH . ? D HOH 234 ? 1_555 70.7  ? 
134 O   ? P HOH . ? C HOH 210 ? 1_555 BA ? K BA . ? D BA 101 ? 1_555 O  ? Q HOH . ? D HOH 241 ? 1_555 76.1  ? 
135 O   ? P HOH . ? C HOH 230 ? 1_555 BA ? K BA . ? D BA 101 ? 1_555 O  ? Q HOH . ? D HOH 241 ? 1_555 131.6 ? 
136 O   ? P HOH . ? C HOH 249 ? 1_555 BA ? K BA . ? D BA 101 ? 1_555 O  ? Q HOH . ? D HOH 241 ? 1_555 66.4  ? 
137 O6  ? D G   8 ? D G   8   ? 1_555 BA ? K BA . ? D BA 101 ? 1_555 O  ? Q HOH . ? D HOH 241 ? 1_555 69.1  ? 
138 O   ? Q HOH . ? D HOH 217 ? 1_555 BA ? K BA . ? D BA 101 ? 1_555 O  ? Q HOH . ? D HOH 241 ? 1_555 133.0 ? 
139 O   ? Q HOH . ? D HOH 232 ? 1_555 BA ? K BA . ? D BA 101 ? 1_555 O  ? Q HOH . ? D HOH 241 ? 1_555 68.9  ? 
140 O   ? Q HOH . ? D HOH 234 ? 1_555 BA ? K BA . ? D BA 101 ? 1_555 O  ? Q HOH . ? D HOH 241 ? 1_555 138.3 ? 
141 O6  ? D G   1 ? D G   1   ? 1_555 BA ? M BA . ? D BA 103 ? 1_555 O  ? Q HOH . ? D HOH 214 ? 1_555 85.6  ? 
142 O6  ? D G   1 ? D G   1   ? 1_555 BA ? M BA . ? D BA 103 ? 1_555 O  ? Q HOH . ? D HOH 261 ? 1_555 122.9 ? 
143 O   ? Q HOH . ? D HOH 214 ? 1_555 BA ? M BA . ? D BA 103 ? 1_555 O  ? Q HOH . ? D HOH 261 ? 1_555 47.8  ? 
# 
_pdbx_entry_details.entry_id                 7ECM 
_pdbx_entry_details.has_ligand_of_interest   N 
_pdbx_entry_details.compound_details         ? 
_pdbx_entry_details.source_details           ? 
_pdbx_entry_details.nonpolymer_details       ? 
_pdbx_entry_details.sequence_details         ? 
# 
loop_
_chem_comp_atom.comp_id 
_chem_comp_atom.atom_id 
_chem_comp_atom.type_symbol 
_chem_comp_atom.pdbx_aromatic_flag 
_chem_comp_atom.pdbx_stereo_config 
_chem_comp_atom.pdbx_ordinal 
A   OP3    O  N N 1   
A   P      P  N N 2   
A   OP1    O  N N 3   
A   OP2    O  N N 4   
A   "O5'"  O  N N 5   
A   "C5'"  C  N N 6   
A   "C4'"  C  N R 7   
A   "O4'"  O  N N 8   
A   "C3'"  C  N S 9   
A   "O3'"  O  N N 10  
A   "C2'"  C  N R 11  
A   "O2'"  O  N N 12  
A   "C1'"  C  N R 13  
A   N9     N  Y N 14  
A   C8     C  Y N 15  
A   N7     N  Y N 16  
A   C5     C  Y N 17  
A   C6     C  Y N 18  
A   N6     N  N N 19  
A   N1     N  Y N 20  
A   C2     C  Y N 21  
A   N3     N  Y N 22  
A   C4     C  Y N 23  
A   HOP3   H  N N 24  
A   HOP2   H  N N 25  
A   "H5'"  H  N N 26  
A   "H5''" H  N N 27  
A   "H4'"  H  N N 28  
A   "H3'"  H  N N 29  
A   "HO3'" H  N N 30  
A   "H2'"  H  N N 31  
A   "HO2'" H  N N 32  
A   "H1'"  H  N N 33  
A   H8     H  N N 34  
A   H61    H  N N 35  
A   H62    H  N N 36  
A   H2     H  N N 37  
BA  BA     BA N N 38  
C   OP3    O  N N 39  
C   P      P  N N 40  
C   OP1    O  N N 41  
C   OP2    O  N N 42  
C   "O5'"  O  N N 43  
C   "C5'"  C  N N 44  
C   "C4'"  C  N R 45  
C   "O4'"  O  N N 46  
C   "C3'"  C  N S 47  
C   "O3'"  O  N N 48  
C   "C2'"  C  N R 49  
C   "O2'"  O  N N 50  
C   "C1'"  C  N R 51  
C   N1     N  N N 52  
C   C2     C  N N 53  
C   O2     O  N N 54  
C   N3     N  N N 55  
C   C4     C  N N 56  
C   N4     N  N N 57  
C   C5     C  N N 58  
C   C6     C  N N 59  
C   HOP3   H  N N 60  
C   HOP2   H  N N 61  
C   "H5'"  H  N N 62  
C   "H5''" H  N N 63  
C   "H4'"  H  N N 64  
C   "H3'"  H  N N 65  
C   "HO3'" H  N N 66  
C   "H2'"  H  N N 67  
C   "HO2'" H  N N 68  
C   "H1'"  H  N N 69  
C   H41    H  N N 70  
C   H42    H  N N 71  
C   H5     H  N N 72  
C   H6     H  N N 73  
G   OP3    O  N N 74  
G   P      P  N N 75  
G   OP1    O  N N 76  
G   OP2    O  N N 77  
G   "O5'"  O  N N 78  
G   "C5'"  C  N N 79  
G   "C4'"  C  N R 80  
G   "O4'"  O  N N 81  
G   "C3'"  C  N S 82  
G   "O3'"  O  N N 83  
G   "C2'"  C  N R 84  
G   "O2'"  O  N N 85  
G   "C1'"  C  N R 86  
G   N9     N  Y N 87  
G   C8     C  Y N 88  
G   N7     N  Y N 89  
G   C5     C  Y N 90  
G   C6     C  N N 91  
G   O6     O  N N 92  
G   N1     N  N N 93  
G   C2     C  N N 94  
G   N2     N  N N 95  
G   N3     N  N N 96  
G   C4     C  Y N 97  
G   HOP3   H  N N 98  
G   HOP2   H  N N 99  
G   "H5'"  H  N N 100 
G   "H5''" H  N N 101 
G   "H4'"  H  N N 102 
G   "H3'"  H  N N 103 
G   "HO3'" H  N N 104 
G   "H2'"  H  N N 105 
G   "HO2'" H  N N 106 
G   "H1'"  H  N N 107 
G   H8     H  N N 108 
G   H1     H  N N 109 
G   H21    H  N N 110 
G   H22    H  N N 111 
HOH O      O  N N 112 
HOH H1     H  N N 113 
HOH H2     H  N N 114 
# 
loop_
_chem_comp_bond.comp_id 
_chem_comp_bond.atom_id_1 
_chem_comp_bond.atom_id_2 
_chem_comp_bond.value_order 
_chem_comp_bond.pdbx_aromatic_flag 
_chem_comp_bond.pdbx_stereo_config 
_chem_comp_bond.pdbx_ordinal 
A   OP3   P      sing N N 1   
A   OP3   HOP3   sing N N 2   
A   P     OP1    doub N N 3   
A   P     OP2    sing N N 4   
A   P     "O5'"  sing N N 5   
A   OP2   HOP2   sing N N 6   
A   "O5'" "C5'"  sing N N 7   
A   "C5'" "C4'"  sing N N 8   
A   "C5'" "H5'"  sing N N 9   
A   "C5'" "H5''" sing N N 10  
A   "C4'" "O4'"  sing N N 11  
A   "C4'" "C3'"  sing N N 12  
A   "C4'" "H4'"  sing N N 13  
A   "O4'" "C1'"  sing N N 14  
A   "C3'" "O3'"  sing N N 15  
A   "C3'" "C2'"  sing N N 16  
A   "C3'" "H3'"  sing N N 17  
A   "O3'" "HO3'" sing N N 18  
A   "C2'" "O2'"  sing N N 19  
A   "C2'" "C1'"  sing N N 20  
A   "C2'" "H2'"  sing N N 21  
A   "O2'" "HO2'" sing N N 22  
A   "C1'" N9     sing N N 23  
A   "C1'" "H1'"  sing N N 24  
A   N9    C8     sing Y N 25  
A   N9    C4     sing Y N 26  
A   C8    N7     doub Y N 27  
A   C8    H8     sing N N 28  
A   N7    C5     sing Y N 29  
A   C5    C6     sing Y N 30  
A   C5    C4     doub Y N 31  
A   C6    N6     sing N N 32  
A   C6    N1     doub Y N 33  
A   N6    H61    sing N N 34  
A   N6    H62    sing N N 35  
A   N1    C2     sing Y N 36  
A   C2    N3     doub Y N 37  
A   C2    H2     sing N N 38  
A   N3    C4     sing Y N 39  
C   OP3   P      sing N N 40  
C   OP3   HOP3   sing N N 41  
C   P     OP1    doub N N 42  
C   P     OP2    sing N N 43  
C   P     "O5'"  sing N N 44  
C   OP2   HOP2   sing N N 45  
C   "O5'" "C5'"  sing N N 46  
C   "C5'" "C4'"  sing N N 47  
C   "C5'" "H5'"  sing N N 48  
C   "C5'" "H5''" sing N N 49  
C   "C4'" "O4'"  sing N N 50  
C   "C4'" "C3'"  sing N N 51  
C   "C4'" "H4'"  sing N N 52  
C   "O4'" "C1'"  sing N N 53  
C   "C3'" "O3'"  sing N N 54  
C   "C3'" "C2'"  sing N N 55  
C   "C3'" "H3'"  sing N N 56  
C   "O3'" "HO3'" sing N N 57  
C   "C2'" "O2'"  sing N N 58  
C   "C2'" "C1'"  sing N N 59  
C   "C2'" "H2'"  sing N N 60  
C   "O2'" "HO2'" sing N N 61  
C   "C1'" N1     sing N N 62  
C   "C1'" "H1'"  sing N N 63  
C   N1    C2     sing N N 64  
C   N1    C6     sing N N 65  
C   C2    O2     doub N N 66  
C   C2    N3     sing N N 67  
C   N3    C4     doub N N 68  
C   C4    N4     sing N N 69  
C   C4    C5     sing N N 70  
C   N4    H41    sing N N 71  
C   N4    H42    sing N N 72  
C   C5    C6     doub N N 73  
C   C5    H5     sing N N 74  
C   C6    H6     sing N N 75  
G   OP3   P      sing N N 76  
G   OP3   HOP3   sing N N 77  
G   P     OP1    doub N N 78  
G   P     OP2    sing N N 79  
G   P     "O5'"  sing N N 80  
G   OP2   HOP2   sing N N 81  
G   "O5'" "C5'"  sing N N 82  
G   "C5'" "C4'"  sing N N 83  
G   "C5'" "H5'"  sing N N 84  
G   "C5'" "H5''" sing N N 85  
G   "C4'" "O4'"  sing N N 86  
G   "C4'" "C3'"  sing N N 87  
G   "C4'" "H4'"  sing N N 88  
G   "O4'" "C1'"  sing N N 89  
G   "C3'" "O3'"  sing N N 90  
G   "C3'" "C2'"  sing N N 91  
G   "C3'" "H3'"  sing N N 92  
G   "O3'" "HO3'" sing N N 93  
G   "C2'" "O2'"  sing N N 94  
G   "C2'" "C1'"  sing N N 95  
G   "C2'" "H2'"  sing N N 96  
G   "O2'" "HO2'" sing N N 97  
G   "C1'" N9     sing N N 98  
G   "C1'" "H1'"  sing N N 99  
G   N9    C8     sing Y N 100 
G   N9    C4     sing Y N 101 
G   C8    N7     doub Y N 102 
G   C8    H8     sing N N 103 
G   N7    C5     sing Y N 104 
G   C5    C6     sing N N 105 
G   C5    C4     doub Y N 106 
G   C6    O6     doub N N 107 
G   C6    N1     sing N N 108 
G   N1    C2     sing N N 109 
G   N1    H1     sing N N 110 
G   C2    N2     sing N N 111 
G   C2    N3     doub N N 112 
G   N2    H21    sing N N 113 
G   N2    H22    sing N N 114 
G   N3    C4     sing N N 115 
HOH O     H1     sing N N 116 
HOH O     H2     sing N N 117 
# 
loop_
_ndb_struct_conf_na.entry_id 
_ndb_struct_conf_na.feature 
7ECM 'double helix'        
7ECM 'a-form double helix' 
# 
loop_
_ndb_struct_na_base_pair.model_number 
_ndb_struct_na_base_pair.i_label_asym_id 
_ndb_struct_na_base_pair.i_label_comp_id 
_ndb_struct_na_base_pair.i_label_seq_id 
_ndb_struct_na_base_pair.i_symmetry 
_ndb_struct_na_base_pair.j_label_asym_id 
_ndb_struct_na_base_pair.j_label_comp_id 
_ndb_struct_na_base_pair.j_label_seq_id 
_ndb_struct_na_base_pair.j_symmetry 
_ndb_struct_na_base_pair.shear 
_ndb_struct_na_base_pair.stretch 
_ndb_struct_na_base_pair.stagger 
_ndb_struct_na_base_pair.buckle 
_ndb_struct_na_base_pair.propeller 
_ndb_struct_na_base_pair.opening 
_ndb_struct_na_base_pair.pair_number 
_ndb_struct_na_base_pair.pair_name 
_ndb_struct_na_base_pair.i_auth_asym_id 
_ndb_struct_na_base_pair.i_auth_seq_id 
_ndb_struct_na_base_pair.i_PDB_ins_code 
_ndb_struct_na_base_pair.j_auth_asym_id 
_ndb_struct_na_base_pair.j_auth_seq_id 
_ndb_struct_na_base_pair.j_PDB_ins_code 
_ndb_struct_na_base_pair.hbond_type_28 
_ndb_struct_na_base_pair.hbond_type_12 
1 A G 1  1_555 B C 12 1_555 -0.174 -0.158 0.139  -3.563  -9.724  -0.683 1  A_G1:C12_B A 1  ? B 12 ? 19 1 
1 A G 2  1_555 B C 11 1_555 -0.271 -0.227 0.012  -3.569  -10.084 -2.567 2  A_G2:C11_B A 2  ? B 11 ? 19 1 
1 A G 3  1_555 B C 10 1_555 -0.270 -0.164 -0.035 -8.249  -18.272 1.791  3  A_G3:C10_B A 3  ? B 10 ? 19 1 
1 A C 4  1_555 B A 9  1_555 2.486  -0.389 0.411  -7.445  -13.678 8.787  4  A_C4:A9_B  A 4  ? B 9  ? ?  1 
1 A C 5  1_555 B G 8  1_555 0.238  -0.202 -0.067 9.746   -12.561 -1.837 5  A_C5:G8_B  A 5  ? B 8  ? 19 1 
1 A C 6  1_555 B G 7  1_555 0.081  -0.133 0.006  5.328   -15.313 0.701  6  A_C6:G7_B  A 6  ? B 7  ? 19 1 
1 A G 7  1_555 B C 6  1_555 -0.192 -0.175 -0.151 -5.698  -9.836  -1.305 7  A_G7:C6_B  A 7  ? B 6  ? 19 1 
1 A G 8  1_555 B C 5  1_555 -0.202 -0.169 -0.088 -7.654  -16.361 -0.205 8  A_G8:C5_B  A 8  ? B 5  ? 19 1 
1 A A 9  1_555 B C 4  1_555 -2.458 -0.421 0.268  7.134   -6.834  4.943  9  A_A9:C4_B  A 9  ? B 4  ? ?  1 
1 A C 10 1_555 B G 3  1_555 0.180  -0.120 -0.176 14.829  -16.158 -2.065 10 A_C10:G3_B A 10 ? B 3  ? 19 1 
1 A C 11 1_555 B G 2  1_555 0.319  -0.155 -0.071 8.519   -14.542 0.954  11 A_C11:G2_B A 11 ? B 2  ? 19 1 
1 A C 12 1_555 B G 1  1_555 0.192  -0.163 0.182  -1.048  -8.270  -0.397 12 A_C12:G1_B A 12 ? B 1  ? 19 1 
1 C G 1  1_555 D C 12 1_555 -0.070 -0.274 0.120  -0.618  -8.174  -1.196 13 C_G1:C12_D C 1  ? D 12 ? 19 1 
1 C G 2  1_555 D C 11 1_555 -0.184 -0.193 -0.044 -6.071  -14.083 -0.390 14 C_G2:C11_D C 2  ? D 11 ? 19 1 
1 C G 3  1_555 D C 10 1_555 -0.199 -0.072 0.051  -11.956 -14.185 -0.003 15 C_G3:C10_D C 3  ? D 10 ? 19 1 
1 C C 4  1_555 D A 9  1_555 4.708  -0.724 0.272  -7.128  -8.774  -0.484 16 C_C4:A9_D  C 4  ? D 9  ? ?  1 
1 C C 5  1_555 D G 8  1_555 0.101  -0.121 0.073  7.840   -15.582 0.621  17 C_C5:G8_D  C 5  ? D 8  ? 19 1 
1 C C 6  1_555 D G 7  1_555 0.197  -0.201 0.055  8.065   -18.264 -1.063 18 C_C6:G7_D  C 6  ? D 7  ? 19 1 
1 C G 7  1_555 D C 6  1_555 -0.216 -0.215 0.232  -0.328  -13.913 -1.123 19 C_G7:C6_D  C 7  ? D 6  ? 19 1 
1 C G 8  1_555 D C 5  1_555 -0.179 -0.260 0.069  -6.789  -17.563 -0.575 20 C_G8:C5_D  C 8  ? D 5  ? 19 1 
1 C A 9  1_555 D C 4  1_555 -2.529 -0.496 0.262  2.871   -13.919 1.623  21 C_A9:C4_D  C 9  ? D 4  ? ?  1 
1 C C 10 1_555 D G 3  1_555 0.135  -0.103 0.007  8.028   -15.412 0.226  22 C_C10:G3_D C 10 ? D 3  ? 19 1 
1 C C 11 1_555 D G 2  1_555 0.147  -0.312 0.040  4.204   -13.208 -5.146 23 C_C11:G2_D C 11 ? D 2  ? 19 1 
1 C C 12 1_555 D G 1  1_555 0.189  -0.129 0.059  4.930   -7.368  -1.676 24 C_C12:G1_D C 12 ? D 1  ? 19 1 
# 
loop_
_ndb_struct_na_base_pair_step.model_number 
_ndb_struct_na_base_pair_step.i_label_asym_id_1 
_ndb_struct_na_base_pair_step.i_label_comp_id_1 
_ndb_struct_na_base_pair_step.i_label_seq_id_1 
_ndb_struct_na_base_pair_step.i_symmetry_1 
_ndb_struct_na_base_pair_step.j_label_asym_id_1 
_ndb_struct_na_base_pair_step.j_label_comp_id_1 
_ndb_struct_na_base_pair_step.j_label_seq_id_1 
_ndb_struct_na_base_pair_step.j_symmetry_1 
_ndb_struct_na_base_pair_step.i_label_asym_id_2 
_ndb_struct_na_base_pair_step.i_label_comp_id_2 
_ndb_struct_na_base_pair_step.i_label_seq_id_2 
_ndb_struct_na_base_pair_step.i_symmetry_2 
_ndb_struct_na_base_pair_step.j_label_asym_id_2 
_ndb_struct_na_base_pair_step.j_label_comp_id_2 
_ndb_struct_na_base_pair_step.j_label_seq_id_2 
_ndb_struct_na_base_pair_step.j_symmetry_2 
_ndb_struct_na_base_pair_step.shift 
_ndb_struct_na_base_pair_step.slide 
_ndb_struct_na_base_pair_step.rise 
_ndb_struct_na_base_pair_step.tilt 
_ndb_struct_na_base_pair_step.roll 
_ndb_struct_na_base_pair_step.twist 
_ndb_struct_na_base_pair_step.x_displacement 
_ndb_struct_na_base_pair_step.y_displacement 
_ndb_struct_na_base_pair_step.helical_rise 
_ndb_struct_na_base_pair_step.inclination 
_ndb_struct_na_base_pair_step.tip 
_ndb_struct_na_base_pair_step.helical_twist 
_ndb_struct_na_base_pair_step.step_number 
_ndb_struct_na_base_pair_step.step_name 
_ndb_struct_na_base_pair_step.i_auth_asym_id_1 
_ndb_struct_na_base_pair_step.i_auth_seq_id_1 
_ndb_struct_na_base_pair_step.i_PDB_ins_code_1 
_ndb_struct_na_base_pair_step.j_auth_asym_id_1 
_ndb_struct_na_base_pair_step.j_auth_seq_id_1 
_ndb_struct_na_base_pair_step.j_PDB_ins_code_1 
_ndb_struct_na_base_pair_step.i_auth_asym_id_2 
_ndb_struct_na_base_pair_step.i_auth_seq_id_2 
_ndb_struct_na_base_pair_step.i_PDB_ins_code_2 
_ndb_struct_na_base_pair_step.j_auth_asym_id_2 
_ndb_struct_na_base_pair_step.j_auth_seq_id_2 
_ndb_struct_na_base_pair_step.j_PDB_ins_code_2 
1 A G 1  1_555 B C 12 1_555 A G 2  1_555 B C 11 1_555 -0.831 -1.732 3.183 -1.954 6.594  34.106 -3.836  1.113  2.850 11.103 3.290   
34.772 1  AA_G1G2:C11C12_BB A 1  ? B 12 ? A 2  ? B 11 ? 
1 A G 2  1_555 B C 11 1_555 A G 3  1_555 B C 10 1_555 0.423  -1.266 3.334 -0.066 13.570 32.666 -3.991  -0.707 2.618 22.932 0.111   
35.302 2  AA_G2G3:C10C11_BB A 2  ? B 11 ? A 3  ? B 10 ? 
1 A G 3  1_555 B C 10 1_555 A C 4  1_555 B A 9  1_555 0.539  -0.815 3.199 0.007  12.918 43.156 -2.170  -0.704 2.854 17.110 -0.010  
44.959 3  AA_G3C4:A9C10_BB  A 3  ? B 10 ? A 4  ? B 9  ? 
1 A C 4  1_555 B A 9  1_555 A C 5  1_555 B G 8  1_555 -0.038 -2.099 2.566 6.666  7.561  18.547 -7.836  1.956  1.502 21.522 -18.974 
21.088 4  AA_C4C5:G8A9_BB   A 4  ? B 9  ? A 5  ? B 8  ? 
1 A C 5  1_555 B G 8  1_555 A C 6  1_555 B G 7  1_555 -0.343 -2.164 3.257 -2.222 9.393  28.583 -5.883  0.252  2.457 18.374 4.347   
30.136 5  AA_C5C6:G7G8_BB   A 5  ? B 8  ? A 6  ? B 7  ? 
1 A C 6  1_555 B G 7  1_555 A G 7  1_555 B C 6  1_555 -0.719 -1.851 3.359 -0.486 14.951 31.376 -5.190  1.138  2.279 25.884 0.841   
34.678 6  AA_C6G7:C6G7_BB   A 6  ? B 7  ? A 7  ? B 6  ? 
1 A G 7  1_555 B C 6  1_555 A G 8  1_555 B C 5  1_555 0.807  -1.911 3.271 1.675  12.606 27.329 -5.963  -1.251 2.235 25.033 -3.327  
30.092 7  AA_G7G8:C5C6_BB   A 7  ? B 6  ? A 8  ? B 5  ? 
1 A G 8  1_555 B C 5  1_555 A A 9  1_555 B C 4  1_555 0.059  -1.867 2.627 -5.192 11.140 21.319 -6.675  -1.205 1.435 27.376 12.759  
24.572 8  AA_G8A9:C4C5_BB   A 8  ? B 5  ? A 9  ? B 4  ? 
1 A A 9  1_555 B C 4  1_555 A C 10 1_555 B G 3  1_555 -0.513 -0.761 3.095 0.691  11.404 40.544 -2.142  0.780  2.783 16.075 -0.974  
42.058 9  AA_A9C10:G3C4_BB  A 9  ? B 4  ? A 10 ? B 3  ? 
1 A C 10 1_555 B G 3  1_555 A C 11 1_555 B G 2  1_555 0.349  -1.778 3.349 -0.561 10.088 32.139 -4.624  -0.689 2.678 17.684 0.983   
33.650 10 AA_C10C11:G2G3_BB A 10 ? B 3  ? A 11 ? B 2  ? 
1 A C 11 1_555 B G 2  1_555 A C 12 1_555 B G 1  1_555 0.014  -2.120 3.411 -0.096 7.309  34.616 -4.545  -0.038 2.917 12.116 0.160   
35.356 11 AA_C11C12:G1G2_BB A 11 ? B 2  ? A 12 ? B 1  ? 
1 C G 1  1_555 D C 12 1_555 C G 2  1_555 D C 11 1_555 -0.253 -1.727 3.327 0.157  6.459  35.376 -3.694  0.432  2.975 10.521 -0.256  
35.943 12 CC_G1G2:C11C12_DD C 1  ? D 12 ? C 2  ? D 11 ? 
1 C G 2  1_555 D C 11 1_555 C G 3  1_555 D C 10 1_555 0.213  -1.935 3.326 1.001  7.873  30.340 -4.985  -0.217 2.754 14.728 -1.873  
31.337 13 CC_G2G3:C10C11_DD C 2  ? D 11 ? C 3  ? D 10 ? 
1 C G 3  1_555 D C 10 1_555 C C 4  1_555 D A 9  1_555 0.254  -0.763 3.195 2.633  5.047  51.784 -1.195  -0.120 3.122 5.759  -3.004  
52.074 14 CC_G3C4:A9C10_DD  C 3  ? D 10 ? C 4  ? D 9  ? 
1 C C 4  1_555 D A 9  1_555 C C 5  1_555 D G 8  1_555 -1.001 -1.969 2.482 2.588  10.770 10.351 -11.643 4.801  0.132 45.766 -10.998 
15.149 15 CC_C4C5:G8A9_DD   C 4  ? D 9  ? C 5  ? D 8  ? 
1 C C 5  1_555 D G 8  1_555 C C 6  1_555 D G 7  1_555 -0.218 -1.163 3.189 -1.318 11.601 33.451 -3.489  0.180  2.658 19.434 2.208   
35.375 16 CC_C5C6:G7G8_DD   C 5  ? D 8  ? C 6  ? D 7  ? 
1 C C 6  1_555 D G 7  1_555 C G 7  1_555 D C 6  1_555 -0.013 -1.685 3.213 -1.291 16.753 30.661 -4.998  -0.146 2.046 29.102 2.242   
34.866 17 CC_C6G7:C6G7_DD   C 6  ? D 7  ? C 7  ? D 6  ? 
1 C G 7  1_555 D C 6  1_555 C G 8  1_555 D C 5  1_555 0.061  -1.313 3.336 1.704  9.547  33.875 -3.548  0.144  2.872 15.983 -2.853  
35.197 18 CC_G7G8:C5C6_DD   C 7  ? D 6  ? C 8  ? D 5  ? 
1 C G 8  1_555 D C 5  1_555 C A 9  1_555 D C 4  1_555 0.008  -1.357 2.755 -4.214 7.894  23.802 -4.853  -0.961 2.167 18.329 9.785   
25.406 19 CC_G8A9:C4C5_DD   C 8  ? D 5  ? C 9  ? D 4  ? 
1 C A 9  1_555 D C 4  1_555 C C 10 1_555 D G 3  1_555 -0.045 -1.008 3.115 -0.027 6.689  41.882 -2.027  0.060  2.928 9.286  0.037   
42.389 20 CC_A9C10:G3C4_DD  C 9  ? D 4  ? C 10 ? D 3  ? 
1 C C 10 1_555 D G 3  1_555 C C 11 1_555 D G 2  1_555 -0.449 -1.508 3.307 -1.266 9.762  33.107 -3.981  0.570  2.779 16.678 2.163   
34.500 21 CC_C10C11:G2G3_DD C 10 ? D 3  ? C 11 ? D 2  ? 
1 C C 11 1_555 D G 2  1_555 C C 12 1_555 D G 1  1_555 0.361  -1.850 3.218 0.715  7.238  31.984 -4.428  -0.526 2.752 12.927 -1.278  
32.779 22 CC_C11C12:G1G2_DD C 11 ? D 2  ? C 12 ? D 1  ? 
# 
_pdbx_audit_support.funding_organization   'Ministry of Education, Culture, Sports, Science and Technology (Japan)' 
_pdbx_audit_support.country                Japan 
_pdbx_audit_support.grant_number           24245037 
_pdbx_audit_support.ordinal                1 
# 
_atom_sites.entry_id                    7ECM 
_atom_sites.Cartn_transf_matrix[1][1]   ? 
_atom_sites.Cartn_transf_matrix[1][2]   ? 
_atom_sites.Cartn_transf_matrix[1][3]   ? 
_atom_sites.Cartn_transf_matrix[2][1]   ? 
_atom_sites.Cartn_transf_matrix[2][2]   ? 
_atom_sites.Cartn_transf_matrix[2][3]   ? 
_atom_sites.Cartn_transf_matrix[3][1]   ? 
_atom_sites.Cartn_transf_matrix[3][2]   ? 
_atom_sites.Cartn_transf_matrix[3][3]   ? 
_atom_sites.Cartn_transf_vector[1]      ? 
_atom_sites.Cartn_transf_vector[2]      ? 
_atom_sites.Cartn_transf_vector[3]      ? 
_atom_sites.fract_transf_matrix[1][1]   -0.01775461 
_atom_sites.fract_transf_matrix[1][2]   -0.00592824 
_atom_sites.fract_transf_matrix[1][3]   0.03611629 
_atom_sites.fract_transf_matrix[2][1]   0.00242317 
_atom_sites.fract_transf_matrix[2][2]   0.03185072 
_atom_sites.fract_transf_matrix[2][3]   0.02258151 
_atom_sites.fract_transf_matrix[3][1]   -0.01895775 
_atom_sites.fract_transf_matrix[3][2]   0.01019577 
_atom_sites.fract_transf_matrix[3][3]   -0.00435149 
_atom_sites.fract_transf_vector[1]      -0.354857 
_atom_sites.fract_transf_vector[2]      -0.307960 
_atom_sites.fract_transf_vector[3]      -0.387119 
_atom_sites.solution_primary            ? 
_atom_sites.solution_secondary          ? 
_atom_sites.solution_hydrogens          ? 
_atom_sites.special_details             ? 
# 
loop_
_atom_type.symbol 
BA 
C  
N  
O  
P  
# 
loop_
_atom_site.group_PDB 
_atom_site.id 
_atom_site.type_symbol 
_atom_site.label_atom_id 
_atom_site.label_alt_id 
_atom_site.label_comp_id 
_atom_site.label_asym_id 
_atom_site.label_entity_id 
_atom_site.label_seq_id 
_atom_site.pdbx_PDB_ins_code 
_atom_site.Cartn_x 
_atom_site.Cartn_y 
_atom_site.Cartn_z 
_atom_site.occupancy 
_atom_site.B_iso_or_equiv 
_atom_site.pdbx_formal_charge 
_atom_site.auth_seq_id 
_atom_site.auth_comp_id 
_atom_site.auth_asym_id 
_atom_site.auth_atom_id 
_atom_site.pdbx_PDB_model_num 
ATOM   1    O  "O5'" . G   A 1 1  ? 17.343  3.471   3.584   1.00 23.17  ? 1   G   A "O5'" 1 
ATOM   2    C  "C5'" . G   A 1 1  ? 18.552  3.452   2.840   1.00 17.81  ? 1   G   A "C5'" 1 
ATOM   3    C  "C4'" . G   A 1 1  ? 19.746  3.244   3.734   1.00 18.95  ? 1   G   A "C4'" 1 
ATOM   4    O  "O4'" . G   A 1 1  ? 19.914  4.398   4.598   1.00 14.90  ? 1   G   A "O4'" 1 
ATOM   5    C  "C3'" . G   A 1 1  ? 19.647  2.071   4.697   1.00 18.60  ? 1   G   A "C3'" 1 
ATOM   6    O  "O3'" . G   A 1 1  ? 19.983  0.836   4.095   1.00 19.59  ? 1   G   A "O3'" 1 
ATOM   7    C  "C2'" . G   A 1 1  ? 20.581  2.483   5.822   1.00 15.41  ? 1   G   A "C2'" 1 
ATOM   8    O  "O2'" . G   A 1 1  ? 21.937  2.290   5.439   1.00 18.87  ? 1   G   A "O2'" 1 
ATOM   9    C  "C1'" . G   A 1 1  ? 20.315  3.986   5.885   1.00 13.87  ? 1   G   A "C1'" 1 
ATOM   10   N  N9    . G   A 1 1  ? 19.226  4.328   6.820   1.00 13.21  ? 1   G   A N9    1 
ATOM   11   C  C8    . G   A 1 1  ? 18.021  4.891   6.485   1.00 13.32  ? 1   G   A C8    1 
ATOM   12   N  N7    . G   A 1 1  ? 17.236  5.109   7.497   1.00 14.05  ? 1   G   A N7    1 
ATOM   13   C  C5    . G   A 1 1  ? 17.970  4.662   8.581   1.00 11.84  ? 1   G   A C5    1 
ATOM   14   C  C6    . G   A 1 1  ? 17.638  4.640   9.957   1.00 9.92   ? 1   G   A C6    1 
ATOM   15   O  O6    . G   A 1 1  ? 16.594  5.038   10.489  1.00 15.92  ? 1   G   A O6    1 
ATOM   16   N  N1    . G   A 1 1  ? 18.680  4.109   10.716  1.00 11.21  ? 1   G   A N1    1 
ATOM   17   C  C2    . G   A 1 1  ? 19.873  3.651   10.214  1.00 9.33   ? 1   G   A C2    1 
ATOM   18   N  N2    . G   A 1 1  ? 20.757  3.163   11.102  1.00 13.22  ? 1   G   A N2    1 
ATOM   19   N  N3    . G   A 1 1  ? 20.193  3.662   8.931   1.00 12.98  ? 1   G   A N3    1 
ATOM   20   C  C4    . G   A 1 1  ? 19.201  4.180   8.185   1.00 10.36  ? 1   G   A C4    1 
ATOM   21   P  P     . G   A 1 2  ? 19.253  -0.511  4.578   1.00 17.66  ? 2   G   A P     1 
ATOM   22   O  OP1   . G   A 1 2  ? 19.637  -1.587  3.626   1.00 23.76  ? 2   G   A OP1   1 
ATOM   23   O  OP2   . G   A 1 2  ? 17.818  -0.218  4.805   1.00 20.03  ? 2   G   A OP2   1 
ATOM   24   O  "O5'" . G   A 1 2  ? 19.923  -0.814  5.991   1.00 17.21  ? 2   G   A "O5'" 1 
ATOM   25   C  "C5'" . G   A 1 2  ? 21.286  -1.188  6.094   1.00 16.43  ? 2   G   A "C5'" 1 
ATOM   26   C  "C4'" . G   A 1 2  ? 21.636  -1.565  7.511   1.00 17.28  ? 2   G   A "C4'" 1 
ATOM   27   O  "O4'" . G   A 1 2  ? 21.596  -0.381  8.350   1.00 15.32  ? 2   G   A "O4'" 1 
ATOM   28   C  "C3'" . G   A 1 2  ? 20.675  -2.525  8.195   1.00 15.13  ? 2   G   A "C3'" 1 
ATOM   29   O  "O3'" . G   A 1 2  ? 20.886  -3.879  7.844   1.00 15.76  ? 2   G   A "O3'" 1 
ATOM   30   C  "C2'" . G   A 1 2  ? 20.909  -2.223  9.668   1.00 12.98  ? 2   G   A "C2'" 1 
ATOM   31   O  "O2'" . G   A 1 2  ? 22.141  -2.778  10.105  1.00 14.09  ? 2   G   A "O2'" 1 
ATOM   32   C  "C1'" . G   A 1 2  ? 21.072  -0.708  9.621   1.00 13.90  ? 2   G   A "C1'" 1 
ATOM   33   N  N9    . G   A 1 2  ? 19.777  -0.023  9.764   1.00 13.05  ? 2   G   A N9    1 
ATOM   34   C  C8    . G   A 1 2  ? 19.015  0.525   8.758   1.00 10.00  ? 2   G   A C8    1 
ATOM   35   N  N7    . G   A 1 2  ? 17.910  1.073   9.182   1.00 12.95  ? 2   G   A N7    1 
ATOM   36   C  C5    . G   A 1 2  ? 17.960  0.874   10.556  1.00 10.68  ? 2   G   A C5    1 
ATOM   37   C  C6    . G   A 1 2  ? 17.034  1.250   11.555  1.00 10.02  ? 2   G   A C6    1 
ATOM   38   O  O6    . G   A 1 2  ? 15.980  1.867   11.417  1.00 12.40  ? 2   G   A O6    1 
ATOM   39   N  N1    . G   A 1 2  ? 17.448  0.849   12.824  1.00 10.28  ? 2   G   A N1    1 
ATOM   40   C  C2    . G   A 1 2  ? 18.604  0.171   13.101  1.00 11.63  ? 2   G   A C2    1 
ATOM   41   N  N2    . G   A 1 2  ? 18.823  -0.127  14.399  1.00 12.62  ? 2   G   A N2    1 
ATOM   42   N  N3    . G   A 1 2  ? 19.484  -0.179  12.178  1.00 12.26  ? 2   G   A N3    1 
ATOM   43   C  C4    . G   A 1 2  ? 19.091  0.195   10.935  1.00 11.21  ? 2   G   A C4    1 
ATOM   44   P  P     . G   A 1 3  ? 19.648  -4.899  7.790   1.00 15.47  ? 3   G   A P     1 
ATOM   45   O  OP1   . G   A 1 3  ? 20.171  -6.188  7.256   1.00 17.54  ? 3   G   A OP1   1 
ATOM   46   O  OP2   . G   A 1 3  ? 18.486  -4.272  7.127   1.00 14.67  ? 3   G   A OP2   1 
ATOM   47   O  "O5'" . G   A 1 3  ? 19.265  -5.118  9.315   1.00 14.07  ? 3   G   A "O5'" 1 
ATOM   48   C  "C5'" . G   A 1 3  ? 20.182  -5.699  10.227  1.00 12.77  ? 3   G   A "C5'" 1 
ATOM   49   C  "C4'" . G   A 1 3  ? 19.672  -5.560  11.635  1.00 15.02  ? 3   G   A "C4'" 1 
ATOM   50   O  "O4'" . G   A 1 3  ? 19.490  -4.154  11.934  1.00 13.38  ? 3   G   A "O4'" 1 
ATOM   51   C  "C3'" . G   A 1 3  ? 18.305  -6.167  11.903  1.00 14.34  ? 3   G   A "C3'" 1 
ATOM   52   O  "O3'" . G   A 1 3  ? 18.369  -7.563  12.138  1.00 16.83  ? 3   G   A "O3'" 1 
ATOM   53   C  "C2'" . G   A 1 3  ? 17.817  -5.367  13.101  1.00 14.55  ? 3   G   A "C2'" 1 
ATOM   54   O  "O2'" . G   A 1 3  ? 18.462  -5.812  14.291  1.00 16.01  ? 3   G   A "O2'" 1 
ATOM   55   C  "C1'" . G   A 1 3  ? 18.361  -3.980  12.765  1.00 12.73  ? 3   G   A "C1'" 1 
ATOM   56   N  N9    . G   A 1 3  ? 17.387  -3.137  12.049  1.00 12.45  ? 3   G   A N9    1 
ATOM   57   C  C8    . G   A 1 3  ? 17.386  -2.805  10.715  1.00 12.42  ? 3   G   A C8    1 
ATOM   58   N  N7    . G   A 1 3  ? 16.389  -2.021  10.389  1.00 10.87  ? 3   G   A N7    1 
ATOM   59   C  C5    . G   A 1 3  ? 15.704  -1.815  11.577  1.00 10.41  ? 3   G   A C5    1 
ATOM   60   C  C6    . G   A 1 3  ? 14.542  -1.054  11.857  1.00 10.74  ? 3   G   A C6    1 
ATOM   61   O  O6    . G   A 1 3  ? 13.854  -0.374  11.083  1.00 10.11  ? 3   G   A O6    1 
ATOM   62   N  N1    . G   A 1 3  ? 14.181  -1.131  13.194  1.00 9.68   ? 3   G   A N1    1 
ATOM   63   C  C2    . G   A 1 3  ? 14.852  -1.849  14.149  1.00 10.74  ? 3   G   A C2    1 
ATOM   64   N  N2    . G   A 1 3  ? 14.346  -1.795  15.392  1.00 11.69  ? 3   G   A N2    1 
ATOM   65   N  N3    . G   A 1 3  ? 15.945  -2.560  13.902  1.00 11.49  ? 3   G   A N3    1 
ATOM   66   C  C4    . G   A 1 3  ? 16.307  -2.503  12.608  1.00 10.91  ? 3   G   A C4    1 
ATOM   67   P  P     . C   A 1 4  ? 17.303  -8.550  11.456  1.00 16.87  ? 4   C   A P     1 
ATOM   68   O  OP1   . C   A 1 4  ? 17.656  -9.920  11.903  1.00 23.09  ? 4   C   A OP1   1 
ATOM   69   O  OP2   . C   A 1 4  ? 17.182  -8.249  10.019  1.00 17.23  ? 4   C   A OP2   1 
ATOM   70   O  "O5'" . C   A 1 4  ? 15.929  -8.180  12.177  1.00 17.61  ? 4   C   A "O5'" 1 
ATOM   71   C  "C5'" . C   A 1 4  ? 15.775  -8.365  13.577  1.00 17.16  ? 4   C   A "C5'" 1 
ATOM   72   C  "C4'" . C   A 1 4  ? 14.517  -7.709  14.083  1.00 17.66  ? 4   C   A "C4'" 1 
ATOM   73   O  "O4'" . C   A 1 4  ? 14.633  -6.269  13.955  1.00 14.64  ? 4   C   A "O4'" 1 
ATOM   74   C  "C3'" . C   A 1 4  ? 13.252  -8.041  13.318  1.00 20.24  ? 4   C   A "C3'" 1 
ATOM   75   O  "O3'" . C   A 1 4  ? 12.700  -9.289  13.680  1.00 24.55  ? 4   C   A "O3'" 1 
ATOM   76   C  "C2'" . C   A 1 4  ? 12.355  -6.855  13.634  1.00 19.08  ? 4   C   A "C2'" 1 
ATOM   77   O  "O2'" . C   A 1 4  ? 11.819  -6.982  14.944  1.00 19.41  ? 4   C   A "O2'" 1 
ATOM   78   C  "C1'" . C   A 1 4  ? 13.373  -5.714  13.632  1.00 13.02  ? 4   C   A "C1'" 1 
ATOM   79   N  N1    . C   A 1 4  ? 13.472  -5.062  12.309  1.00 12.09  ? 4   C   A N1    1 
ATOM   80   C  C2    . C   A 1 4  ? 12.558  -4.047  12.048  1.00 9.08   ? 4   C   A C2    1 
ATOM   81   O  O2    . C   A 1 4  ? 11.739  -3.786  12.933  1.00 11.28  ? 4   C   A O2    1 
ATOM   82   N  N3    . C   A 1 4  ? 12.590  -3.397  10.861  1.00 11.09  ? 4   C   A N3    1 
ATOM   83   C  C4    . C   A 1 4  ? 13.503  -3.728  9.953   1.00 11.99  ? 4   C   A C4    1 
ATOM   84   N  N4    . C   A 1 4  ? 13.492  -3.061  8.801   1.00 11.84  ? 4   C   A N4    1 
ATOM   85   C  C5    . C   A 1 4  ? 14.459  -4.767  10.185  1.00 11.52  ? 4   C   A C5    1 
ATOM   86   C  C6    . C   A 1 4  ? 14.404  -5.400  11.366  1.00 13.67  ? 4   C   A C6    1 
ATOM   87   P  P     . C   A 1 5  ? 11.936  -10.154 12.573  1.00 23.77  ? 5   C   A P     1 
ATOM   88   O  OP1   . C   A 1 5  ? 11.457  -11.399 13.230  1.00 36.83  ? 5   C   A OP1   1 
ATOM   89   O  OP2   . C   A 1 5  ? 12.738  -10.213 11.327  1.00 25.84  ? 5   C   A OP2   1 
ATOM   90   O  "O5'" . C   A 1 5  ? 10.703  -9.234  12.179  1.00 29.99  ? 5   C   A "O5'" 1 
ATOM   91   C  "C5'" . C   A 1 5  ? 9.378   -9.690  12.326  1.00 24.89  ? 5   C   A "C5'" 1 
ATOM   92   C  "C4'" . C   A 1 5  ? 8.450   -8.557  12.672  1.00 20.81  ? 5   C   A "C4'" 1 
ATOM   93   O  "O4'" . C   A 1 5  ? 9.170   -7.295  12.757  1.00 18.85  ? 5   C   A "O4'" 1 
ATOM   94   C  "C3'" . C   A 1 5  ? 7.364   -8.270  11.661  1.00 20.39  ? 5   C   A "C3'" 1 
ATOM   95   O  "O3'" . C   A 1 5  ? 6.316   -9.220  11.693  1.00 20.87  ? 5   C   A "O3'" 1 
ATOM   96   C  "C2'" . C   A 1 5  ? 6.946   -6.860  12.048  1.00 18.92  ? 5   C   A "C2'" 1 
ATOM   97   O  "O2'" . C   A 1 5  ? 6.169   -6.890  13.236  1.00 18.67  ? 5   C   A "O2'" 1 
ATOM   98   C  "C1'" . C   A 1 5  ? 8.305   -6.237  12.378  1.00 16.69  ? 5   C   A "C1'" 1 
ATOM   99   N  N1    . C   A 1 5  ? 8.879   -5.524  11.213  1.00 14.93  ? 5   C   A N1    1 
ATOM   100  C  C2    . C   A 1 5  ? 8.382   -4.249  10.908  1.00 11.61  ? 5   C   A C2    1 
ATOM   101  O  O2    . C   A 1 5  ? 7.479   -3.775  11.608  1.00 14.02  ? 5   C   A O2    1 
ATOM   102  N  N3    . C   A 1 5  ? 8.876   -3.571  9.852   1.00 11.06  ? 5   C   A N3    1 
ATOM   103  C  C4    . C   A 1 5  ? 9.843   -4.113  9.113   1.00 11.14  ? 5   C   A C4    1 
ATOM   104  N  N4    . C   A 1 5  ? 10.302  -3.402  8.084   1.00 12.27  ? 5   C   A N4    1 
ATOM   105  C  C5    . C   A 1 5  ? 10.382  -5.408  9.398   1.00 14.44  ? 5   C   A C5    1 
ATOM   106  C  C6    . C   A 1 5  ? 9.878   -6.072  10.453  1.00 13.61  ? 5   C   A C6    1 
ATOM   107  P  P     . C   A 1 6  ? 5.479   -9.522  10.356  1.00 21.92  ? 6   C   A P     1 
ATOM   108  O  OP1   . C   A 1 6  ? 4.616   -10.699 10.642  1.00 23.92  ? 6   C   A OP1   1 
ATOM   109  O  OP2   . C   A 1 6  ? 6.367   -9.543  9.168   1.00 20.93  ? 6   C   A OP2   1 
ATOM   110  O  "O5'" . C   A 1 6  ? 4.549   -8.245  10.204  1.00 18.15  ? 6   C   A "O5'" 1 
ATOM   111  C  "C5'" . C   A 1 6  ? 3.620   -7.900  11.216  1.00 17.38  ? 6   C   A "C5'" 1 
ATOM   112  C  "C4'" . C   A 1 6  ? 2.948   -6.594  10.903  1.00 20.12  ? 6   C   A "C4'" 1 
ATOM   113  O  "O4'" . C   A 1 6  ? 3.921   -5.520  10.923  1.00 17.85  ? 6   C   A "O4'" 1 
ATOM   114  C  "C3'" . C   A 1 6  ? 2.336   -6.485  9.521   1.00 17.65  ? 6   C   A "C3'" 1 
ATOM   115  O  "O3'" . C   A 1 6  ? 1.098   -7.151  9.394   1.00 22.23  ? 6   C   A "O3'" 1 
ATOM   116  C  "C2'" . C   A 1 6  ? 2.249   -4.981  9.331   1.00 18.64  ? 6   C   A "C2'" 1 
ATOM   117  O  "O2'" . C   A 1 6  ? 1.186   -4.438  10.105  1.00 22.54  ? 6   C   A "O2'" 1 
ATOM   118  C  "C1'" . C   A 1 6  ? 3.561   -4.537  9.967   1.00 15.80  ? 6   C   A "C1'" 1 
ATOM   119  N  N1    . C   A 1 6  ? 4.650   -4.401  8.971   1.00 13.47  ? 6   C   A N1    1 
ATOM   120  C  C2    . C   A 1 6  ? 4.645   -3.252  8.173   1.00 11.77  ? 6   C   A C2    1 
ATOM   121  O  O2    . C   A 1 6  ? 3.733   -2.436  8.350   1.00 13.50  ? 6   C   A O2    1 
ATOM   122  N  N3    . C   A 1 6  ? 5.631   -3.069  7.257   1.00 11.88  ? 6   C   A N3    1 
ATOM   123  C  C4    . C   A 1 6  ? 6.590   -3.982  7.115   1.00 12.37  ? 6   C   A C4    1 
ATOM   124  N  N4    . C   A 1 6  ? 7.545   -3.771  6.205   1.00 13.88  ? 6   C   A N4    1 
ATOM   125  C  C5    . C   A 1 6  ? 6.615   -5.167  7.914   1.00 14.69  ? 6   C   A C5    1 
ATOM   126  C  C6    . C   A 1 6  ? 5.635   -5.329  8.815   1.00 11.93  ? 6   C   A C6    1 
ATOM   127  P  P     . G   A 1 7  ? 0.661   -7.725  7.959   1.00 22.84  ? 7   G   A P     1 
ATOM   128  O  OP1   . G   A 1 7  ? -0.569  -8.538  8.160   1.00 29.59  ? 7   G   A OP1   1 
ATOM   129  O  OP2   . G   A 1 7  ? 1.826   -8.354  7.302   1.00 21.07  ? 7   G   A OP2   1 
ATOM   130  O  "O5'" . G   A 1 7  ? 0.277   -6.421  7.130   1.00 24.53  ? 7   G   A "O5'" 1 
ATOM   131  C  "C5'" . G   A 1 7  ? -0.885  -5.671  7.450   1.00 21.69  ? 7   G   A "C5'" 1 
ATOM   132  C  "C4'" . G   A 1 7  ? -1.147  -4.607  6.420   1.00 18.92  ? 7   G   A "C4'" 1 
ATOM   133  O  "O4'" . G   A 1 7  ? -0.153  -3.550  6.536   1.00 18.82  ? 7   G   A "O4'" 1 
ATOM   134  C  "C3'" . G   A 1 7  ? -1.025  -5.047  4.970   1.00 18.75  ? 7   G   A "C3'" 1 
ATOM   135  O  "O3'" . G   A 1 7  ? -2.134  -5.791  4.483   1.00 24.60  ? 7   G   A "O3'" 1 
ATOM   136  C  "C2'" . G   A 1 7  ? -0.786  -3.723  4.259   1.00 15.18  ? 7   G   A "C2'" 1 
ATOM   137  O  "O2'" . G   A 1 7  ? -1.983  -2.966  4.179   1.00 21.31  ? 7   G   A "O2'" 1 
ATOM   138  C  "C1'" . G   A 1 7  ? 0.147   -3.036  5.251   1.00 17.19  ? 7   G   A "C1'" 1 
ATOM   139  N  N9    . G   A 1 7  ? 1.553   -3.335  4.933   1.00 12.33  ? 7   G   A N9    1 
ATOM   140  C  C8    . G   A 1 7  ? 2.361   -4.301  5.480   1.00 11.74  ? 7   G   A C8    1 
ATOM   141  N  N7    . G   A 1 7  ? 3.561   -4.315  4.958   1.00 15.12  ? 7   G   A N7    1 
ATOM   142  C  C5    . G   A 1 7  ? 3.537   -3.307  4.004   1.00 12.91  ? 7   G   A C5    1 
ATOM   143  C  C6    . G   A 1 7  ? 4.543   -2.852  3.113   1.00 10.31  ? 7   G   A C6    1 
ATOM   144  O  O6    . G   A 1 7  ? 5.695   -3.266  3.001   1.00 12.35  ? 7   G   A O6    1 
ATOM   145  N  N1    . G   A 1 7  ? 4.091   -1.813  2.306   1.00 10.51  ? 7   G   A N1    1 
ATOM   146  C  C2    . G   A 1 7  ? 2.827   -1.280  2.354   1.00 9.51   ? 7   G   A C2    1 
ATOM   147  N  N2    . G   A 1 7  ? 2.558   -0.275  1.508   1.00 12.55  ? 7   G   A N2    1 
ATOM   148  N  N3    . G   A 1 7  ? 1.886   -1.692  3.179   1.00 11.68  ? 7   G   A N3    1 
ATOM   149  C  C4    . G   A 1 7  ? 2.304   -2.701  3.968   1.00 12.11  ? 7   G   A C4    1 
ATOM   150  P  P     . G   A 1 8  ? -1.885  -7.017  3.467   1.00 26.79  ? 8   G   A P     1 
ATOM   151  O  OP1   . G   A 1 8  ? -3.215  -7.551  3.078   1.00 31.27  ? 8   G   A OP1   1 
ATOM   152  O  OP2   . G   A 1 8  ? -0.840  -7.921  4.004   1.00 29.53  ? 8   G   A OP2   1 
ATOM   153  O  "O5'" . G   A 1 8  ? -1.289  -6.324  2.165   1.00 21.08  ? 8   G   A "O5'" 1 
ATOM   154  C  "C5'" . G   A 1 8  ? -2.109  -5.448  1.423   1.00 17.57  ? 8   G   A "C5'" 1 
ATOM   155  C  "C4'" . G   A 1 8  ? -1.341  -4.620  0.431   1.00 14.00  ? 8   G   A "C4'" 1 
ATOM   156  O  "O4'" . G   A 1 8  ? -0.236  -3.900  1.046   1.00 14.10  ? 8   G   A "O4'" 1 
ATOM   157  C  "C3'" . G   A 1 8  ? -0.677  -5.340  -0.716  1.00 11.52  ? 8   G   A "C3'" 1 
ATOM   158  O  "O3'" . G   A 1 8  ? -1.601  -5.842  -1.654  1.00 12.59  ? 8   G   A "O3'" 1 
ATOM   159  C  "C2'" . G   A 1 8  ? 0.234   -4.246  -1.257  1.00 10.95  ? 8   G   A "C2'" 1 
ATOM   160  O  "O2'" . G   A 1 8  ? -0.518  -3.255  -1.945  1.00 13.74  ? 8   G   A "O2'" 1 
ATOM   161  C  "C1'" . G   A 1 8  ? 0.738   -3.629  0.051   1.00 13.53  ? 8   G   A "C1'" 1 
ATOM   162  N  N9    . G   A 1 8  ? 2.014   -4.246  0.438   1.00 11.35  ? 8   G   A N9    1 
ATOM   163  C  C8    . G   A 1 8  ? 2.258   -5.201  1.396   1.00 13.09  ? 8   G   A C8    1 
ATOM   164  N  N7    . G   A 1 8  ? 3.520   -5.541  1.450   1.00 13.59  ? 8   G   A N7    1 
ATOM   165  C  C5    . G   A 1 8  ? 4.121   -4.775  0.459   1.00 10.75  ? 8   G   A C5    1 
ATOM   166  C  C6    . G   A 1 8  ? 5.471   -4.697  0.035   1.00 9.18   ? 8   G   A C6    1 
ATOM   167  O  O6    . G   A 1 8  ? 6.430   -5.326  0.473   1.00 10.89  ? 8   G   A O6    1 
ATOM   168  N  N1    . G   A 1 8  ? 5.657   -3.785  -1.000  1.00 10.69  ? 8   G   A N1    1 
ATOM   169  C  C2    . G   A 1 8  ? 4.648   -3.039  -1.569  1.00 9.98   ? 8   G   A C2    1 
ATOM   170  N  N2    . G   A 1 8  ? 4.994   -2.202  -2.556  1.00 12.81  ? 8   G   A N2    1 
ATOM   171  N  N3    . G   A 1 8  ? 3.391   -3.099  -1.175  1.00 10.93  ? 8   G   A N3    1 
ATOM   172  C  C4    . G   A 1 8  ? 3.206   -3.974  -0.172  1.00 10.71  ? 8   G   A C4    1 
ATOM   173  P  P     . A   A 1 9  ? -1.273  -7.176  -2.475  1.00 13.18  ? 9   A   A P     1 
ATOM   174  O  OP1   . A   A 1 9  ? -2.579  -7.610  -3.063  1.00 15.51  ? 9   A   A OP1   1 
ATOM   175  O  OP2   . A   A 1 9  ? -0.483  -8.132  -1.652  1.00 13.81  ? 9   A   A OP2   1 
ATOM   176  O  "O5'" . A   A 1 9  ? -0.309  -6.679  -3.640  1.00 12.32  ? 9   A   A "O5'" 1 
ATOM   177  C  "C5'" . A   A 1 9  ? -0.756  -5.707  -4.570  1.00 13.36  ? 9   A   A "C5'" 1 
ATOM   178  C  "C4'" . A   A 1 9  ? 0.328   -5.343  -5.546  1.00 13.85  ? 9   A   A "C4'" 1 
ATOM   179  O  "O4'" . A   A 1 9  ? 1.386   -4.604  -4.883  1.00 14.12  ? 9   A   A "O4'" 1 
ATOM   180  C  "C3'" . A   A 1 9  ? 1.061   -6.499  -6.196  1.00 11.63  ? 9   A   A "C3'" 1 
ATOM   181  O  "O3'" . A   A 1 9  ? 0.302   -7.119  -7.217  1.00 14.70  ? 9   A   A "O3'" 1 
ATOM   182  C  "C2'" . A   A 1 9  ? 2.333   -5.821  -6.686  1.00 15.49  ? 9   A   A "C2'" 1 
ATOM   183  O  "O2'" . A   A 1 9  ? 2.065   -5.050  -7.850  1.00 16.98  ? 9   A   A "O2'" 1 
ATOM   184  C  "C1'" . A   A 1 9  ? 2.614   -4.855  -5.533  1.00 13.48  ? 9   A   A "C1'" 1 
ATOM   185  N  N9    . A   A 1 9  ? 3.563   -5.416  -4.555  1.00 12.22  ? 9   A   A N9    1 
ATOM   186  C  C8    . A   A 1 9  ? 3.294   -6.062  -3.367  1.00 13.31  ? 9   A   A C8    1 
ATOM   187  N  N7    . A   A 1 9  ? 4.370   -6.441  -2.719  1.00 11.91  ? 9   A   A N7    1 
ATOM   188  C  C5    . A   A 1 9  ? 5.418   -6.008  -3.523  1.00 11.84  ? 9   A   A C5    1 
ATOM   189  C  C6    . A   A 1 9  ? 6.820   -6.100  -3.406  1.00 9.64   ? 9   A   A C6    1 
ATOM   190  N  N6    . A   A 1 9  ? 7.445   -6.675  -2.373  1.00 9.54   ? 9   A   A N6    1 
ATOM   191  N  N1    . A   A 1 9  ? 7.562   -5.559  -4.397  1.00 10.75  ? 9   A   A N1    1 
ATOM   192  C  C2    . A   A 1 9  ? 6.947   -4.980  -5.440  1.00 11.41  ? 9   A   A C2    1 
ATOM   193  N  N3    . A   A 1 9  ? 5.642   -4.834  -5.652  1.00 12.08  ? 9   A   A N3    1 
ATOM   194  C  C4    . A   A 1 9  ? 4.933   -5.373  -4.650  1.00 9.58   ? 9   A   A C4    1 
ATOM   195  P  P     . C   A 1 10 ? 0.346   -8.714  -7.426  1.00 14.21  ? 10  C   A P     1 
ATOM   196  O  OP1   . C   A 1 10 ? -0.793  -9.076  -8.313  1.00 16.75  ? 10  C   A OP1   1 
ATOM   197  O  OP2   . C   A 1 10 ? 0.520   -9.409  -6.134  1.00 16.47  ? 10  C   A OP2   1 
ATOM   198  O  "O5'" . C   A 1 10 ? 1.694   -8.946  -8.236  1.00 14.07  ? 10  C   A "O5'" 1 
ATOM   199  C  "C5'" . C   A 1 10 ? 1.876   -8.377  -9.517  1.00 17.69  ? 10  C   A "C5'" 1 
ATOM   200  C  "C4'" . C   A 1 10 ? 3.336   -8.291  -9.852  1.00 13.74  ? 10  C   A "C4'" 1 
ATOM   201  O  "O4'" . C   A 1 10 ? 4.010   -7.469  -8.862  1.00 15.38  ? 10  C   A "O4'" 1 
ATOM   202  C  "C3'" . C   A 1 10 ? 4.112   -9.597  -9.803  1.00 13.79  ? 10  C   A "C3'" 1 
ATOM   203  O  "O3'" . C   A 1 10 ? 3.906   -10.433 -10.928 1.00 15.79  ? 10  C   A "O3'" 1 
ATOM   204  C  "C2'" . C   A 1 10 ? 5.536   -9.097  -9.656  1.00 14.90  ? 10  C   A "C2'" 1 
ATOM   205  O  "O2'" . C   A 1 10 ? 5.967   -8.520  -10.883 1.00 17.19  ? 10  C   A "O2'" 1 
ATOM   206  C  "C1'" . C   A 1 10 ? 5.330   -7.949  -8.674  1.00 14.53  ? 10  C   A "C1'" 1 
ATOM   207  N  N1    . C   A 1 10 ? 5.481   -8.371  -7.262  1.00 12.62  ? 10  C   A N1    1 
ATOM   208  C  C2    . C   A 1 10 ? 6.762   -8.422  -6.721  1.00 10.77  ? 10  C   A C2    1 
ATOM   209  O  O2    . C   A 1 10 ? 7.715   -8.113  -7.454  1.00 11.52  ? 10  C   A O2    1 
ATOM   210  N  N3    . C   A 1 10 ? 6.919   -8.785  -5.424  1.00 8.25   ? 10  C   A N3    1 
ATOM   211  C  C4    . C   A 1 10 ? 5.869   -9.118  -4.680  1.00 9.68   ? 10  C   A C4    1 
ATOM   212  N  N4    . C   A 1 10 ? 6.079   -9.472  -3.408  1.00 10.90  ? 10  C   A N4    1 
ATOM   213  C  C5    . C   A 1 10 ? 4.549   -9.081  -5.212  1.00 9.77   ? 10  C   A C5    1 
ATOM   214  C  C6    . C   A 1 10 ? 4.403   -8.706  -6.488  1.00 11.96  ? 10  C   A C6    1 
ATOM   215  P  P     . C   A 1 11 ? 3.886   -12.031 -10.749 1.00 15.66  ? 11  C   A P     1 
ATOM   216  O  OP1   . C   A 1 11 ? 3.476   -12.599 -12.061 1.00 22.90  ? 11  C   A OP1   1 
ATOM   217  O  OP2   . C   A 1 11 ? 3.129   -12.374 -9.519  1.00 19.98  ? 11  C   A OP2   1 
ATOM   218  O  "O5'" . C   A 1 11 ? 5.403   -12.418 -10.482 1.00 15.19  ? 11  C   A "O5'" 1 
ATOM   219  C  "C5'" . C   A 1 11 ? 6.376   -12.244 -11.497 1.00 19.41  ? 11  C   A "C5'" 1 
ATOM   220  C  "C4'" . C   A 1 11 ? 7.763   -12.403 -10.942 1.00 12.59  ? 11  C   A "C4'" 1 
ATOM   221  O  "O4'" . C   A 1 11 ? 7.968   -11.469 -9.853  1.00 13.89  ? 11  C   A "O4'" 1 
ATOM   222  C  "C3'" . C   A 1 11 ? 8.085   -13.752 -10.323 1.00 13.63  ? 11  C   A "C3'" 1 
ATOM   223  O  "O3'" . C   A 1 11 ? 8.399   -14.739 -11.282 1.00 12.72  ? 11  C   A "O3'" 1 
ATOM   224  C  "C2'" . C   A 1 11 ? 9.256   -13.412 -9.425  1.00 11.91  ? 11  C   A "C2'" 1 
ATOM   225  O  "O2'" . C   A 1 11 ? 10.428  -13.230 -10.202 1.00 13.52  ? 11  C   A "O2'" 1 
ATOM   226  C  "C1'" . C   A 1 11 ? 8.829   -12.047 -8.892  1.00 13.74  ? 11  C   A "C1'" 1 
ATOM   227  N  N1    . C   A 1 11 ? 8.115   -12.151 -7.602  1.00 11.07  ? 11  C   A N1    1 
ATOM   228  C  C2    . C   A 1 11 ? 8.912   -12.350 -6.484  1.00 9.96   ? 11  C   A C2    1 
ATOM   229  O  O2    . C   A 1 11 ? 10.141  -12.444 -6.653  1.00 10.38  ? 11  C   A O2    1 
ATOM   230  N  N3    . C   A 1 11 ? 8.334   -12.441 -5.269  1.00 9.49   ? 11  C   A N3    1 
ATOM   231  C  C4    . C   A 1 11 ? 7.010   -12.350 -5.149  1.00 9.78   ? 11  C   A C4    1 
ATOM   232  N  N4    . C   A 1 11 ? 6.485   -12.446 -3.924  1.00 11.87  ? 11  C   A N4    1 
ATOM   233  C  C5    . C   A 1 11 ? 6.167   -12.148 -6.283  1.00 13.41  ? 11  C   A C5    1 
ATOM   234  C  C6    . C   A 1 11 ? 6.755   -12.053 -7.482  1.00 12.69  ? 11  C   A C6    1 
ATOM   235  P  P     . C   A 1 12 ? 8.148   -16.291 -10.961 1.00 15.63  ? 12  C   A P     1 
ATOM   236  O  OP1   . C   A 1 12 ? 8.523   -17.036 -12.188 1.00 17.84  ? 12  C   A OP1   1 
ATOM   237  O  OP2   . C   A 1 12 ? 6.791   -16.407 -10.358 1.00 15.66  ? 12  C   A OP2   1 
ATOM   238  O  "O5'" . C   A 1 12 ? 9.201   -16.658 -9.830  1.00 14.41  ? 12  C   A "O5'" 1 
ATOM   239  C  "C5'" . C   A 1 12 ? 10.593  -16.671 -10.113 1.00 17.59  ? 12  C   A "C5'" 1 
ATOM   240  C  "C4'" . C   A 1 12 ? 11.396  -17.090 -8.907  1.00 15.73  ? 12  C   A "C4'" 1 
ATOM   241  O  "O4'" . C   A 1 12 ? 11.259  -16.113 -7.845  1.00 12.72  ? 12  C   A "O4'" 1 
ATOM   242  C  "C3'" . C   A 1 12 ? 10.971  -18.389 -8.251  1.00 15.89  ? 12  C   A "C3'" 1 
ATOM   243  O  "O3'" . C   A 1 12 ? 11.420  -19.530 -8.961  1.00 17.28  ? 12  C   A "O3'" 1 
ATOM   244  C  "C2'" . C   A 1 12 ? 11.564  -18.252 -6.854  1.00 14.76  ? 12  C   A "C2'" 1 
ATOM   245  O  "O2'" . C   A 1 12 ? 12.962  -18.487 -6.887  1.00 15.97  ? 12  C   A "O2'" 1 
ATOM   246  C  "C1'" . C   A 1 12 ? 11.350  -16.761 -6.590  1.00 11.71  ? 12  C   A "C1'" 1 
ATOM   247  N  N1    . C   A 1 12 ? 10.113  -16.498 -5.826  1.00 9.34   ? 12  C   A N1    1 
ATOM   248  C  C2    . C   A 1 12 ? 10.150  -16.649 -4.433  1.00 7.67   ? 12  C   A C2    1 
ATOM   249  O  O2    . C   A 1 12 ? 11.208  -17.028 -3.916  1.00 12.89  ? 12  C   A O2    1 
ATOM   250  N  N3    . C   A 1 12 ? 9.033   -16.395 -3.710  1.00 10.26  ? 12  C   A N3    1 
ATOM   251  C  C4    . C   A 1 12 ? 7.911   -16.008 -4.325  1.00 11.10  ? 12  C   A C4    1 
ATOM   252  N  N4    . C   A 1 12 ? 6.823   -15.772 -3.590  1.00 14.93  ? 12  C   A N4    1 
ATOM   253  C  C5    . C   A 1 12 ? 7.853   -15.852 -5.741  1.00 12.09  ? 12  C   A C5    1 
ATOM   254  C  C6    . C   A 1 12 ? 8.963   -16.094 -6.443  1.00 12.02  ? 12  C   A C6    1 
ATOM   255  O  "O5'" . G   B 1 1  ? 8.610   -15.271 6.258   1.00 24.64  ? 1   G   B "O5'" 1 
ATOM   256  C  "C5'" . G   B 1 1  ? 9.641   -15.921 6.994   1.00 16.64  ? 1   G   B "C5'" 1 
ATOM   257  C  "C4'" . G   B 1 1  ? 10.590  -16.668 6.090   1.00 17.17  ? 1   G   B "C4'" 1 
ATOM   258  O  "O4'" . G   B 1 1  ? 9.854   -17.626 5.290   1.00 15.67  ? 1   G   B "O4'" 1 
ATOM   259  C  "C3'" . G   B 1 1  ? 11.335  -15.823 5.068   1.00 15.05  ? 1   G   B "C3'" 1 
ATOM   260  O  "O3'" . G   B 1 1  ? 12.478  -15.194 5.612   1.00 14.01  ? 1   G   B "O3'" 1 
ATOM   261  C  "C2'" . G   B 1 1  ? 11.648  -16.827 3.968   1.00 11.75  ? 1   G   B "C2'" 1 
ATOM   262  O  "O2'" . G   B 1 1  ? 12.731  -17.672 4.329   1.00 14.51  ? 1   G   B "O2'" 1 
ATOM   263  C  "C1'" . G   B 1 1  ? 10.378  -17.669 3.978   1.00 14.72  ? 1   G   B "C1'" 1 
ATOM   264  N  N9    . G   B 1 1  ? 9.373   -17.114 3.061   1.00 11.94  ? 1   G   B N9    1 
ATOM   265  C  C8    . G   B 1 1  ? 8.146   -16.586 3.378   1.00 11.87  ? 1   G   B C8    1 
ATOM   266  N  N7    . G   B 1 1  ? 7.485   -16.179 2.331   1.00 13.99  ? 1   G   B N7    1 
ATOM   267  C  C5    . G   B 1 1  ? 8.325   -16.454 1.266   1.00 11.70  ? 1   G   B C5    1 
ATOM   268  C  C6    . G   B 1 1  ? 8.137   -16.240 -0.119  1.00 8.49   ? 1   G   B C6    1 
ATOM   269  O  O6    . G   B 1 1  ? 7.158   -15.735 -0.683  1.00 14.19  ? 1   G   B O6    1 
ATOM   270  N  N1    . G   B 1 1  ? 9.250   -16.669 -0.853  1.00 9.01   ? 1   G   B N1    1 
ATOM   271  C  C2    . G   B 1 1  ? 10.375  -17.233 -0.325  1.00 10.55  ? 1   G   B C2    1 
ATOM   272  N  N2    . G   B 1 1  ? 11.332  -17.584 -1.193  1.00 11.89  ? 1   G   B N2    1 
ATOM   273  N  N3    . G   B 1 1  ? 10.556  -17.451 0.972   1.00 11.56  ? 1   G   B N3    1 
ATOM   274  C  C4    . G   B 1 1  ? 9.493   -17.033 1.694   1.00 9.92   ? 1   G   B C4    1 
ATOM   275  P  P     . G   B 1 2  ? 12.949  -13.751 5.078   1.00 16.21  ? 2   G   B P     1 
ATOM   276  O  OP1   . G   B 1 2  ? 14.120  -13.358 5.909   1.00 21.65  ? 2   G   B OP1   1 
ATOM   277  O  OP2   . G   B 1 2  ? 11.788  -12.851 4.960   1.00 15.44  ? 2   G   B OP2   1 
ATOM   278  O  "O5'" . G   B 1 2  ? 13.470  -14.038 3.602   1.00 13.22  ? 2   G   B "O5'" 1 
ATOM   279  C  "C5'" . G   B 1 2  ? 14.646  -14.794 3.375   1.00 11.99  ? 2   G   B "C5'" 1 
ATOM   280  C  "C4'" . G   B 1 2  ? 14.941  -14.864 1.901   1.00 13.57  ? 2   G   B "C4'" 1 
ATOM   281  O  "O4'" . G   B 1 2  ? 13.878  -15.588 1.230   1.00 13.69  ? 2   G   B "O4'" 1 
ATOM   282  C  "C3'" . G   B 1 2  ? 14.971  -13.537 1.171   1.00 9.32   ? 2   G   B "C3'" 1 
ATOM   283  O  "O3'" . G   B 1 2  ? 16.165  -12.805 1.362   1.00 11.52  ? 2   G   B "O3'" 1 
ATOM   284  C  "C2'" . G   B 1 2  ? 14.729  -13.961 -0.263  1.00 9.00   ? 2   G   B "C2'" 1 
ATOM   285  O  "O2'" . G   B 1 2  ? 15.893  -14.580 -0.799  1.00 11.55  ? 2   G   B "O2'" 1 
ATOM   286  C  "C1'" . G   B 1 2  ? 13.673  -15.042 -0.058  1.00 9.26   ? 2   G   B "C1'" 1 
ATOM   287  N  N9    . G   B 1 2  ? 12.309  -14.487 -0.125  1.00 9.12   ? 2   G   B N9    1 
ATOM   288  C  C8    . G   B 1 2  ? 11.431  -14.260 0.910   1.00 9.99   ? 2   G   B C8    1 
ATOM   289  N  N7    . G   B 1 2  ? 10.295  -13.757 0.509   1.00 10.05  ? 2   G   B N7    1 
ATOM   290  C  C5    . G   B 1 2  ? 10.437  -13.641 -0.874  1.00 6.83   ? 2   G   B C5    1 
ATOM   291  C  C6    . G   B 1 2  ? 9.550   -13.161 -1.870  1.00 7.34   ? 2   G   B C6    1 
ATOM   292  O  O6    . G   B 1 2  ? 8.398   -12.726 -1.741  1.00 9.73   ? 2   G   B O6    1 
ATOM   293  N  N1    . G   B 1 2  ? 10.120  -13.218 -3.136  1.00 8.55   ? 2   G   B N1    1 
ATOM   294  C  C2    . G   B 1 2  ? 11.383  -13.667 -3.428  1.00 8.34   ? 2   G   B C2    1 
ATOM   295  N  N2    . G   B 1 2  ? 11.743  -13.628 -4.722  1.00 9.06   ? 2   G   B N2    1 
ATOM   296  N  N3    . G   B 1 2  ? 12.215  -14.133 -2.513  1.00 8.69   ? 2   G   B N3    1 
ATOM   297  C  C4    . G   B 1 2  ? 11.681  -14.079 -1.273  1.00 8.99   ? 2   G   B C4    1 
ATOM   298  P  P     . G   B 1 3  ? 16.147  -11.202 1.248   1.00 12.67  ? 3   G   B P     1 
ATOM   299  O  OP1   . G   B 1 3  ? 17.530  -10.764 1.587   1.00 15.59  ? 3   G   B OP1   1 
ATOM   300  O  OP2   . G   B 1 3  ? 14.995  -10.638 1.970   1.00 13.39  ? 3   G   B OP2   1 
ATOM   301  O  "O5'" . G   B 1 3  ? 15.892  -10.908 -0.292  1.00 12.16  ? 3   G   B "O5'" 1 
ATOM   302  C  "C5'" . G   B 1 3  ? 16.860  -11.294 -1.249  1.00 8.91   ? 3   G   B "C5'" 1 
ATOM   303  C  "C4'" . G   B 1 3  ? 16.408  -10.988 -2.647  1.00 11.38  ? 3   G   B "C4'" 1 
ATOM   304  O  "O4'" . G   B 1 3  ? 15.175  -11.686 -2.930  1.00 9.63   ? 3   G   B "O4'" 1 
ATOM   305  C  "C3'" . G   B 1 3  ? 16.076  -9.536  -2.927  1.00 10.11  ? 3   G   B "C3'" 1 
ATOM   306  O  "O3'" . G   B 1 3  ? 17.239  -8.763  -3.141  1.00 10.72  ? 3   G   B "O3'" 1 
ATOM   307  C  "C2'" . G   B 1 3  ? 15.173  -9.641  -4.143  1.00 9.57   ? 3   G   B "C2'" 1 
ATOM   308  O  "O2'" . G   B 1 3  ? 15.948  -9.890  -5.309  1.00 13.49  ? 3   G   B "O2'" 1 
ATOM   309  C  "C1'" . G   B 1 3  ? 14.390  -10.914 -3.814  1.00 9.68   ? 3   G   B "C1'" 1 
ATOM   310  N  N9    . G   B 1 3  ? 13.106  -10.640 -3.153  1.00 7.31   ? 3   G   B N9    1 
ATOM   311  C  C8    . G   B 1 3  ? 12.795  -10.792 -1.823  1.00 7.92   ? 3   G   B C8    1 
ATOM   312  N  N7    . G   B 1 3  ? 11.553  -10.484 -1.565  1.00 9.00   ? 3   G   B N7    1 
ATOM   313  C  C5    . G   B 1 3  ? 11.023  -10.106 -2.792  1.00 8.77   ? 3   G   B C5    1 
ATOM   314  C  C6    . G   B 1 3  ? 9.719   -9.672  -3.134  1.00 8.46   ? 3   G   B C6    1 
ATOM   315  O  O6    . G   B 1 3  ? 8.733   -9.521  -2.403  1.00 9.84   ? 3   G   B O6    1 
ATOM   316  N  N1    . G   B 1 3  ? 9.616   -9.377  -4.487  1.00 7.38   ? 3   G   B N1    1 
ATOM   317  C  C2    . G   B 1 3  ? 10.626  -9.511  -5.393  1.00 7.00   ? 3   G   B C2    1 
ATOM   318  N  N2    . G   B 1 3  ? 10.309  -9.176  -6.649  1.00 8.53   ? 3   G   B N2    1 
ATOM   319  N  N3    . G   B 1 3  ? 11.843  -9.913  -5.101  1.00 9.77   ? 3   G   B N3    1 
ATOM   320  C  C4    . G   B 1 3  ? 11.968  -10.199 -3.786  1.00 7.97   ? 3   G   B C4    1 
ATOM   321  P  P     . C   B 1 4  ? 17.385  -7.333  -2.446  1.00 12.80  ? 4   C   B P     1 
ATOM   322  O  OP1   . C   B 1 4  ? 18.747  -6.852  -2.812  1.00 14.78  ? 4   C   B OP1   1 
ATOM   323  O  OP2   . C   B 1 4  ? 16.968  -7.364  -1.020  1.00 12.69  ? 4   C   B OP2   1 
ATOM   324  O  "O5'" . C   B 1 4  ? 16.307  -6.437  -3.191  1.00 11.77  ? 4   C   B "O5'" 1 
ATOM   325  C  "C5'" . C   B 1 4  ? 16.475  -6.089  -4.553  1.00 15.85  ? 4   C   B "C5'" 1 
ATOM   326  C  "C4'" . C   B 1 4  ? 15.198  -5.552  -5.146  1.00 11.50  ? 4   C   B "C4'" 1 
ATOM   327  O  "O4'" . C   B 1 4  ? 14.151  -6.564  -5.122  1.00 11.11  ? 4   C   B "O4'" 1 
ATOM   328  C  "C3'" . C   B 1 4  ? 14.553  -4.371  -4.439  1.00 11.35  ? 4   C   B "C3'" 1 
ATOM   329  O  "O3'" . C   B 1 4  ? 15.208  -3.143  -4.677  1.00 13.51  ? 4   C   B "O3'" 1 
ATOM   330  C  "C2'" . C   B 1 4  ? 13.145  -4.424  -4.995  1.00 9.76   ? 4   C   B "C2'" 1 
ATOM   331  O  "O2'" . C   B 1 4  ? 13.152  -3.991  -6.353  1.00 11.94  ? 4   C   B "O2'" 1 
ATOM   332  C  "C1'" . C   B 1 4  ? 12.896  -5.934  -4.973  1.00 10.69  ? 4   C   B "C1'" 1 
ATOM   333  N  N1    . C   B 1 4  ? 12.296  -6.364  -3.689  1.00 9.74   ? 4   C   B N1    1 
ATOM   334  C  C2    . C   B 1 4  ? 10.920  -6.237  -3.542  1.00 7.34   ? 4   C   B C2    1 
ATOM   335  O  O2    . C   B 1 4  ? 10.269  -5.786  -4.491  1.00 9.60   ? 4   C   B O2    1 
ATOM   336  N  N3    . C   B 1 4  ? 10.341  -6.614  -2.382  1.00 8.90   ? 4   C   B N3    1 
ATOM   337  C  C4    . C   B 1 4  ? 11.094  -7.095  -1.386  1.00 7.36   ? 4   C   B C4    1 
ATOM   338  N  N4    . C   B 1 4  ? 10.474  -7.464  -0.264  1.00 13.08  ? 4   C   B N4    1 
ATOM   339  C  C5    . C   B 1 4  ? 12.507  -7.231  -1.501  1.00 10.31  ? 4   C   B C5    1 
ATOM   340  C  C6    . C   B 1 4  ? 13.058  -6.851  -2.661  1.00 10.75  ? 4   C   B C6    1 
ATOM   341  P  P     . C   B 1 5  ? 15.147  -1.974  -3.572  1.00 14.65  ? 5   C   B P     1 
ATOM   342  O  OP1   . C   B 1 5  ? 16.171  -0.967  -3.967  1.00 19.72  ? 5   C   B OP1   1 
ATOM   343  O  OP2   . C   B 1 5  ? 15.162  -2.520  -2.197  1.00 17.30  ? 5   C   B OP2   1 
ATOM   344  O  "O5'" . C   B 1 5  ? 13.723  -1.298  -3.809  1.00 14.04  ? 5   C   B "O5'" 1 
ATOM   345  C  "C5'" . C   B 1 5  ? 13.420  -0.658  -5.040  1.00 14.63  ? 5   C   B "C5'" 1 
ATOM   346  C  "C4'" . C   B 1 5  ? 11.937  -0.447  -5.217  1.00 15.10  ? 5   C   B "C4'" 1 
ATOM   347  O  "O4'" . C   B 1 5  ? 11.236  -1.718  -5.185  1.00 14.92  ? 5   C   B "O4'" 1 
ATOM   348  C  "C3'" . C   B 1 5  ? 11.239  0.369   -4.148  1.00 16.43  ? 5   C   B "C3'" 1 
ATOM   349  O  "O3'" . C   B 1 5  ? 11.475  1.760   -4.265  1.00 19.47  ? 5   C   B "O3'" 1 
ATOM   350  C  "C2'" . C   B 1 5  ? 9.785   -0.042  -4.337  1.00 15.11  ? 5   C   B "C2'" 1 
ATOM   351  O  "O2'" . C   B 1 5  ? 9.233   0.572   -5.493  1.00 18.25  ? 5   C   B "O2'" 1 
ATOM   352  C  "C1'" . C   B 1 5  ? 9.947   -1.535  -4.631  1.00 17.04  ? 5   C   B "C1'" 1 
ATOM   353  N  N1    . C   B 1 5  ? 9.823   -2.341  -3.396  1.00 12.87  ? 5   C   B N1    1 
ATOM   354  C  C2    . C   B 1 5  ? 8.528   -2.695  -3.016  1.00 12.37  ? 5   C   B C2    1 
ATOM   355  O  O2    . C   B 1 5  ? 7.592   -2.335  -3.736  1.00 11.51  ? 5   C   B O2    1 
ATOM   356  N  N3    . C   B 1 5  ? 8.331   -3.421  -1.895  1.00 10.28  ? 5   C   B N3    1 
ATOM   357  C  C4    . C   B 1 5  ? 9.386   -3.779  -1.162  1.00 10.07  ? 5   C   B C4    1 
ATOM   358  N  N4    . C   B 1 5  ? 9.150   -4.490  -0.060  1.00 12.59  ? 5   C   B N4    1 
ATOM   359  C  C5    . C   B 1 5  ? 10.731  -3.421  -1.507  1.00 11.48  ? 5   C   B C5    1 
ATOM   360  C  C6    . C   B 1 5  ? 10.891  -2.703  -2.631  1.00 12.08  ? 5   C   B C6    1 
ATOM   361  P  P     . C   B 1 6  ? 11.384  2.699   -2.969  1.00 19.58  ? 6   C   B P     1 
ATOM   362  O  OP1   . C   B 1 6  ? 11.873  4.035   -3.405  1.00 21.38  ? 6   C   B OP1   1 
ATOM   363  O  OP2   . C   B 1 6  ? 11.996  2.029   -1.797  1.00 19.47  ? 6   C   B OP2   1 
ATOM   364  O  "O5'" . C   B 1 6  ? 9.824   2.815   -2.685  1.00 16.61  ? 6   C   B "O5'" 1 
ATOM   365  C  "C5'" . C   B 1 6  ? 8.953   3.424   -3.623  1.00 17.52  ? 6   C   B "C5'" 1 
ATOM   366  C  "C4'" . C   B 1 6  ? 7.525   3.405   -3.140  1.00 18.04  ? 6   C   B "C4'" 1 
ATOM   367  O  "O4'" . C   B 1 6  ? 6.999   2.049   -3.188  1.00 17.43  ? 6   C   B "O4'" 1 
ATOM   368  C  "C3'" . C   B 1 6  ? 7.298   3.814   -1.695  1.00 16.14  ? 6   C   B "C3'" 1 
ATOM   369  O  "O3'" . C   B 1 6  ? 7.384   5.208   -1.453  1.00 20.82  ? 6   C   B "O3'" 1 
ATOM   370  C  "C2'" . C   B 1 6  ? 5.932   3.206   -1.413  1.00 15.21  ? 6   C   B "C2'" 1 
ATOM   371  O  "O2'" . C   B 1 6  ? 4.911   3.963   -2.045  1.00 20.89  ? 6   C   B "O2'" 1 
ATOM   372  C  "C1'" . C   B 1 6  ? 6.062   1.867   -2.138  1.00 15.05  ? 6   C   B "C1'" 1 
ATOM   373  N  N1    . C   B 1 6  ? 6.559   0.820   -1.215  1.00 11.99  ? 6   C   B N1    1 
ATOM   374  C  C2    . C   B 1 6  ? 5.622   0.171   -0.400  1.00 11.07  ? 6   C   B C2    1 
ATOM   375  O  O2    . C   B 1 6  ? 4.438   0.479   -0.502  1.00 13.51  ? 6   C   B O2    1 
ATOM   376  N  N3    . C   B 1 6  ? 6.030   -0.776  0.471   1.00 11.13  ? 6   C   B N3    1 
ATOM   377  C  C4    . C   B 1 6  ? 7.321   -1.080  0.555   1.00 10.78  ? 6   C   B C4    1 
ATOM   378  N  N4    . C   B 1 6  ? 7.698   -2.012  1.432   1.00 12.61  ? 6   C   B N4    1 
ATOM   379  C  C5    . C   B 1 6  ? 8.309   -0.425  -0.246  1.00 12.88  ? 6   C   B C5    1 
ATOM   380  C  C6    . C   B 1 6  ? 7.883   0.505   -1.109  1.00 13.44  ? 6   C   B C6    1 
ATOM   381  P  P     . G   B 1 7  ? 7.881   5.731   -0.015  1.00 22.74  ? 7   G   B P     1 
ATOM   382  O  OP1   . G   B 1 7  ? 7.916   7.215   -0.063  1.00 26.57  ? 7   G   B OP1   1 
ATOM   383  O  OP2   . G   B 1 7  ? 9.100   4.991   0.387   1.00 24.01  ? 7   G   B OP2   1 
ATOM   384  O  "O5'" . G   B 1 7  ? 6.704   5.308   0.972   1.00 20.91  ? 7   G   B "O5'" 1 
ATOM   385  C  "C5'" . G   B 1 7  ? 5.405   5.850   0.815   1.00 19.35  ? 7   G   B "C5'" 1 
ATOM   386  C  "C4'" . G   B 1 7  ? 4.417   5.201   1.749   1.00 15.44  ? 7   G   B "C4'" 1 
ATOM   387  O  "O4'" . G   B 1 7  ? 4.284   3.784   1.440   1.00 14.87  ? 7   G   B "O4'" 1 
ATOM   388  C  "C3'" . G   B 1 7  ? 4.781   5.202   3.224   1.00 16.26  ? 7   G   B "C3'" 1 
ATOM   389  O  "O3'" . G   B 1 7  ? 4.585   6.447   3.869   1.00 21.26  ? 7   G   B "O3'" 1 
ATOM   390  C  "C2'" . G   B 1 7  ? 3.895   4.091   3.757   1.00 12.91  ? 7   G   B "C2'" 1 
ATOM   391  O  "O2'" . G   B 1 7  ? 2.544   4.523   3.807   1.00 13.96  ? 7   G   B "O2'" 1 
ATOM   392  C  "C1'" . G   B 1 7  ? 4.025   3.066   2.633   1.00 12.28  ? 7   G   B "C1'" 1 
ATOM   393  N  N9    . G   B 1 7  ? 5.145   2.150   2.903   1.00 10.08  ? 7   G   B N9    1 
ATOM   394  C  C8    . G   B 1 7  ? 6.411   2.131   2.362   1.00 12.26  ? 7   G   B C8    1 
ATOM   395  N  N7    . G   B 1 7  ? 7.159   1.190   2.879   1.00 11.80  ? 7   G   B N7    1 
ATOM   396  C  C5    . G   B 1 7  ? 6.349   0.558   3.814   1.00 10.17  ? 7   G   B C5    1 
ATOM   397  C  C6    . G   B 1 7  ? 6.598   -0.543  4.683   1.00 10.88  ? 7   G   B C6    1 
ATOM   398  O  O6    . G   B 1 7  ? 7.630   -1.208  4.814   1.00 12.10  ? 7   G   B O6    1 
ATOM   399  N  N1    . G   B 1 7  ? 5.488   -0.841  5.471   1.00 10.91  ? 7   G   B N1    1 
ATOM   400  C  C2    . G   B 1 7  ? 4.290   -0.172  5.421   1.00 11.17  ? 7   G   B C2    1 
ATOM   401  N  N2    . G   B 1 7  ? 3.343   -0.599  6.268   1.00 13.30  ? 7   G   B N2    1 
ATOM   402  N  N3    . G   B 1 7  ? 4.042   0.851   4.609   1.00 10.48  ? 7   G   B N3    1 
ATOM   403  C  C4    . G   B 1 7  ? 5.110   1.157   3.848   1.00 10.01  ? 7   G   B C4    1 
ATOM   404  P  P     . G   B 1 8  ? 5.653   6.976   4.953   1.00 21.88  ? 8   G   B P     1 
ATOM   405  O  OP1   . G   B 1 8  ? 5.220   8.347   5.328   1.00 27.42  ? 8   G   B OP1   1 
ATOM   406  O  OP2   . G   B 1 8  ? 7.028   6.785   4.444   1.00 21.05  ? 8   G   B OP2   1 
ATOM   407  O  "O5'" . G   B 1 8  ? 5.454   6.022   6.213   1.00 19.26  ? 8   G   B "O5'" 1 
ATOM   408  C  "C5'" . G   B 1 8  ? 4.273   6.133   6.976   1.00 19.12  ? 8   G   B "C5'" 1 
ATOM   409  C  "C4'" . G   B 1 8  ? 4.055   4.962   7.896   1.00 13.33  ? 8   G   B "C4'" 1 
ATOM   410  O  "O4'" . G   B 1 8  ? 4.104   3.692   7.196   1.00 12.92  ? 8   G   B "O4'" 1 
ATOM   411  C  "C3'" . G   B 1 8  ? 5.039   4.753   9.024   1.00 12.22  ? 8   G   B "C3'" 1 
ATOM   412  O  "O3'" . G   B 1 8  ? 4.933   5.733   10.030  1.00 12.19  ? 8   G   B "O3'" 1 
ATOM   413  C  "C2'" . G   B 1 8  ? 4.646   3.362   9.481   1.00 13.22  ? 8   G   B "C2'" 1 
ATOM   414  O  "O2'" . G   B 1 8  ? 3.386   3.412   10.134  1.00 15.71  ? 8   G   B "O2'" 1 
ATOM   415  C  "C1'" . G   B 1 8  ? 4.449   2.676   8.126   1.00 12.88  ? 8   G   B "C1'" 1 
ATOM   416  N  N9    . G   B 1 8  ? 5.701   2.024   7.717   1.00 10.63  ? 8   G   B N9    1 
ATOM   417  C  C8    . G   B 1 8  ? 6.623   2.411   6.784   1.00 12.44  ? 8   G   B C8    1 
ATOM   418  N  N7    . G   B 1 8  ? 7.661   1.612   6.727   1.00 12.63  ? 8   G   B N7    1 
ATOM   419  C  C5    . G   B 1 8  ? 7.406   0.662   7.702   1.00 11.48  ? 8   G   B C5    1 
ATOM   420  C  C6    . G   B 1 8  ? 8.167   -0.457  8.106   1.00 8.40   ? 8   G   B C6    1 
ATOM   421  O  O6    . G   B 1 8  ? 9.247   -0.836  7.655   1.00 14.08  ? 8   G   B O6    1 
ATOM   422  N  N1    . G   B 1 8  ? 7.546   -1.166  9.129   1.00 10.25  ? 8   G   B N1    1 
ATOM   423  C  C2    . G   B 1 8  ? 6.348   -0.827  9.703   1.00 9.98   ? 8   G   B C2    1 
ATOM   424  N  N2    . G   B 1 8  ? 5.901   -1.621  10.693  1.00 11.05  ? 8   G   B N2    1 
ATOM   425  N  N3    . G   B 1 8  ? 5.626   0.217   9.326   1.00 10.17  ? 8   G   B N3    1 
ATOM   426  C  C4    . G   B 1 8  ? 6.213   0.905   8.331   1.00 12.53  ? 8   G   B C4    1 
ATOM   427  P  P     . A   B 1 9  ? 6.183   6.036   10.998  1.00 14.94  ? 9   A   B P     1 
ATOM   428  O  OP1   . A   B 1 9  ? 5.883   7.303   11.710  1.00 15.99  ? 9   A   B OP1   1 
ATOM   429  O  OP2   . A   B 1 9  ? 7.459   5.886   10.260  1.00 14.75  ? 9   A   B OP2   1 
ATOM   430  O  "O5'" . A   B 1 9  ? 6.129   4.862   12.067  1.00 13.82  ? 9   A   B "O5'" 1 
ATOM   431  C  "C5'" . A   B 1 9  ? 4.977   4.686   12.872  1.00 14.33  ? 9   A   B "C5'" 1 
ATOM   432  C  "C4'" . A   B 1 9  ? 5.094   3.459   13.725  1.00 13.99  ? 9   A   B "C4'" 1 
ATOM   433  O  "O4'" . A   B 1 9  ? 5.201   2.274   12.898  1.00 14.19  ? 9   A   B "O4'" 1 
ATOM   434  C  "C3'" . A   B 1 9  ? 6.322   3.385   14.603  1.00 14.09  ? 9   A   B "C3'" 1 
ATOM   435  O  "O3'" . A   B 1 9  ? 6.207   4.204   15.744  1.00 13.29  ? 9   A   B "O3'" 1 
ATOM   436  C  "C2'" . A   B 1 9  ? 6.397   1.899   14.906  1.00 12.39  ? 9   A   B "C2'" 1 
ATOM   437  O  "O2'" . A   B 1 9  ? 5.377   1.544   15.823  1.00 14.97  ? 9   A   B "O2'" 1 
ATOM   438  C  "C1'" . A   B 1 9  ? 6.012   1.315   13.552  1.00 11.36  ? 9   A   B "C1'" 1 
ATOM   439  N  N9    . A   B 1 9  ? 7.182   1.035   12.707  1.00 11.30  ? 9   A   B N9    1 
ATOM   440  C  C8    . A   B 1 9  ? 7.655   1.757   11.638  1.00 9.48   ? 9   A   B C8    1 
ATOM   441  N  N7    . A   B 1 9  ? 8.714   1.229   11.083  1.00 11.39  ? 9   A   B N7    1 
ATOM   442  C  C5    . A   B 1 9  ? 8.956   0.089   11.835  1.00 11.59  ? 9   A   B C5    1 
ATOM   443  C  C6    . A   B 1 9  ? 9.941   -0.910  11.740  1.00 10.71  ? 9   A   B C6    1 
ATOM   444  N  N6    . A   B 1 9  ? 10.912  -0.932  10.815  1.00 10.87  ? 9   A   B N6    1 
ATOM   445  N  N1    . A   B 1 9  ? 9.884   -1.901  12.649  1.00 11.47  ? 9   A   B N1    1 
ATOM   446  C  C2    . A   B 1 9  ? 8.922   -1.902  13.583  1.00 11.49  ? 9   A   B C2    1 
ATOM   447  N  N3    . A   B 1 9  ? 7.939   -1.024  13.763  1.00 10.96  ? 9   A   B N3    1 
ATOM   448  C  C4    . A   B 1 9  ? 8.018   -0.046  12.836  1.00 10.83  ? 9   A   B C4    1 
ATOM   449  P  P     . C   B 1 10 ? 7.384   5.215   16.146  1.00 13.55  ? 10  C   B P     1 
ATOM   450  O  OP1   . C   B 1 10 ? 6.785   6.192   17.099  1.00 16.21  ? 10  C   B OP1   1 
ATOM   451  O  OP2   . C   B 1 10 ? 8.114   5.720   14.960  1.00 13.79  ? 10  C   B OP2   1 
ATOM   452  O  "O5'" . C   B 1 10 ? 8.404   4.298   16.956  1.00 12.62  ? 10  C   B "O5'" 1 
ATOM   453  C  "C5'" . C   B 1 10 ? 7.949   3.575   18.084  1.00 14.75  ? 10  C   B "C5'" 1 
ATOM   454  C  "C4'" . C   B 1 10 ? 8.841   2.401   18.372  1.00 11.83  ? 10  C   B "C4'" 1 
ATOM   455  O  "O4'" . C   B 1 10 ? 8.765   1.438   17.288  1.00 11.27  ? 10  C   B "O4'" 1 
ATOM   456  C  "C3'" . C   B 1 10 ? 10.320  2.705   18.470  1.00 11.21  ? 10  C   B "C3'" 1 
ATOM   457  O  "O3'" . C   B 1 10 ? 10.673  3.296   19.704  1.00 11.27  ? 10  C   B "O3'" 1 
ATOM   458  C  "C2'" . C   B 1 10 ? 10.931  1.333   18.247  1.00 12.37  ? 10  C   B "C2'" 1 
ATOM   459  O  "O2'" . C   B 1 10 ? 10.750  0.526   19.406  1.00 12.14  ? 10  C   B "O2'" 1 
ATOM   460  C  "C1'" . C   B 1 10 ? 10.017  0.796   17.143  1.00 10.33  ? 10  C   B "C1'" 1 
ATOM   461  N  N1    . C   B 1 10 ? 10.536  1.096   15.783  1.00 9.32   ? 10  C   B N1    1 
ATOM   462  C  C2    . C   B 1 10 ? 11.489  0.242   15.239  1.00 11.80  ? 10  C   B C2    1 
ATOM   463  O  O2    . C   B 1 10 ? 11.857  -0.712  15.938  1.00 11.93  ? 10  C   B O2    1 
ATOM   464  N  N3    . C   B 1 10 ? 11.984  0.486   13.999  1.00 10.49  ? 10  C   B N3    1 
ATOM   465  C  C4    . C   B 1 10 ? 11.539  1.542   13.308  1.00 9.44   ? 10  C   B C4    1 
ATOM   466  N  N4    . C   B 1 10 ? 12.032  1.761   12.089  1.00 9.86   ? 10  C   B N4    1 
ATOM   467  C  C5    . C   B 1 10 ? 10.567  2.434   13.834  1.00 9.29   ? 10  C   B C5    1 
ATOM   468  C  C6    . C   B 1 10 ? 10.098  2.178   15.063  1.00 8.78   ? 10  C   B C6    1 
ATOM   469  P  P     . C   B 1 11 ? 11.649  4.565   19.746  1.00 12.43  ? 11  C   B P     1 
ATOM   470  O  OP1   . C   B 1 11 ? 11.327  5.214   21.045  1.00 14.48  ? 11  C   B OP1   1 
ATOM   471  O  OP2   . C   B 1 11 ? 11.587  5.366   18.498  1.00 14.53  ? 11  C   B OP2   1 
ATOM   472  O  "O5'" . C   B 1 11 ? 13.102  3.927   19.804  1.00 11.36  ? 11  C   B "O5'" 1 
ATOM   473  C  "C5'" . C   B 1 11 ? 13.464  3.054   20.862  1.00 11.15  ? 11  C   B "C5'" 1 
ATOM   474  C  "C4'" . C   B 1 11 ? 14.647  2.209   20.482  1.00 12.56  ? 11  C   B "C4'" 1 
ATOM   475  O  "O4'" . C   B 1 11 ? 14.300  1.334   19.381  1.00 10.20  ? 11  C   B "O4'" 1 
ATOM   476  C  "C3'" . C   B 1 11 ? 15.854  2.962   19.960  1.00 10.02  ? 11  C   B "C3'" 1 
ATOM   477  O  "O3'" . C   B 1 11 ? 16.599  3.575   20.985  1.00 10.40  ? 11  C   B "O3'" 1 
ATOM   478  C  "C2'" . C   B 1 11 ? 16.602  1.880   19.209  1.00 11.29  ? 11  C   B "C2'" 1 
ATOM   479  O  "O2'" . C   B 1 11 ? 17.248  0.999   20.128  1.00 12.25  ? 11  C   B "O2'" 1 
ATOM   480  C  "C1'" . C   B 1 11 ? 15.438  1.135   18.559  1.00 11.81  ? 11  C   B "C1'" 1 
ATOM   481  N  N1    . C   B 1 11 ? 15.141  1.659   17.200  1.00 11.26  ? 11  C   B N1    1 
ATOM   482  C  C2    . C   B 1 11 ? 15.922  1.229   16.120  1.00 9.72   ? 11  C   B C2    1 
ATOM   483  O  O2    . C   B 1 11 ? 16.848  0.439   16.336  1.00 12.05  ? 11  C   B O2    1 
ATOM   484  N  N3    . C   B 1 11 ? 15.666  1.694   14.876  1.00 9.45   ? 11  C   B N3    1 
ATOM   485  C  C4    . C   B 1 11 ? 14.662  2.546   14.700  1.00 9.30   ? 11  C   B C4    1 
ATOM   486  N  N4    . C   B 1 11 ? 14.435  2.980   13.463  1.00 11.59  ? 11  C   B N4    1 
ATOM   487  C  C5    . C   B 1 11 ? 13.841  3.007   15.773  1.00 12.35  ? 11  C   B C5    1 
ATOM   488  C  C6    . C   B 1 11 ? 14.119  2.542   17.001  1.00 9.99   ? 11  C   B C6    1 
ATOM   489  P  P     . C   B 1 12 ? 17.380  4.936   20.677  1.00 13.64  ? 12  C   B P     1 
ATOM   490  O  OP1   . C   B 1 12 ? 17.955  5.392   21.971  1.00 15.28  ? 12  C   B OP1   1 
ATOM   491  O  OP2   . C   B 1 12 ? 16.461  5.849   19.963  1.00 15.85  ? 12  C   B OP2   1 
ATOM   492  O  "O5'" . C   B 1 12 ? 18.500  4.499   19.634  1.00 12.94  ? 12  C   B "O5'" 1 
ATOM   493  C  "C5'" . C   B 1 12 ? 19.562  3.625   20.002  1.00 14.82  ? 12  C   B "C5'" 1 
ATOM   494  C  "C4'" . C   B 1 12 ? 20.422  3.240   18.820  1.00 19.29  ? 12  C   B "C4'" 1 
ATOM   495  O  "O4'" . C   B 1 12 ? 19.626  2.571   17.804  1.00 15.32  ? 12  C   B "O4'" 1 
ATOM   496  C  "C3'" . C   B 1 12 ? 21.089  4.376   18.064  1.00 16.90  ? 12  C   B "C3'" 1 
ATOM   497  O  "O3'" . C   B 1 12 ? 22.241  4.872   18.722  1.00 22.17  ? 12  C   B "O3'" 1 
ATOM   498  C  "C2'" . C   B 1 12 ? 21.386  3.733   16.715  1.00 18.15  ? 12  C   B "C2'" 1 
ATOM   499  O  "O2'" . C   B 1 12 ? 22.510  2.869   16.807  1.00 24.41  ? 12  C   B "O2'" 1 
ATOM   500  C  "C1'" . C   B 1 12 ? 20.142  2.867   16.520  1.00 15.59  ? 12  C   B "C1'" 1 
ATOM   501  N  N1    . C   B 1 12 ? 19.107  3.568   15.727  1.00 14.30  ? 12  C   B N1    1 
ATOM   502  C  C2    . C   B 1 12 ? 19.241  3.547   14.336  1.00 12.80  ? 12  C   B C2    1 
ATOM   503  O  O2    . C   B 1 12 ? 20.207  2.949   13.840  1.00 14.15  ? 12  C   B O2    1 
ATOM   504  N  N3    . C   B 1 12 ? 18.320  4.176   13.574  1.00 11.25  ? 12  C   B N3    1 
ATOM   505  C  C4    . C   B 1 12 ? 17.300  4.802   14.155  1.00 12.32  ? 12  C   B C4    1 
ATOM   506  N  N4    . C   B 1 12 ? 16.419  5.415   13.364  1.00 14.03  ? 12  C   B N4    1 
ATOM   507  C  C5    . C   B 1 12 ? 17.141  4.854   15.575  1.00 14.07  ? 12  C   B C5    1 
ATOM   508  C  C6    . C   B 1 12 ? 18.057  4.217   16.314  1.00 13.75  ? 12  C   B C6    1 
ATOM   509  O  "O5'" . G   C 1 1  ? -3.802  2.884   -16.817 1.00 24.63  ? 1   G   C "O5'" 1 
ATOM   510  C  "C5'" . G   C 1 1  ? -3.092  4.006   -17.323 1.00 23.70  ? 1   G   C "C5'" 1 
ATOM   511  C  "C4'" . G   C 1 1  ? -3.988  4.949   -18.088 1.00 19.85  ? 1   G   C "C4'" 1 
ATOM   512  O  "O4'" . G   C 1 1  ? -4.699  4.219   -19.120 1.00 20.59  ? 1   G   C "O4'" 1 
ATOM   513  C  "C3'" . G   C 1 1  ? -5.096  5.633   -17.298 1.00 17.58  ? 1   G   C "C3'" 1 
ATOM   514  O  "O3'" . G   C 1 1  ? -4.651  6.762   -16.572 1.00 21.70  ? 1   G   C "O3'" 1 
ATOM   515  C  "C2'" . G   C 1 1  ? -6.100  5.984   -18.382 1.00 21.60  ? 1   G   C "C2'" 1 
ATOM   516  O  "O2'" . G   C 1 1  ? -5.658  7.119   -19.114 1.00 23.81  ? 1   G   C "O2'" 1 
ATOM   517  C  "C1'" . G   C 1 1  ? -5.994  4.759   -19.286 1.00 17.33  ? 1   G   C "C1'" 1 
ATOM   518  N  N9    . G   C 1 1  ? -6.977  3.726   -18.928 1.00 15.80  ? 1   G   C N9    1 
ATOM   519  C  C8    . G   C 1 1  ? -6.719  2.481   -18.424 1.00 14.98  ? 1   G   C C8    1 
ATOM   520  N  N7    . G   C 1 1  ? -7.794  1.779   -18.212 1.00 19.17  ? 1   G   C N7    1 
ATOM   521  C  C5    . G   C 1 1  ? -8.821  2.612   -18.612 1.00 13.43  ? 1   G   C C5    1 
ATOM   522  C  C6    . G   C 1 1  ? -10.217 2.387   -18.606 1.00 12.02  ? 1   G   C C6    1 
ATOM   523  O  O6    . G   C 1 1  ? -10.805 1.368   -18.243 1.00 16.76  ? 1   G   C O6    1 
ATOM   524  N  N1    . G   C 1 1  ? -10.909 3.492   -19.089 1.00 14.77  ? 1   G   C N1    1 
ATOM   525  C  C2    . G   C 1 1  ? -10.334 4.669   -19.516 1.00 9.20   ? 1   G   C C2    1 
ATOM   526  N  N2    . G   C 1 1  ? -11.161 5.631   -19.948 1.00 14.28  ? 1   G   C N2    1 
ATOM   527  N  N3    . G   C 1 1  ? -9.021  4.889   -19.523 1.00 14.07  ? 1   G   C N3    1 
ATOM   528  C  C4    . G   C 1 1  ? -8.348  3.822   -19.059 1.00 11.15  ? 1   G   C C4    1 
ATOM   529  P  P     . G   C 1 2  ? -5.308  7.114   -15.148 1.00 21.24  ? 2   G   C P     1 
ATOM   530  O  OP1   . G   C 1 2  ? -4.463  8.171   -14.530 1.00 23.60  ? 2   G   C OP1   1 
ATOM   531  O  OP2   . G   C 1 2  ? -5.498  5.830   -14.432 1.00 20.46  ? 2   G   C OP2   1 
ATOM   532  O  "O5'" . G   C 1 2  ? -6.717  7.761   -15.501 1.00 20.32  ? 2   G   C "O5'" 1 
ATOM   533  C  "C5'" . G   C 1 2  ? -6.796  9.012   -16.168 1.00 19.73  ? 2   G   C "C5'" 1 
ATOM   534  C  "C4'" . G   C 1 2  ? -8.222  9.380   -16.485 1.00 21.03  ? 2   G   C "C4'" 1 
ATOM   535  O  "O4'" . G   C 1 2  ? -8.766  8.441   -17.454 1.00 19.88  ? 2   G   C "O4'" 1 
ATOM   536  C  "C3'" . G   C 1 2  ? -9.203  9.303   -15.327 1.00 22.22  ? 2   G   C "C3'" 1 
ATOM   537  O  "O3'" . G   C 1 2  ? -9.152  10.409  -14.444 1.00 23.18  ? 2   G   C "O3'" 1 
ATOM   538  C  "C2'" . G   C 1 2  ? -10.532 9.145   -16.046 1.00 17.93  ? 2   G   C "C2'" 1 
ATOM   539  O  "O2'" . G   C 1 2  ? -10.948 10.368  -16.635 1.00 22.22  ? 2   G   C "O2'" 1 
ATOM   540  C  "C1'" . G   C 1 2  ? -10.128 8.192   -17.162 1.00 18.13  ? 2   G   C "C1'" 1 
ATOM   541  N  N9    . G   C 1 2  ? -10.254 6.798   -16.714 1.00 15.13  ? 2   G   C N9    1 
ATOM   542  C  C8    . G   C 1 2  ? -9.253  5.942   -16.338 1.00 13.54  ? 2   G   C C8    1 
ATOM   543  N  N7    . G   C 1 2  ? -9.686  4.772   -15.967 1.00 14.86  ? 2   G   C N7    1 
ATOM   544  C  C5    . G   C 1 2  ? -11.069 4.866   -16.101 1.00 9.73   ? 2   G   C C5    1 
ATOM   545  C  C6    . G   C 1 2  ? -12.085 3.901   -15.846 1.00 8.24   ? 2   G   C C6    1 
ATOM   546  O  O6    . G   C 1 2  ? -11.971 2.735   -15.457 1.00 13.42  ? 2   G   C O6    1 
ATOM   547  N  N1    . G   C 1 2  ? -13.343 4.431   -16.112 1.00 11.92  ? 2   G   C N1    1 
ATOM   548  C  C2    . G   C 1 2  ? -13.608 5.695   -16.556 1.00 13.48  ? 2   G   C C2    1 
ATOM   549  N  N2    . G   C 1 2  ? -14.902 5.998   -16.747 1.00 15.52  ? 2   G   C N2    1 
ATOM   550  N  N3    . G   C 1 2  ? -12.669 6.600   -16.797 1.00 14.24  ? 2   G   C N3    1 
ATOM   551  C  C4    . G   C 1 2  ? -11.438 6.113   -16.550 1.00 12.44  ? 2   G   C C4    1 
ATOM   552  P  P     . G   C 1 3  ? -9.485  10.199  -12.883 1.00 21.98  ? 3   G   C P     1 
ATOM   553  O  OP1   . G   C 1 3  ? -9.229  11.486  -12.188 1.00 24.51  ? 3   G   C OP1   1 
ATOM   554  O  OP2   . G   C 1 3  ? -8.835  8.956   -12.400 1.00 22.65  ? 3   G   C OP2   1 
ATOM   555  O  "O5'" . G   C 1 3  ? -11.053 9.931   -12.851 1.00 19.50  ? 3   G   C "O5'" 1 
ATOM   556  C  "C5'" . G   C 1 3  ? -11.965 10.889  -13.356 1.00 18.97  ? 3   G   C "C5'" 1 
ATOM   557  C  "C4'" . G   C 1 3  ? -13.361 10.335  -13.390 1.00 14.45  ? 3   G   C "C4'" 1 
ATOM   558  O  "O4'" . G   C 1 3  ? -13.393 9.132   -14.200 1.00 13.76  ? 3   G   C "O4'" 1 
ATOM   559  C  "C3'" . G   C 1 3  ? -13.932 9.891   -12.055 1.00 15.95  ? 3   G   C "C3'" 1 
ATOM   560  O  "O3'" . G   C 1 3  ? -14.441 10.978  -11.303 1.00 18.03  ? 3   G   C "O3'" 1 
ATOM   561  C  "C2'" . G   C 1 3  ? -15.003 8.901   -12.474 1.00 13.27  ? 3   G   C "C2'" 1 
ATOM   562  O  "O2'" . G   C 1 3  ? -16.155 9.595   -12.936 1.00 18.20  ? 3   G   C "O2'" 1 
ATOM   563  C  "C1'" . G   C 1 3  ? -14.340 8.228   -13.674 1.00 14.43  ? 3   G   C "C1'" 1 
ATOM   564  N  N9    . G   C 1 3  ? -13.666 6.963   -13.323 1.00 10.45  ? 3   G   C N9    1 
ATOM   565  C  C8    . G   C 1 3  ? -12.321 6.705   -13.234 1.00 11.19  ? 3   G   C C8    1 
ATOM   566  N  N7    . G   C 1 3  ? -12.059 5.461   -12.919 1.00 14.13  ? 3   G   C N7    1 
ATOM   567  C  C5    . G   C 1 3  ? -13.309 4.859   -12.804 1.00 9.78   ? 3   G   C C5    1 
ATOM   568  C  C6    . G   C 1 3  ? -13.682 3.522   -12.493 1.00 11.24  ? 3   G   C C6    1 
ATOM   569  O  O6    . G   C 1 3  ? -12.955 2.558   -12.253 1.00 11.56  ? 3   G   C O6    1 
ATOM   570  N  N1    . G   C 1 3  ? -15.066 3.360   -12.475 1.00 9.48   ? 3   G   C N1    1 
ATOM   571  C  C2    . G   C 1 3  ? -15.972 4.354   -12.742 1.00 11.47  ? 3   G   C C2    1 
ATOM   572  N  N2    . G   C 1 3  ? -17.265 4.010   -12.688 1.00 14.20  ? 3   G   C N2    1 
ATOM   573  N  N3    . G   C 1 3  ? -15.638 5.602   -13.028 1.00 10.76  ? 3   G   C N3    1 
ATOM   574  C  C4    . G   C 1 3  ? -14.307 5.776   -13.057 1.00 9.69   ? 3   G   C C4    1 
ATOM   575  P  P     . C   C 1 4  ? -14.062 11.146  -9.751  1.00 15.38  ? 4   C   C P     1 
ATOM   576  O  OP1   . C   C 1 4  ? -14.556 12.491  -9.353  1.00 22.61  ? 4   C   C OP1   1 
ATOM   577  O  OP2   . C   C 1 4  ? -12.647 10.765  -9.513  1.00 14.97  ? 4   C   C OP2   1 
ATOM   578  O  "O5'" . C   C 1 4  ? -14.979 10.073  -9.020  1.00 13.73  ? 4   C   C "O5'" 1 
ATOM   579  C  "C5'" . C   C 1 4  ? -16.387 10.062  -9.188  1.00 12.87  ? 4   C   C "C5'" 1 
ATOM   580  C  "C4'" . C   C 1 4  ? -16.947 8.682   -8.950  1.00 13.35  ? 4   C   C "C4'" 1 
ATOM   581  O  "O4'" . C   C 1 4  ? -16.423 7.761   -9.945  1.00 12.94  ? 4   C   C "O4'" 1 
ATOM   582  C  "C3'" . C   C 1 4  ? -16.576 8.037   -7.624  1.00 11.69  ? 4   C   C "C3'" 1 
ATOM   583  O  "O3'" . C   C 1 4  ? -17.375 8.503   -6.549  1.00 13.79  ? 4   C   C "O3'" 1 
ATOM   584  C  "C2'" . C   C 1 4  ? -16.740 6.552   -7.928  1.00 12.80  ? 4   C   C "C2'" 1 
ATOM   585  O  "O2'" . C   C 1 4  ? -18.110 6.189   -7.921  1.00 14.34  ? 4   C   C "O2'" 1 
ATOM   586  C  "C1'" . C   C 1 4  ? -16.228 6.486   -9.366  1.00 14.19  ? 4   C   C "C1'" 1 
ATOM   587  N  N1    . C   C 1 4  ? -14.784 6.157   -9.400  1.00 11.08  ? 4   C   C N1    1 
ATOM   588  C  C2    . C   C 1 4  ? -14.434 4.805   -9.327  1.00 12.22  ? 4   C   C C2    1 
ATOM   589  O  O2    . C   C 1 4  ? -15.350 3.974   -9.239  1.00 12.31  ? 4   C   C O2    1 
ATOM   590  N  N3    . C   C 1 4  ? -13.128 4.459   -9.337  1.00 11.44  ? 4   C   C N3    1 
ATOM   591  C  C4    . C   C 1 4  ? -12.186 5.400   -9.424  1.00 13.45  ? 4   C   C C4    1 
ATOM   592  N  N4    . C   C 1 4  ? -10.900 5.026   -9.438  1.00 17.71  ? 4   C   C N4    1 
ATOM   593  C  C5    . C   C 1 4  ? -12.515 6.788   -9.502  1.00 13.94  ? 4   C   C C5    1 
ATOM   594  C  C6    . C   C 1 4  ? -13.813 7.116   -9.491  1.00 14.16  ? 4   C   C C6    1 
ATOM   595  P  P     . C   C 1 5  ? -16.975 8.202   -5.024  1.00 12.53  ? 5   C   C P     1 
ATOM   596  O  OP1   . C   C 1 5  ? -17.696 9.198   -4.188  1.00 14.83  ? 5   C   C OP1   1 
ATOM   597  O  OP2   . C   C 1 5  ? -15.500 8.053   -4.903  1.00 13.57  ? 5   C   C OP2   1 
ATOM   598  O  "O5'" . C   C 1 5  ? -17.598 6.766   -4.736  1.00 10.90  ? 5   C   C "O5'" 1 
ATOM   599  C  "C5'" . C   C 1 5  ? -19.003 6.555   -4.704  1.00 13.39  ? 5   C   C "C5'" 1 
ATOM   600  C  "C4'" . C   C 1 5  ? -19.330 5.092   -4.558  1.00 13.62  ? 5   C   C "C4'" 1 
ATOM   601  O  "O4'" . C   C 1 5  ? -18.823 4.350   -5.697  1.00 15.44  ? 5   C   C "O4'" 1 
ATOM   602  C  "C3'" . C   C 1 5  ? -18.708 4.387   -3.363  1.00 13.63  ? 5   C   C "C3'" 1 
ATOM   603  O  "O3'" . C   C 1 5  ? -19.414 4.625   -2.163  1.00 17.53  ? 5   C   C "O3'" 1 
ATOM   604  C  "C2'" . C   C 1 5  ? -18.733 2.933   -3.798  1.00 14.93  ? 5   C   C "C2'" 1 
ATOM   605  O  "O2'" . C   C 1 5  ? -20.056 2.421   -3.701  1.00 16.81  ? 5   C   C "O2'" 1 
ATOM   606  C  "C1'" . C   C 1 5  ? -18.389 3.070   -5.277  1.00 13.82  ? 5   C   C "C1'" 1 
ATOM   607  N  N1    . C   C 1 5  ? -16.938 2.960   -5.559  1.00 11.15  ? 5   C   C N1    1 
ATOM   608  C  C2    . C   C 1 5  ? -16.387 1.690   -5.760  1.00 9.95   ? 5   C   C C2    1 
ATOM   609  O  O2    . C   C 1 5  ? -17.113 0.699   -5.639  1.00 12.77  ? 5   C   C O2    1 
ATOM   610  N  N3    . C   C 1 5  ? -15.073 1.578   -6.070  1.00 9.43   ? 5   C   C N3    1 
ATOM   611  C  C4    . C   C 1 5  ? -14.314 2.671   -6.195  1.00 10.72  ? 5   C   C C4    1 
ATOM   612  N  N4    . C   C 1 5  ? -13.026 2.499   -6.499  1.00 10.21  ? 5   C   C N4    1 
ATOM   613  C  C5    . C   C 1 5  ? -14.843 3.981   -5.999  1.00 10.74  ? 5   C   C C5    1 
ATOM   614  C  C6    . C   C 1 5  ? -16.153 4.068   -5.695  1.00 11.53  ? 5   C   C C6    1 
ATOM   615  P  P     . C   C 1 6  ? -18.630 4.674   -0.762  1.00 19.53  ? 6   C   C P     1 
ATOM   616  O  OP1   . C   C 1 6  ? -19.603 5.174   0.237   1.00 26.93  ? 6   C   C OP1   1 
ATOM   617  O  OP2   . C   C 1 6  ? -17.330 5.356   -0.921  1.00 20.12  ? 6   C   C OP2   1 
ATOM   618  O  "O5'" . C   C 1 6  ? -18.295 3.153   -0.444  1.00 19.20  ? 6   C   C "O5'" 1 
ATOM   619  C  "C5'" . C   C 1 6  ? -19.317 2.206   -0.200  1.00 20.30  ? 6   C   C "C5'" 1 
ATOM   620  C  "C4'" . C   C 1 6  ? -18.745 0.816   -0.153  1.00 19.32  ? 6   C   C "C4'" 1 
ATOM   621  O  "O4'" . C   C 1 6  ? -18.227 0.456   -1.464  1.00 16.86  ? 6   C   C "O4'" 1 
ATOM   622  C  "C3'" . C   C 1 6  ? -17.552 0.614   0.767   1.00 21.84  ? 6   C   C "C3'" 1 
ATOM   623  O  "O3'" . C   C 1 6  ? -17.898 0.501   2.139   1.00 22.54  ? 6   C   C "O3'" 1 
ATOM   624  C  "C2'" . C   C 1 6  ? -16.904 -0.630  0.179   1.00 19.43  ? 6   C   C "C2'" 1 
ATOM   625  O  "O2'" . C   C 1 6  ? -17.655 -1.788  0.516   1.00 23.73  ? 6   C   C "O2'" 1 
ATOM   626  C  "C1'" . C   C 1 6  ? -17.085 -0.368  -1.317  1.00 18.60  ? 6   C   C "C1'" 1 
ATOM   627  N  N1    . C   C 1 6  ? -15.911 0.325   -1.904  1.00 15.41  ? 6   C   C N1    1 
ATOM   628  C  C2    . C   C 1 6  ? -14.825 -0.450  -2.329  1.00 15.18  ? 6   C   C C2    1 
ATOM   629  O  O2    . C   C 1 6  ? -14.879 -1.685  -2.204  1.00 13.69  ? 6   C   C O2    1 
ATOM   630  N  N3    . C   C 1 6  ? -13.745 0.153   -2.867  1.00 11.62  ? 6   C   C N3    1 
ATOM   631  C  C4    . C   C 1 6  ? -13.712 1.483   -2.985  1.00 13.12  ? 6   C   C C4    1 
ATOM   632  N  N4    . C   C 1 6  ? -12.619 2.032   -3.523  1.00 11.64  ? 6   C   C N4    1 
ATOM   633  C  C5    . C   C 1 6  ? -14.794 2.303   -2.562  1.00 15.11  ? 6   C   C C5    1 
ATOM   634  C  C6    . C   C 1 6  ? -15.864 1.690   -2.031  1.00 16.36  ? 6   C   C C6    1 
ATOM   635  P  P     . G   C 1 7  ? -16.910 1.072   3.274   1.00 25.74  ? 7   G   C P     1 
ATOM   636  O  OP1   . G   C 1 7  ? -17.585 0.893   4.584   1.00 29.59  ? 7   G   C OP1   1 
ATOM   637  O  OP2   . G   C 1 7  ? -16.414 2.421   2.898   1.00 22.34  ? 7   G   C OP2   1 
ATOM   638  O  "O5'" . G   C 1 7  ? -15.685 0.060   3.246   1.00 23.76  ? 7   G   C "O5'" 1 
ATOM   639  C  "C5'" . G   C 1 7  ? -15.877 -1.305  3.581   1.00 23.33  ? 7   G   C "C5'" 1 
ATOM   640  C  "C4'" . G   C 1 7  ? -14.614 -2.104  3.402   1.00 25.43  ? 7   G   C "C4'" 1 
ATOM   641  O  "O4'" . G   C 1 7  ? -14.297 -2.237  1.989   1.00 21.94  ? 7   G   C "O4'" 1 
ATOM   642  C  "C3'" . G   C 1 7  ? -13.349 -1.507  3.994   1.00 24.01  ? 7   G   C "C3'" 1 
ATOM   643  O  "O3'" . G   C 1 7  ? -13.248 -1.673  5.400   1.00 24.79  ? 7   G   C "O3'" 1 
ATOM   644  C  "C2'" . G   C 1 7  ? -12.266 -2.231  3.213   1.00 22.64  ? 7   G   C "C2'" 1 
ATOM   645  O  "O2'" . G   C 1 7  ? -12.138 -3.570  3.668   1.00 27.13  ? 7   G   C "O2'" 1 
ATOM   646  C  "C1'" . G   C 1 7  ? -12.892 -2.269  1.822   1.00 24.64  ? 7   G   C "C1'" 1 
ATOM   647  N  N9    . G   C 1 7  ? -12.472 -1.106  1.024   1.00 18.53  ? 7   G   C N9    1 
ATOM   648  C  C8    . G   C 1 7  ? -13.147 0.069   0.795   1.00 20.37  ? 7   G   C C8    1 
ATOM   649  N  N7    . G   C 1 7  ? -12.471 0.900   0.047   1.00 17.16  ? 7   G   C N7    1 
ATOM   650  C  C5    . G   C 1 7  ? -11.289 0.227   -0.233  1.00 13.92  ? 7   G   C C5    1 
ATOM   651  C  C6    . G   C 1 7  ? -10.168 0.615   -1.008  1.00 11.43  ? 7   G   C C6    1 
ATOM   652  O  O6    . G   C 1 7  ? -10.003 1.676   -1.615  1.00 12.68  ? 7   G   C O6    1 
ATOM   653  N  N1    . G   C 1 7  ? -9.184  -0.370  -1.010  1.00 11.76  ? 7   G   C N1    1 
ATOM   654  C  C2    . G   C 1 7  ? -9.268  -1.578  -0.367  1.00 15.11  ? 7   G   C C2    1 
ATOM   655  N  N2    . G   C 1 7  ? -8.210  -2.389  -0.500  1.00 14.02  ? 7   G   C N2    1 
ATOM   656  N  N3    . G   C 1 7  ? -10.313 -1.957  0.355   1.00 16.65  ? 7   G   C N3    1 
ATOM   657  C  C4    . G   C 1 7  ? -11.270 -1.009  0.371   1.00 15.37  ? 7   G   C C4    1 
ATOM   658  P  P     . G   C 1 8  ? -12.506 -0.569  6.299   1.00 29.77  ? 8   G   C P     1 
ATOM   659  O  OP1   . G   C 1 8  ? -12.821 -0.902  7.715   1.00 33.05  ? 8   G   C OP1   1 
ATOM   660  O  OP2   . G   C 1 8  ? -12.809 0.795   5.810   1.00 25.80  ? 8   G   C OP2   1 
ATOM   661  O  "O5'" . G   C 1 8  ? -10.955 -0.850  6.052   1.00 25.24  ? 8   G   C "O5'" 1 
ATOM   662  C  "C5'" . G   C 1 8  ? -10.404 -2.128  6.328   1.00 26.08  ? 8   G   C "C5'" 1 
ATOM   663  C  "C4'" . G   C 1 8  ? -9.036  -2.302  5.716   1.00 24.16  ? 8   G   C "C4'" 1 
ATOM   664  O  "O4'" . G   C 1 8  ? -9.127  -2.291  4.266   1.00 23.19  ? 8   G   C "O4'" 1 
ATOM   665  C  "C3'" . G   C 1 8  ? -8.004  -1.225  6.018   1.00 20.67  ? 8   G   C "C3'" 1 
ATOM   666  O  "O3'" . G   C 1 8  ? -7.428  -1.334  7.311   1.00 21.71  ? 8   G   C "O3'" 1 
ATOM   667  C  "C2'" . G   C 1 8  ? -7.009  -1.426  4.886   1.00 21.05  ? 8   G   C "C2'" 1 
ATOM   668  O  "O2'" . G   C 1 8  ? -6.233  -2.590  5.117   1.00 25.72  ? 8   G   C "O2'" 1 
ATOM   669  C  "C1'" . G   C 1 8  ? -7.953  -1.718  3.720   1.00 20.02  ? 8   G   C "C1'" 1 
ATOM   670  N  N9    . G   C 1 8  ? -8.319  -0.475  3.022   1.00 18.53  ? 8   G   C N9    1 
ATOM   671  C  C8    . G   C 1 8  ? -9.489  0.214   3.179   1.00 17.60  ? 8   G   C C8    1 
ATOM   672  N  N7    . G   C 1 8  ? -9.537  1.297   2.459   1.00 19.00  ? 8   G   C N7    1 
ATOM   673  C  C5    . G   C 1 8  ? -8.321  1.335   1.798   1.00 14.39  ? 8   G   C C5    1 
ATOM   674  C  C6    . G   C 1 8  ? -7.818  2.283   0.867   1.00 11.37  ? 8   G   C C6    1 
ATOM   675  O  O6    . G   C 1 8  ? -8.364  3.312   0.453   1.00 15.94  ? 8   G   C O6    1 
ATOM   676  N  N1    . G   C 1 8  ? -6.541  1.934   0.445   1.00 11.93  ? 8   G   C N1    1 
ATOM   677  C  C2    . G   C 1 8  ? -5.838  0.818   0.841   1.00 12.11  ? 8   G   C C2    1 
ATOM   678  N  N2    . G   C 1 8  ? -4.611  0.666   0.311   1.00 15.20  ? 8   G   C N2    1 
ATOM   679  N  N3    . G   C 1 8  ? -6.302  -0.081  1.702   1.00 16.55  ? 8   G   C N3    1 
ATOM   680  C  C4    . G   C 1 8  ? -7.542  0.245   2.137   1.00 14.17  ? 8   G   C C4    1 
ATOM   681  P  P     . A   C 1 9  ? -6.770  -0.048  8.017   1.00 21.58  ? 9   A   C P     1 
ATOM   682  O  OP1   . A   C 1 9  ? -6.433  -0.409  9.420   1.00 20.79  ? 9   A   C OP1   1 
ATOM   683  O  OP2   . A   C 1 9  ? -7.604  1.140   7.752   1.00 23.28  ? 9   A   C OP2   1 
ATOM   684  O  "O5'" . A   C 1 9  ? -5.404  0.172   7.236   1.00 18.60  ? 9   A   C "O5'" 1 
ATOM   685  C  "C5'" . A   C 1 9  ? -4.375  -0.803  7.285   1.00 18.06  ? 9   A   C "C5'" 1 
ATOM   686  C  "C4'" . A   C 1 9  ? -3.187  -0.355  6.479   1.00 18.47  ? 9   A   C "C4'" 1 
ATOM   687  O  "O4'" . A   C 1 9  ? -3.558  -0.290  5.076   1.00 15.71  ? 9   A   C "O4'" 1 
ATOM   688  C  "C3'" . A   C 1 9  ? -2.672  1.044   6.779   1.00 16.03  ? 9   A   C "C3'" 1 
ATOM   689  O  "O3'" . A   C 1 9  ? -1.844  1.108   7.925   1.00 14.12  ? 9   A   C "O3'" 1 
ATOM   690  C  "C2'" . A   C 1 9  ? -1.951  1.397   5.491   1.00 15.74  ? 9   A   C "C2'" 1 
ATOM   691  O  "O2'" . A   C 1 9  ? -0.725  0.685   5.421   1.00 17.41  ? 9   A   C "O2'" 1 
ATOM   692  C  "C1'" . A   C 1 9  ? -2.898  0.793   4.458   1.00 14.80  ? 9   A   C "C1'" 1 
ATOM   693  N  N9    . A   C 1 9  ? -3.910  1.762   3.998   1.00 13.91  ? 9   A   C N9    1 
ATOM   694  C  C8    . A   C 1 9  ? -5.217  1.902   4.404   1.00 13.64  ? 9   A   C C8    1 
ATOM   695  N  N7    . A   C 1 9  ? -5.864  2.867   3.782   1.00 12.13  ? 9   A   C N7    1 
ATOM   696  C  C5    . A   C 1 9  ? -4.909  3.396   2.922   1.00 11.88  ? 9   A   C C5    1 
ATOM   697  C  C6    . A   C 1 9  ? -4.962  4.448   1.995   1.00 11.98  ? 9   A   C C6    1 
ATOM   698  N  N6    . A   C 1 9  ? -6.055  5.180   1.773   1.00 14.37  ? 9   A   C N6    1 
ATOM   699  N  N1    . A   C 1 9  ? -3.835  4.719   1.291   1.00 10.61  ? 9   A   C N1    1 
ATOM   700  C  C2    . A   C 1 9  ? -2.735  3.984   1.522   1.00 11.09  ? 9   A   C C2    1 
ATOM   701  N  N3    . A   C 1 9  ? -2.564  2.970   2.369   1.00 10.11  ? 9   A   C N3    1 
ATOM   702  C  C4    . A   C 1 9  ? -3.703  2.730   3.047   1.00 13.07  ? 9   A   C C4    1 
ATOM   703  P  P     . C   C 1 10 ? -1.878  2.402   8.867   1.00 16.27  ? 10  C   C P     1 
ATOM   704  O  OP1   . C   C 1 10 ? -0.978  2.118   10.026  1.00 20.69  ? 10  C   C OP1   1 
ATOM   705  O  OP2   . C   C 1 10 ? -3.290  2.779   9.131   1.00 19.00  ? 10  C   C OP2   1 
ATOM   706  O  "O5'" . C   C 1 10 ? -1.198  3.556   8.001   1.00 14.49  ? 10  C   C "O5'" 1 
ATOM   707  C  "C5'" . C   C 1 10 ? 0.161   3.481   7.596   1.00 14.09  ? 10  C   C "C5'" 1 
ATOM   708  C  "C4'" . C   C 1 10 ? 0.482   4.512   6.543   1.00 13.28  ? 10  C   C "C4'" 1 
ATOM   709  O  "O4'" . C   C 1 10 ? -0.325  4.282   5.355   1.00 13.89  ? 10  C   C "O4'" 1 
ATOM   710  C  "C3'" . C   C 1 10 ? 0.174   5.955   6.903   1.00 12.41  ? 10  C   C "C3'" 1 
ATOM   711  O  "O3'" . C   C 1 10 ? 1.148   6.534   7.737   1.00 11.49  ? 10  C   C "O3'" 1 
ATOM   712  C  "C2'" . C   C 1 10 ? 0.091   6.614   5.538   1.00 11.01  ? 10  C   C "C2'" 1 
ATOM   713  O  "O2'" . C   C 1 10 ? 1.391   6.792   4.994   1.00 13.74  ? 10  C   C "O2'" 1 
ATOM   714  C  "C1'" . C   C 1 10 ? -0.633  5.526   4.745   1.00 13.16  ? 10  C   C "C1'" 1 
ATOM   715  N  N1    . C   C 1 10 ? -2.096  5.723   4.804   1.00 11.54  ? 10  C   C N1    1 
ATOM   716  C  C2    . C   C 1 10 ? -2.665  6.620   3.901   1.00 10.46  ? 10  C   C C2    1 
ATOM   717  O  O2    . C   C 1 10 ? -1.905  7.199   3.114   1.00 10.83  ? 10  C   C O2    1 
ATOM   718  N  N3    . C   C 1 10 ? -4.001  6.839   3.919   1.00 10.52  ? 10  C   C N3    1 
ATOM   719  C  C4    . C   C 1 10 ? -4.768  6.191   4.796   1.00 11.68  ? 10  C   C C4    1 
ATOM   720  N  N4    . C   C 1 10 ? -6.082  6.417   4.781   1.00 12.85  ? 10  C   C N4    1 
ATOM   721  C  C5    . C   C 1 10 ? -4.216  5.261   5.729   1.00 10.46  ? 10  C   C C5    1 
ATOM   722  C  C6    . C   C 1 10 ? -2.890  5.060   5.700   1.00 12.54  ? 10  C   C C6    1 
ATOM   723  P  P     . C   C 1 11 ? 0.736   7.697   8.761   1.00 14.12  ? 11  C   C P     1 
ATOM   724  O  OP1   . C   C 1 11 ? 1.860   7.833   9.730   1.00 16.12  ? 11  C   C OP1   1 
ATOM   725  O  OP2   . C   C 1 11 ? -0.630  7.411   9.277   1.00 14.69  ? 11  C   C OP2   1 
ATOM   726  O  "O5'" . C   C 1 11 ? 0.662   9.002   7.862   1.00 13.06  ? 11  C   C "O5'" 1 
ATOM   727  C  "C5'" . C   C 1 11 ? 1.799   9.474   7.161   1.00 16.35  ? 11  C   C "C5'" 1 
ATOM   728  C  "C4'" . C   C 1 11 ? 1.395   10.565  6.218   1.00 14.15  ? 11  C   C "C4'" 1 
ATOM   729  O  "O4'" . C   C 1 11 ? 0.445   10.037  5.263   1.00 12.97  ? 11  C   C "O4'" 1 
ATOM   730  C  "C3'" . C   C 1 11 ? 0.653   11.723  6.859   1.00 14.03  ? 11  C   C "C3'" 1 
ATOM   731  O  "O3'" . C   C 1 11 ? 1.526   12.659  7.448   1.00 12.93  ? 11  C   C "O3'" 1 
ATOM   732  C  "C2'" . C   C 1 11 ? -0.129  12.293  5.692   1.00 11.71  ? 11  C   C "C2'" 1 
ATOM   733  O  "O2'" . C   C 1 11 ? 0.746   13.035  4.857   1.00 15.75  ? 11  C   C "O2'" 1 
ATOM   734  C  "C1'" . C   C 1 11 ? -0.517  11.020  4.951   1.00 12.49  ? 11  C   C "C1'" 1 
ATOM   735  N  N1    . C   C 1 11 ? -1.848  10.511  5.351   1.00 10.90  ? 11  C   C N1    1 
ATOM   736  C  C2    . C   C 1 11 ? -2.971  11.127  4.795   1.00 11.32  ? 11  C   C C2    1 
ATOM   737  O  O2    . C   C 1 11 ? -2.790  12.072  4.021   1.00 13.05  ? 11  C   C O2    1 
ATOM   738  N  N3    . C   C 1 11 ? -4.195  10.678  5.118   1.00 12.04  ? 11  C   C N3    1 
ATOM   739  C  C4    . C   C 1 11 ? -4.334  9.652   5.957   1.00 11.55  ? 11  C   C C4    1 
ATOM   740  N  N4    . C   C 1 11 ? -5.561  9.243   6.253   1.00 14.90  ? 11  C   C N4    1 
ATOM   741  C  C5    . C   C 1 11 ? -3.211  9.003   6.553   1.00 11.02  ? 11  C   C C5    1 
ATOM   742  C  C6    . C   C 1 11 ? -1.993  9.459   6.216   1.00 13.15  ? 11  C   C C6    1 
ATOM   743  P  P     . C   C 1 12 ? 1.078   13.448  8.767   1.00 16.17  ? 12  C   C P     1 
ATOM   744  O  OP1   . C   C 1 12 ? 2.235   14.316  9.133   1.00 17.80  ? 12  C   C OP1   1 
ATOM   745  O  OP2   . C   C 1 12 ? 0.508   12.480  9.737   1.00 17.44  ? 12  C   C OP2   1 
ATOM   746  O  "O5'" . C   C 1 12 ? -0.112  14.388  8.291   1.00 13.15  ? 12  C   C "O5'" 1 
ATOM   747  C  "C5'" . C   C 1 12 ? 0.145   15.488  7.434   1.00 14.56  ? 12  C   C "C5'" 1 
ATOM   748  C  "C4'" . C   C 1 12 ? -1.129  16.163  6.995   1.00 13.10  ? 12  C   C "C4'" 1 
ATOM   749  O  "O4'" . C   C 1 12 ? -1.964  15.226  6.272   1.00 11.07  ? 12  C   C "O4'" 1 
ATOM   750  C  "C3'" . C   C 1 12 ? -2.039  16.679  8.095   1.00 14.41  ? 12  C   C "C3'" 1 
ATOM   751  O  "O3'" . C   C 1 12 ? -1.594  17.904  8.657   1.00 17.11  ? 12  C   C "O3'" 1 
ATOM   752  C  "C2'" . C   C 1 12 ? -3.379  16.783  7.380   1.00 13.38  ? 12  C   C "C2'" 1 
ATOM   753  O  "O2'" . C   C 1 12 ? -3.411  17.937  6.554   1.00 16.19  ? 12  C   C "O2'" 1 
ATOM   754  C  "C1'" . C   C 1 12 ? -3.325  15.560  6.462   1.00 10.75  ? 12  C   C "C1'" 1 
ATOM   755  N  N1    . C   C 1 12 ? -4.048  14.390  7.010   1.00 10.35  ? 12  C   C N1    1 
ATOM   756  C  C2    . C   C 1 12 ? -5.430  14.347  6.823   1.00 10.47  ? 12  C   C C2    1 
ATOM   757  O  O2    . C   C 1 12 ? -5.967  15.281  6.220   1.00 12.24  ? 12  C   C O2    1 
ATOM   758  N  N3    . C   C 1 12 ? -6.140  13.302  7.299   1.00 11.39  ? 12  C   C N3    1 
ATOM   759  C  C4    . C   C 1 12 ? -5.517  12.318  7.943   1.00 11.27  ? 12  C   C C4    1 
ATOM   760  N  N4    . C   C 1 12 ? -6.246  11.289  8.396   1.00 12.90  ? 12  C   C N4    1 
ATOM   761  C  C5    . C   C 1 12 ? -4.105  12.333  8.154   1.00 10.76  ? 12  C   C C5    1 
ATOM   762  C  C6    . C   C 1 12 ? -3.414  13.380  7.673   1.00 10.37  ? 12  C   C C6    1 
ATOM   763  O  "O5'" . G   D 1 1  ? -16.059 11.155  6.159   1.00 23.32  ? 1   G   D "O5'" 1 
ATOM   764  C  "C5'" . G   D 1 1  ? -16.882 12.292  5.950   1.00 19.63  ? 1   G   D "C5'" 1 
ATOM   765  C  "C4'" . G   D 1 1  ? -16.058 13.508  5.616   1.00 14.71  ? 1   G   D "C4'" 1 
ATOM   766  O  "O4'" . G   D 1 1  ? -15.258 13.887  6.768   1.00 16.00  ? 1   G   D "O4'" 1 
ATOM   767  C  "C3'" . G   D 1 1  ? -15.035 13.331  4.509   1.00 15.90  ? 1   G   D "C3'" 1 
ATOM   768  O  "O3'" . G   D 1 1  ? -15.591 13.429  3.212   1.00 15.75  ? 1   G   D "O3'" 1 
ATOM   769  C  "C2'" . G   D 1 1  ? -14.035 14.429  4.824   1.00 12.72  ? 1   G   D "C2'" 1 
ATOM   770  O  "O2'" . G   D 1 1  ? -14.568 15.700  4.480   1.00 16.48  ? 1   G   D "O2'" 1 
ATOM   771  C  "C1'" . G   D 1 1  ? -13.989 14.340  6.341   1.00 13.66  ? 1   G   D "C1'" 1 
ATOM   772  N  N9    . G   D 1 1  ? -12.986 13.362  6.789   1.00 12.59  ? 1   G   D N9    1 
ATOM   773  C  C8    . G   D 1 1  ? -13.220 12.103  7.295   1.00 13.50  ? 1   G   D C8    1 
ATOM   774  N  N7    . G   D 1 1  ? -12.125 11.465  7.600   1.00 15.10  ? 1   G   D N7    1 
ATOM   775  C  C5    . G   D 1 1  ? -11.110 12.355  7.270   1.00 9.67   ? 1   G   D C5    1 
ATOM   776  C  C6    . G   D 1 1  ? -9.703  12.212  7.380   1.00 10.86  ? 1   G   D C6    1 
ATOM   777  O  O6    . G   D 1 1  ? -9.077  11.247  7.806   1.00 14.71  ? 1   G   D O6    1 
ATOM   778  N  N1    . G   D 1 1  ? -9.029  13.340  6.938   1.00 13.00  ? 1   G   D N1    1 
ATOM   779  C  C2    . G   D 1 1  ? -9.636  14.471  6.447   1.00 10.31  ? 1   G   D C2    1 
ATOM   780  N  N2    . G   D 1 1  ? -8.815  15.453  6.060   1.00 11.82  ? 1   G   D N2    1 
ATOM   781  N  N3    . G   D 1 1  ? -10.950 14.623  6.341   1.00 12.10  ? 1   G   D N3    1 
ATOM   782  C  C4    . G   D 1 1  ? -11.616 13.528  6.764   1.00 10.49  ? 1   G   D C4    1 
ATOM   783  P  P     . G   D 1 2  ? -14.925 12.633  1.985   1.00 17.48  ? 2   G   D P     1 
ATOM   784  O  OP1   . G   D 1 2  ? -15.818 12.909  0.829   1.00 19.88  ? 2   G   D OP1   1 
ATOM   785  O  OP2   . G   D 1 2  ? -14.629 11.238  2.390   1.00 19.83  ? 2   G   D OP2   1 
ATOM   786  O  "O5'" . G   D 1 2  ? -13.545 13.388  1.729   1.00 17.51  ? 2   G   D "O5'" 1 
ATOM   787  C  "C5'" . G   D 1 2  ? -13.532 14.736  1.295   1.00 13.33  ? 2   G   D "C5'" 1 
ATOM   788  C  "C4'" . G   D 1 2  ? -12.132 15.277  1.214   1.00 15.94  ? 2   G   D "C4'" 1 
ATOM   789  O  "O4'" . G   D 1 2  ? -11.502 15.289  2.525   1.00 13.83  ? 2   G   D "O4'" 1 
ATOM   790  C  "C3'" . G   D 1 2  ? -11.156 14.488  0.362   1.00 11.85  ? 2   G   D "C3'" 1 
ATOM   791  O  "O3'" . G   D 1 2  ? -11.359 14.688  -1.023  1.00 13.87  ? 2   G   D "O3'" 1 
ATOM   792  C  "C2'" . G   D 1 2  ? -9.822  15.000  0.878   1.00 12.56  ? 2   G   D "C2'" 1 
ATOM   793  O  "O2'" . G   D 1 2  ? -9.595  16.322  0.415   1.00 17.70  ? 2   G   D "O2'" 1 
ATOM   794  C  "C1'" . G   D 1 2  ? -10.109 15.063  2.376   1.00 12.61  ? 2   G   D "C1'" 1 
ATOM   795  N  N9    . G   D 1 2  ? -9.777  13.782  3.027   1.00 10.67  ? 2   G   D N9    1 
ATOM   796  C  C8    . G   D 1 2  ? -10.658 12.814  3.425   1.00 11.66  ? 2   G   D C8    1 
ATOM   797  N  N7    . G   D 1 2  ? -10.071 11.781  3.970   1.00 13.66  ? 2   G   D N7    1 
ATOM   798  C  C5    . G   D 1 2  ? -8.722  12.094  3.923   1.00 10.09  ? 2   G   D C5    1 
ATOM   799  C  C6    . G   D 1 2  ? -7.609  11.343  4.374   1.00 8.83   ? 2   G   D C6    1 
ATOM   800  O  O6    . G   D 1 2  ? -7.622  10.227  4.900   1.00 14.24  ? 2   G   D O6    1 
ATOM   801  N  N1    . G   D 1 2  ? -6.417  12.018  4.131   1.00 11.40  ? 2   G   D N1    1 
ATOM   802  C  C2    . G   D 1 2  ? -6.309  13.249  3.536   1.00 8.56   ? 2   G   D C2    1 
ATOM   803  N  N2    . G   D 1 2  ? -5.070  13.734  3.387   1.00 12.72  ? 2   G   D N2    1 
ATOM   804  N  N3    . G   D 1 2  ? -7.341  13.962  3.113   1.00 10.88  ? 2   G   D N3    1 
ATOM   805  C  C4    . G   D 1 2  ? -8.510  13.320  3.339   1.00 8.22   ? 2   G   D C4    1 
ATOM   806  P  P     . G   D 1 3  ? -11.006 13.531  -2.078  1.00 12.68  ? 3   G   D P     1 
ATOM   807  O  OP1   . G   D 1 3  ? -11.403 14.074  -3.404  1.00 14.43  ? 3   G   D OP1   1 
ATOM   808  O  OP2   . G   D 1 3  ? -11.491 12.196  -1.639  1.00 12.11  ? 3   G   D OP2   1 
ATOM   809  O  "O5'" . G   D 1 3  ? -9.417  13.437  -2.023  1.00 9.30   ? 3   G   D "O5'" 1 
ATOM   810  C  "C5'" . G   D 1 3  ? -8.608  14.516  -2.459  1.00 11.31  ? 3   G   D "C5'" 1 
ATOM   811  C  "C4'" . G   D 1 3  ? -7.157  14.216  -2.208  1.00 11.82  ? 3   G   D "C4'" 1 
ATOM   812  O  "O4'" . G   D 1 3  ? -6.930  14.066  -0.781  1.00 10.12  ? 3   G   D "O4'" 1 
ATOM   813  C  "C3'" . G   D 1 3  ? -6.643  12.914  -2.797  1.00 10.80  ? 3   G   D "C3'" 1 
ATOM   814  O  "O3'" . G   D 1 3  ? -6.337  13.039  -4.170  1.00 11.11  ? 3   G   D "O3'" 1 
ATOM   815  C  "C2'" . G   D 1 3  ? -5.435  12.624  -1.921  1.00 7.07   ? 3   G   D "C2'" 1 
ATOM   816  O  "O2'" . G   D 1 3  ? -4.365  13.482  -2.276  1.00 10.63  ? 3   G   D "O2'" 1 
ATOM   817  C  "C1'" . G   D 1 3  ? -5.958  13.069  -0.555  1.00 10.19  ? 3   G   D "C1'" 1 
ATOM   818  N  N9    . G   D 1 3  ? -6.588  11.947  0.162   1.00 8.74   ? 3   G   D N9    1 
ATOM   819  C  C8    . G   D 1 3  ? -7.930  11.670  0.296   1.00 9.45   ? 3   G   D C8    1 
ATOM   820  N  N7    . G   D 1 3  ? -8.153  10.594  1.002   1.00 9.31   ? 3   G   D N7    1 
ATOM   821  C  C5    . G   D 1 3  ? -6.890  10.127  1.352   1.00 7.29   ? 3   G   D C5    1 
ATOM   822  C  C6    . G   D 1 3  ? -6.480  8.996   2.120   1.00 9.40   ? 3   G   D C6    1 
ATOM   823  O  O6    . G   D 1 3  ? -7.185  8.127   2.661   1.00 11.78  ? 3   G   D O6    1 
ATOM   824  N  N1    . G   D 1 3  ? -5.095  8.911   2.222   1.00 9.53   ? 3   G   D N1    1 
ATOM   825  C  C2    . G   D 1 3  ? -4.214  9.807   1.665   1.00 7.41   ? 3   G   D C2    1 
ATOM   826  N  N2    . G   D 1 3  ? -2.905  9.571   1.851   1.00 8.61   ? 3   G   D N2    1 
ATOM   827  N  N3    . G   D 1 3  ? -4.581  10.858  0.952   1.00 9.24   ? 3   G   D N3    1 
ATOM   828  C  C4    . G   D 1 3  ? -5.916  10.960  0.843   1.00 6.86   ? 3   G   D C4    1 
ATOM   829  P  P     . C   D 1 4  ? -6.503  11.792  -5.169  1.00 12.07  ? 4   C   D P     1 
ATOM   830  O  OP1   . C   D 1 4  ? -6.248  12.310  -6.543  1.00 15.63  ? 4   C   D OP1   1 
ATOM   831  O  OP2   . C   D 1 4  ? -7.746  11.039  -4.870  1.00 12.83  ? 4   C   D OP2   1 
ATOM   832  O  "O5'" . C   D 1 4  ? -5.337  10.806  -4.744  1.00 12.23  ? 4   C   D "O5'" 1 
ATOM   833  C  "C5'" . C   D 1 4  ? -3.972  11.178  -4.824  1.00 13.49  ? 4   C   D "C5'" 1 
ATOM   834  C  "C4'" . C   D 1 4  ? -3.120  10.179  -4.090  1.00 11.56  ? 4   C   D "C4'" 1 
ATOM   835  O  "O4'" . C   D 1 4  ? -3.466  10.184  -2.673  1.00 11.30  ? 4   C   D "O4'" 1 
ATOM   836  C  "C3'" . C   D 1 4  ? -3.317  8.729   -4.502  1.00 14.13  ? 4   C   D "C3'" 1 
ATOM   837  O  "O3'" . C   D 1 4  ? -2.629  8.383   -5.689  1.00 15.84  ? 4   C   D "O3'" 1 
ATOM   838  C  "C2'" . C   D 1 4  ? -2.848  7.977   -3.266  1.00 11.67  ? 4   C   D "C2'" 1 
ATOM   839  O  "O2'" . C   D 1 4  ? -1.430  8.016   -3.160  1.00 12.52  ? 4   C   D "O2'" 1 
ATOM   840  C  "C1'" . C   D 1 4  ? -3.408  8.868   -2.162  1.00 12.04  ? 4   C   D "C1'" 1 
ATOM   841  N  N1    . C   D 1 4  ? -4.775  8.460   -1.754  1.00 8.72   ? 4   C   D N1    1 
ATOM   842  C  C2    . C   D 1 4  ? -4.883  7.426   -0.824  1.00 8.00   ? 4   C   D C2    1 
ATOM   843  O  O2    . C   D 1 4  ? -3.859  6.875   -0.395  1.00 10.00  ? 4   C   D O2    1 
ATOM   844  N  N3    . C   D 1 4  ? -6.103  7.040   -0.405  1.00 9.54   ? 4   C   D N3    1 
ATOM   845  C  C4    . C   D 1 4  ? -7.196  7.627   -0.870  1.00 8.63   ? 4   C   D C4    1 
ATOM   846  N  N4    . C   D 1 4  ? -8.369  7.173   -0.414  1.00 13.14  ? 4   C   D N4    1 
ATOM   847  C  C5    . C   D 1 4  ? -7.129  8.678   -1.830  1.00 9.78   ? 4   C   D C5    1 
ATOM   848  C  C6    . C   D 1 4  ? -5.907  9.067   -2.236  1.00 8.54   ? 4   C   D C6    1 
ATOM   849  P  P     . C   D 1 5  ? -3.304  7.402   -6.768  1.00 15.94  ? 5   C   D P     1 
ATOM   850  O  OP1   . C   D 1 5  ? -2.681  7.730   -8.081  1.00 20.90  ? 5   C   D OP1   1 
ATOM   851  O  OP2   . C   D 1 5  ? -4.783  7.391   -6.634  1.00 16.17  ? 5   C   D OP2   1 
ATOM   852  O  "O5'" . C   D 1 5  ? -2.788  5.961   -6.330  1.00 17.05  ? 5   C   D "O5'" 1 
ATOM   853  C  "C5'" . C   D 1 5  ? -1.400  5.716   -6.169  1.00 14.09  ? 5   C   D "C5'" 1 
ATOM   854  C  "C4'" . C   D 1 5  ? -1.123  4.653   -5.136  1.00 16.13  ? 5   C   D "C4'" 1 
ATOM   855  O  "O4'" . C   D 1 5  ? -1.659  5.049   -3.845  1.00 16.47  ? 5   C   D "O4'" 1 
ATOM   856  C  "C3'" . C   D 1 5  ? -1.752  3.295   -5.393  1.00 13.16  ? 5   C   D "C3'" 1 
ATOM   857  O  "O3'" . C   D 1 5  ? -1.027  2.522   -6.334  1.00 16.28  ? 5   C   D "O3'" 1 
ATOM   858  C  "C2'" . C   D 1 5  ? -1.782  2.685   -4.000  1.00 11.69  ? 5   C   D "C2'" 1 
ATOM   859  O  "O2'" . C   D 1 5  ? -0.480  2.250   -3.626  1.00 14.63  ? 5   C   D "O2'" 1 
ATOM   860  C  "C1'" . C   D 1 5  ? -2.119  3.906   -3.149  1.00 13.36  ? 5   C   D "C1'" 1 
ATOM   861  N  N1    . C   D 1 5  ? -3.569  4.063   -2.891  1.00 9.68   ? 5   C   D N1    1 
ATOM   862  C  C2    . C   D 1 5  ? -4.131  3.374   -1.824  1.00 10.61  ? 5   C   D C2    1 
ATOM   863  O  O2    . C   D 1 5  ? -3.410  2.628   -1.168  1.00 13.36  ? 5   C   D O2    1 
ATOM   864  N  N3    . C   D 1 5  ? -5.447  3.528   -1.541  1.00 9.54   ? 5   C   D N3    1 
ATOM   865  C  C4    . C   D 1 5  ? -6.185  4.345   -2.285  1.00 10.37  ? 5   C   D C4    1 
ATOM   866  N  N4    . C   D 1 5  ? -7.469  4.484   -1.961  1.00 10.55  ? 5   C   D N4    1 
ATOM   867  C  C5    . C   D 1 5  ? -5.639  5.079   -3.380  1.00 10.02  ? 5   C   D C5    1 
ATOM   868  C  C6    . C   D 1 5  ? -4.341  4.912   -3.639  1.00 11.63  ? 5   C   D C6    1 
ATOM   869  P  P     . C   D 1 6  ? -1.782  1.458   -7.269  1.00 16.53  ? 6   C   D P     1 
ATOM   870  O  OP1   . C   D 1 6  ? -0.769  0.917   -8.214  1.00 19.76  ? 6   C   D OP1   1 
ATOM   871  O  OP2   . C   D 1 6  ? -3.064  2.006   -7.775  1.00 16.87  ? 6   C   D OP2   1 
ATOM   872  O  "O5'" . C   D 1 6  ? -2.173  0.288   -6.271  1.00 12.67  ? 6   C   D "O5'" 1 
ATOM   873  C  "C5'" . C   D 1 6  ? -1.178  -0.497  -5.640  1.00 17.74  ? 6   C   D "C5'" 1 
ATOM   874  C  "C4'" . C   D 1 6  ? -1.803  -1.402  -4.619  1.00 12.69  ? 6   C   D "C4'" 1 
ATOM   875  O  "O4'" . C   D 1 6  ? -2.384  -0.617  -3.544  1.00 11.70  ? 6   C   D "O4'" 1 
ATOM   876  C  "C3'" . C   D 1 6  ? -2.968  -2.231  -5.117  1.00 11.88  ? 6   C   D "C3'" 1 
ATOM   877  O  "O3'" . C   D 1 6  ? -2.553  -3.363  -5.853  1.00 11.71  ? 6   C   D "O3'" 1 
ATOM   878  C  "C2'" . C   D 1 6  ? -3.692  -2.570  -3.827  1.00 12.66  ? 6   C   D "C2'" 1 
ATOM   879  O  "O2'" . C   D 1 6  ? -2.976  -3.566  -3.117  1.00 13.41  ? 6   C   D "O2'" 1 
ATOM   880  C  "C1'" . C   D 1 6  ? -3.549  -1.259  -3.065  1.00 13.58  ? 6   C   D "C1'" 1 
ATOM   881  N  N1    . C   D 1 6  ? -4.713  -0.365  -3.273  1.00 12.72  ? 6   C   D N1    1 
ATOM   882  C  C2    . C   D 1 6  ? -5.862  -0.598  -2.514  1.00 9.90   ? 6   C   D C2    1 
ATOM   883  O  O2    . C   D 1 6  ? -5.844  -1.550  -1.716  1.00 12.56  ? 6   C   D O2    1 
ATOM   884  N  N3    . C   D 1 6  ? -6.943  0.211   -2.664  1.00 10.41  ? 6   C   D N3    1 
ATOM   885  C  C4    . C   D 1 6  ? -6.917  1.213   -3.542  1.00 9.97   ? 6   C   D C4    1 
ATOM   886  N  N4    . C   D 1 6  ? -7.995  1.987   -3.678  1.00 11.09  ? 6   C   D N4    1 
ATOM   887  C  C5    . C   D 1 6  ? -5.769  1.463   -4.341  1.00 10.22  ? 6   C   D C5    1 
ATOM   888  C  C6    . C   D 1 6  ? -4.696  0.673   -4.171  1.00 13.43  ? 6   C   D C6    1 
ATOM   889  P  P     . G   D 1 7  ? -3.537  -4.006  -6.952  1.00 14.09  ? 7   G   D P     1 
ATOM   890  O  OP1   . G   D 1 7  ? -2.850  -5.164  -7.587  1.00 16.33  ? 7   G   D OP1   1 
ATOM   891  O  OP2   . G   D 1 7  ? -4.065  -2.904  -7.800  1.00 15.57  ? 7   G   D OP2   1 
ATOM   892  O  "O5'" . G   D 1 7  ? -4.766  -4.553  -6.104  1.00 12.11  ? 7   G   D "O5'" 1 
ATOM   893  C  "C5'" . G   D 1 7  ? -4.602  -5.648  -5.222  1.00 14.94  ? 7   G   D "C5'" 1 
ATOM   894  C  "C4'" . G   D 1 7  ? -5.886  -5.963  -4.503  1.00 12.91  ? 7   G   D "C4'" 1 
ATOM   895  O  "O4'" . G   D 1 7  ? -6.270  -4.865  -3.636  1.00 13.77  ? 7   G   D "O4'" 1 
ATOM   896  C  "C3'" . G   D 1 7  ? -7.108  -6.153  -5.376  1.00 13.60  ? 7   G   D "C3'" 1 
ATOM   897  O  "O3'" . G   D 1 7  ? -7.127  -7.395  -6.047  1.00 14.89  ? 7   G   D "O3'" 1 
ATOM   898  C  "C2'" . G   D 1 7  ? -8.237  -5.962  -4.380  1.00 14.28  ? 7   G   D "C2'" 1 
ATOM   899  O  "O2'" . G   D 1 7  ? -8.352  -7.097  -3.527  1.00 16.36  ? 7   G   D "O2'" 1 
ATOM   900  C  "C1'" . G   D 1 7  ? -7.684  -4.812  -3.545  1.00 15.97  ? 7   G   D "C1'" 1 
ATOM   901  N  N9    . G   D 1 7  ? -8.150  -3.494  -4.019  1.00 13.61  ? 7   G   D N9    1 
ATOM   902  C  C8    . G   D 1 7  ? -7.482  -2.573  -4.787  1.00 12.52  ? 7   G   D C8    1 
ATOM   903  N  N7    . G   D 1 7  ? -8.168  -1.485  -5.005  1.00 11.93  ? 7   G   D N7    1 
ATOM   904  C  C5    . G   D 1 7  ? -9.365  -1.694  -4.340  1.00 12.88  ? 7   G   D C5    1 
ATOM   905  C  C6    . G   D 1 7  ? -10.508 -0.861  -4.218  1.00 12.75  ? 7   G   D C6    1 
ATOM   906  O  O6    . G   D 1 7  ? -10.683 0.273   -4.683  1.00 12.33  ? 7   G   D O6    1 
ATOM   907  N  N1    . G   D 1 7  ? -11.498 -1.464  -3.451  1.00 10.39  ? 7   G   D N1    1 
ATOM   908  C  C2    . G   D 1 7  ? -11.400 -2.713  -2.892  1.00 11.50  ? 7   G   D C2    1 
ATOM   909  N  N2    . G   D 1 7  ? -12.451 -3.144  -2.194  1.00 14.22  ? 7   G   D N2    1 
ATOM   910  N  N3    . G   D 1 7  ? -10.342 -3.496  -3.001  1.00 11.78  ? 7   G   D N3    1 
ATOM   911  C  C4    . G   D 1 7  ? -9.366  -2.923  -3.724  1.00 10.96  ? 7   G   D C4    1 
ATOM   912  P  P     . G   D 1 8  ? -7.886  -7.513  -7.454  1.00 16.50  ? 8   G   D P     1 
ATOM   913  O  OP1   . G   D 1 8  ? -7.657  -8.886  -7.974  1.00 17.71  ? 8   G   D OP1   1 
ATOM   914  O  OP2   . G   D 1 8  ? -7.547  -6.335  -8.291  1.00 15.52  ? 8   G   D OP2   1 
ATOM   915  O  "O5'" . G   D 1 8  ? -9.421  -7.372  -7.069  1.00 12.78  ? 8   G   D "O5'" 1 
ATOM   916  C  "C5'" . G   D 1 8  ? -10.056 -8.320  -6.230  1.00 12.70  ? 8   G   D "C5'" 1 
ATOM   917  C  "C4'" . G   D 1 8  ? -11.487 -7.934  -5.999  1.00 11.52  ? 8   G   D "C4'" 1 
ATOM   918  O  "O4'" . G   D 1 8  ? -11.544 -6.694  -5.255  1.00 10.11  ? 8   G   D "O4'" 1 
ATOM   919  C  "C3'" . G   D 1 8  ? -12.275 -7.632  -7.257  1.00 11.99  ? 8   G   D "C3'" 1 
ATOM   920  O  "O3'" . G   D 1 8  ? -12.700 -8.804  -7.921  1.00 10.47  ? 8   G   D "O3'" 1 
ATOM   921  C  "C2'" . G   D 1 8  ? -13.399 -6.742  -6.743  1.00 9.94   ? 8   G   D "C2'" 1 
ATOM   922  O  "O2'" . G   D 1 8  ? -14.433 -7.514  -6.144  1.00 11.43  ? 8   G   D "O2'" 1 
ATOM   923  C  "C1'" . G   D 1 8  ? -12.678 -5.945  -5.650  1.00 9.30   ? 8   G   D "C1'" 1 
ATOM   924  N  N9    . G   D 1 8  ? -12.228 -4.626  -6.131  1.00 10.01  ? 8   G   D N9    1 
ATOM   925  C  C8    . G   D 1 8  ? -11.021 -4.315  -6.702  1.00 9.17   ? 8   G   D C8    1 
ATOM   926  N  N7    . G   D 1 8  ? -10.927 -3.060  -7.041  1.00 10.62  ? 8   G   D N7    1 
ATOM   927  C  C5    . G   D 1 8  ? -12.137 -2.504  -6.658  1.00 8.45   ? 8   G   D C5    1 
ATOM   928  C  C6    . G   D 1 8  ? -12.618 -1.173  -6.770  1.00 8.49   ? 8   G   D C6    1 
ATOM   929  O  O6    . G   D 1 8  ? -12.045 -0.189  -7.245  1.00 10.86  ? 8   G   D O6    1 
ATOM   930  N  N1    . G   D 1 8  ? -13.902 -1.036  -6.260  1.00 8.11   ? 8   G   D N1    1 
ATOM   931  C  C2    . G   D 1 8  ? -14.646 -2.069  -5.734  1.00 10.74  ? 8   G   D C2    1 
ATOM   932  N  N2    . G   D 1 8  ? -15.877 -1.750  -5.308  1.00 10.89  ? 8   G   D N2    1 
ATOM   933  N  N3    . G   D 1 8  ? -14.208 -3.315  -5.625  1.00 10.63  ? 8   G   D N3    1 
ATOM   934  C  C4    . G   D 1 8  ? -12.957 -3.461  -6.103  1.00 9.63   ? 8   G   D C4    1 
ATOM   935  P  P     . A   D 1 9  ? -13.082 -8.722  -9.469  1.00 11.70  ? 9   A   D P     1 
ATOM   936  O  OP1   . A   D 1 9  ? -13.186 -10.125 -9.958  1.00 13.25  ? 9   A   D OP1   1 
ATOM   937  O  OP2   . A   D 1 9  ? -12.206 -7.769  -10.192 1.00 13.67  ? 9   A   D OP2   1 
ATOM   938  O  "O5'" . A   D 1 9  ? -14.547 -8.121  -9.407  1.00 11.03  ? 9   A   D "O5'" 1 
ATOM   939  C  "C5'" . A   D 1 9  ? -15.026 -7.217  -10.383 1.00 13.49  ? 9   A   D "C5'" 1 
ATOM   940  C  "C4'" . A   D 1 9  ? -16.273 -6.547  -9.883  1.00 10.93  ? 9   A   D "C4'" 1 
ATOM   941  O  "O4'" . A   D 1 9  ? -15.942 -5.644  -8.795  1.00 11.11  ? 9   A   D "O4'" 1 
ATOM   942  C  "C3'" . A   D 1 9  ? -16.999 -5.667  -10.879 1.00 10.46  ? 9   A   D "C3'" 1 
ATOM   943  O  "O3'" . A   D 1 9  ? -17.791 -6.415  -11.783 1.00 12.55  ? 9   A   D "O3'" 1 
ATOM   944  C  "C2'" . A   D 1 9  ? -17.793 -4.733  -9.972  1.00 13.12  ? 9   A   D "C2'" 1 
ATOM   945  O  "O2'" . A   D 1 9  ? -18.947 -5.381  -9.456  1.00 14.64  ? 9   A   D "O2'" 1 
ATOM   946  C  "C1'" . A   D 1 9  ? -16.813 -4.532  -8.817  1.00 13.23  ? 9   A   D "C1'" 1 
ATOM   947  N  N9    . A   D 1 9  ? -16.015 -3.314  -8.996  1.00 8.76   ? 9   A   D N9    1 
ATOM   948  C  C8    . A   D 1 9  ? -14.680 -3.196  -9.286  1.00 10.26  ? 9   A   D C8    1 
ATOM   949  N  N7    . A   D 1 9  ? -14.287 -1.951  -9.379  1.00 10.93  ? 9   A   D N7    1 
ATOM   950  C  C5    . A   D 1 9  ? -15.429 -1.207  -9.133  1.00 11.05  ? 9   A   D C5    1 
ATOM   951  C  C6    . A   D 1 9  ? -15.662 0.178   -9.089  1.00 9.70   ? 9   A   D C6    1 
ATOM   952  N  N6    . A   D 1 9  ? -14.708 1.070   -9.306  1.00 10.05  ? 9   A   D N6    1 
ATOM   953  N  N1    . A   D 1 9  ? -16.919 0.591   -8.826  1.00 10.28  ? 9   A   D N1    1 
ATOM   954  C  C2    . A   D 1 9  ? -17.859 -0.335  -8.602  1.00 10.61  ? 9   A   D C2    1 
ATOM   955  N  N3    . A   D 1 9  ? -17.760 -1.666  -8.619  1.00 12.75  ? 9   A   D N3    1 
ATOM   956  C  C4    . A   D 1 9  ? -16.502 -2.037  -8.896  1.00 11.74  ? 9   A   D C4    1 
ATOM   957  P  P     . C   D 1 10 ? -17.905 -5.960  -13.319 1.00 14.79  ? 10  C   D P     1 
ATOM   958  O  OP1   . C   D 1 10 ? -18.757 -6.966  -14.008 1.00 17.80  ? 10  C   D OP1   1 
ATOM   959  O  OP2   . C   D 1 10 ? -16.556 -5.654  -13.848 1.00 16.57  ? 10  C   D OP2   1 
ATOM   960  O  "O5'" . C   D 1 10 ? -18.684 -4.578  -13.266 1.00 14.23  ? 10  C   D "O5'" 1 
ATOM   961  C  "C5'" . C   D 1 10 ? -20.007 -4.485  -12.772 1.00 14.36  ? 10  C   D "C5'" 1 
ATOM   962  C  "C4'" . C   D 1 10 ? -20.426 -3.045  -12.701 1.00 13.35  ? 10  C   D "C4'" 1 
ATOM   963  O  "O4'" . C   D 1 10 ? -19.650 -2.364  -11.677 1.00 14.89  ? 10  C   D "O4'" 1 
ATOM   964  C  "C3'" . C   D 1 10 ? -20.158 -2.224  -13.956 1.00 14.57  ? 10  C   D "C3'" 1 
ATOM   965  O  "O3'" . C   D 1 10 ? -21.110 -2.435  -14.994 1.00 14.35  ? 10  C   D "O3'" 1 
ATOM   966  C  "C2'" . C   D 1 10 ? -20.132 -0.812  -13.404 1.00 12.43  ? 10  C   D "C2'" 1 
ATOM   967  O  "O2'" . C   D 1 10 ? -21.458 -0.403  -13.092 1.00 15.73  ? 10  C   D "O2'" 1 
ATOM   968  C  "C1'" . C   D 1 10 ? -19.387 -1.035  -12.085 1.00 15.08  ? 10  C   D "C1'" 1 
ATOM   969  N  N1    . C   D 1 10 ? -17.918 -0.867  -12.224 1.00 12.21  ? 10  C   D N1    1 
ATOM   970  C  C2    . C   D 1 10 ? -17.386 0.423   -12.181 1.00 10.68  ? 10  C   D C2    1 
ATOM   971  O  O2    . C   D 1 10 ? -18.172 1.375   -12.059 1.00 12.86  ? 10  C   D O2    1 
ATOM   972  N  N3    . C   D 1 10 ? -16.047 0.608   -12.300 1.00 11.08  ? 10  C   D N3    1 
ATOM   973  C  C4    . C   D 1 10 ? -15.246 -0.451  -12.439 1.00 9.74   ? 10  C   D C4    1 
ATOM   974  N  N4    . C   D 1 10 ? -13.927 -0.242  -12.540 1.00 12.24  ? 10  C   D N4    1 
ATOM   975  C  C5    . C   D 1 10 ? -15.761 -1.780  -12.482 1.00 10.88  ? 10  C   D C5    1 
ATOM   976  C  C6    . C   D 1 10 ? -17.090 -1.948  -12.365 1.00 11.74  ? 10  C   D C6    1 
ATOM   977  P  P     . C   D 1 11 ? -20.680 -2.254  -16.534 1.00 16.93  ? 11  C   D P     1 
ATOM   978  O  OP1   . C   D 1 11 ? -21.830 -2.693  -17.368 1.00 16.89  ? 11  C   D OP1   1 
ATOM   979  O  OP2   . C   D 1 11 ? -19.353 -2.860  -16.802 1.00 20.06  ? 11  C   D OP2   1 
ATOM   980  O  "O5'" . C   D 1 11 ? -20.486 -0.685  -16.694 1.00 13.31  ? 11  C   D "O5'" 1 
ATOM   981  C  "C5'" . C   D 1 11 ? -21.550 0.217   -16.437 1.00 11.41  ? 11  C   D "C5'" 1 
ATOM   982  C  "C4'" . C   D 1 11 ? -21.085 1.645   -16.544 1.00 10.86  ? 11  C   D "C4'" 1 
ATOM   983  O  "O4'" . C   D 1 11 ? -20.161 1.938   -15.468 1.00 12.77  ? 11  C   D "O4'" 1 
ATOM   984  C  "C3'" . C   D 1 11 ? -20.300 2.010   -17.792 1.00 11.48  ? 11  C   D "C3'" 1 
ATOM   985  O  "O3'" . C   D 1 11 ? -21.119 2.233   -18.921 1.00 10.81  ? 11  C   D "O3'" 1 
ATOM   986  C  "C2'" . C   D 1 11 ? -19.537 3.246   -17.342 1.00 11.15  ? 11  C   D "C2'" 1 
ATOM   987  O  "O2'" . C   D 1 11 ? -20.385 4.382   -17.297 1.00 13.62  ? 11  C   D "O2'" 1 
ATOM   988  C  "C1'" . C   D 1 11 ? -19.193 2.870   -15.907 1.00 12.77  ? 11  C   D "C1'" 1 
ATOM   989  N  N1    . C   D 1 11 ? -17.853 2.257   -15.823 1.00 11.31  ? 11  C   D N1    1 
ATOM   990  C  C2    . C   D 1 11 ? -16.762 3.133   -15.846 1.00 11.03  ? 11  C   D C2    1 
ATOM   991  O  O2    . C   D 1 11 ? -16.966 4.345   -15.941 1.00 12.40  ? 11  C   D O2    1 
ATOM   992  N  N3    . C   D 1 11 ? -15.516 2.623   -15.777 1.00 11.48  ? 11  C   D N3    1 
ATOM   993  C  C4    . C   D 1 11 ? -15.345 1.312   -15.680 1.00 10.60  ? 11  C   D C4    1 
ATOM   994  N  N4    . C   D 1 11 ? -14.088 0.856   -15.614 1.00 14.94  ? 11  C   D N4    1 
ATOM   995  C  C5    . C   D 1 11 ? -16.431 0.389   -15.664 1.00 11.29  ? 11  C   D C5    1 
ATOM   996  C  C6    . C   D 1 11 ? -17.666 0.909   -15.740 1.00 11.68  ? 11  C   D C6    1 
ATOM   997  P  P     . C   D 1 12 ? -20.561 1.996   -20.405 1.00 11.45  ? 12  C   D P     1 
ATOM   998  O  OP1   . C   D 1 12 ? -21.709 2.201   -21.323 1.00 12.11  ? 12  C   D OP1   1 
ATOM   999  O  OP2   . C   D 1 12 ? -19.769 0.732   -20.440 1.00 15.00  ? 12  C   D OP2   1 
ATOM   1000 O  "O5'" . C   D 1 12 ? -19.532 3.182   -20.628 1.00 10.73  ? 12  C   D "O5'" 1 
ATOM   1001 C  "C5'" . C   D 1 12 ? -19.957 4.536   -20.596 1.00 11.04  ? 12  C   D "C5'" 1 
ATOM   1002 C  "C4'" . C   D 1 12 ? -18.783 5.466   -20.755 1.00 15.82  ? 12  C   D "C4'" 1 
ATOM   1003 O  "O4'" . C   D 1 12 ? -17.891 5.318   -19.623 1.00 12.44  ? 12  C   D "O4'" 1 
ATOM   1004 C  "C3'" . C   D 1 12 ? -17.893 5.202   -21.959 1.00 15.45  ? 12  C   D "C3'" 1 
ATOM   1005 O  "O3'" . C   D 1 12 ? -18.419 5.734   -23.163 1.00 18.17  ? 12  C   D "O3'" 1 
ATOM   1006 C  "C2'" . C   D 1 12 ? -16.567 5.820   -21.536 1.00 15.76  ? 12  C   D "C2'" 1 
ATOM   1007 O  "O2'" . C   D 1 12 ? -16.608 7.234   -21.674 1.00 21.41  ? 12  C   D "O2'" 1 
ATOM   1008 C  "C1'" . C   D 1 12 ? -16.550 5.504   -20.041 1.00 14.23  ? 12  C   D "C1'" 1 
ATOM   1009 N  N1    . C   D 1 12 ? -15.768 4.289   -19.706 1.00 12.14  ? 12  C   D N1    1 
ATOM   1010 C  C2    . C   D 1 12 ? -14.375 4.395   -19.617 1.00 13.68  ? 12  C   D C2    1 
ATOM   1011 O  O2    . C   D 1 12 ? -13.870 5.502   -19.848 1.00 13.02  ? 12  C   D O2    1 
ATOM   1012 N  N3    . C   D 1 12 ? -13.653 3.296   -19.288 1.00 12.53  ? 12  C   D N3    1 
ATOM   1013 C  C4    . C   D 1 12 ? -14.274 2.133   -19.063 1.00 12.56  ? 12  C   D C4    1 
ATOM   1014 N  N4    . C   D 1 12 ? -13.534 1.069   -18.749 1.00 15.35  ? 12  C   D N4    1 
ATOM   1015 C  C5    . C   D 1 12 ? -15.692 1.994   -19.151 1.00 11.80  ? 12  C   D C5    1 
ATOM   1016 C  C6    . C   D 1 12 ? -16.386 3.090   -19.475 1.00 12.10  ? 12  C   D C6    1 
HETATM 1017 BA BA    . BA  E 2 .  ? 5.587   -7.422  2.353   0.34 18.46  ? 101 BA  A BA    1 
HETATM 1018 BA BA    . BA  F 2 .  ? 15.190  -0.248  5.836   0.44 14.71  ? 102 BA  A BA    1 
HETATM 1019 BA BA    . BA  G 2 .  ? 13.837  5.396   9.000   0.34 25.45  ? 103 BA  A BA    1 
HETATM 1020 BA BA    . BA  H 2 .  ? 10.229  0.066   5.396   0.44 39.05  ? 101 BA  B BA    1 
HETATM 1021 BA BA    . BA  I 2 .  ? -10.984 3.534   2.195   0.44 29.68  ? 101 BA  C BA    1 
HETATM 1022 BA BA    . BA  J 2 .  ? -9.127  2.281   -14.944 0.42 50.11  ? 102 BA  C BA    1 
HETATM 1023 BA BA    . BA  K 2 .  ? -9.851  0.453   -8.954  0.88 12.37  ? 101 BA  D BA    1 
HETATM 1024 BA BA    . BA  L 2 .  ? -24.038 -2.004  -21.355 0.75 11.59  ? 102 BA  D BA    1 
HETATM 1025 BA BA    . BA  M 2 .  ? -10.978 8.754   7.733   1.00 123.69 ? 103 BA  D BA    1 
HETATM 1026 O  O     . HOH N 3 .  ? -3.495  -9.147  -4.832  1.00 23.88  ? 201 HOH A O     1 
HETATM 1027 O  O     . HOH N 3 .  ? 20.643  -8.672  7.143   1.00 25.51  ? 202 HOH A O     1 
HETATM 1028 O  O     . HOH N 3 .  ? 10.581  -9.058  15.756  1.00 30.67  ? 203 HOH A O     1 
HETATM 1029 O  O     . HOH N 3 .  ? 8.103   -8.381  7.686   1.00 30.85  ? 204 HOH A O     1 
HETATM 1030 O  O     . HOH N 3 .  ? 18.257  -12.117 10.730  1.00 25.45  ? 205 HOH A O     1 
HETATM 1031 O  O     . HOH N 3 .  ? 18.091  -3.926  4.612   1.00 29.01  ? 206 HOH A O     1 
HETATM 1032 O  O     . HOH N 3 .  ? 4.185   -4.400  -9.160  1.00 22.00  ? 207 HOH A O     1 
HETATM 1033 O  O     . HOH N 3 .  ? -4.169  -8.812  1.036   1.00 24.19  ? 208 HOH A O     1 
HETATM 1034 O  O     . HOH N 3 .  ? -0.005  -2.275  9.252   1.00 23.74  ? 209 HOH A O     1 
HETATM 1035 O  O     . HOH N 3 .  ? 14.578  0.193   8.612   1.00 23.13  ? 210 HOH A O     1 
HETATM 1036 O  O     . HOH N 3 .  ? 1.320   -9.458  -3.605  1.00 21.65  ? 211 HOH A O     1 
HETATM 1037 O  O     . HOH N 3 .  ? 15.800  1.299   3.567   1.00 32.87  ? 212 HOH A O     1 
HETATM 1038 O  O     . HOH N 3 .  ? 8.921   -19.680 -12.280 1.00 26.04  ? 213 HOH A O     1 
HETATM 1039 O  O     . HOH N 3 .  ? 10.513  -16.122 -13.725 1.00 16.92  ? 214 HOH A O     1 
HETATM 1040 O  O     . HOH N 3 .  ? 16.520  1.877   7.031   1.00 20.12  ? 215 HOH A O     1 
HETATM 1041 O  O     . HOH N 3 .  ? 22.622  -3.471  12.704  1.00 20.48  ? 216 HOH A O     1 
HETATM 1042 O  O     . HOH N 3 .  ? -4.657  -7.129  -1.346  1.00 19.94  ? 217 HOH A O     1 
HETATM 1043 O  O     . HOH N 3 .  ? 12.637  -8.116  9.534   1.00 26.09  ? 218 HOH A O     1 
HETATM 1044 O  O     . HOH N 3 .  ? 7.438   -5.412  3.167   1.00 21.07  ? 219 HOH A O     1 
HETATM 1045 O  O     . HOH N 3 .  ? 5.865   -4.484  14.589  1.00 29.27  ? 220 HOH A O     1 
HETATM 1046 O  O     . HOH N 3 .  ? 15.057  -16.721 -6.404  1.00 14.53  ? 221 HOH A O     1 
HETATM 1047 O  O     . HOH N 3 .  ? 12.523  -13.505 -8.390  1.00 15.60  ? 222 HOH A O     1 
HETATM 1048 O  O     . HOH N 3 .  ? 9.003   -20.735 -9.654  1.00 26.30  ? 223 HOH A O     1 
HETATM 1049 O  O     . HOH N 3 .  ? 5.261   -6.532  5.015   1.00 24.15  ? 224 HOH A O     1 
HETATM 1050 O  O     . HOH N 3 .  ? -0.385  -4.456  -9.060  1.00 25.60  ? 225 HOH A O     1 
HETATM 1051 O  O     . HOH N 3 .  ? -0.863  -0.964  2.577   1.00 18.63  ? 226 HOH A O     1 
HETATM 1052 O  O     . HOH N 3 .  ? 9.163   -5.704  -7.665  1.00 17.74  ? 227 HOH A O     1 
HETATM 1053 O  O     . HOH N 3 .  ? 22.168  -0.353  13.045  1.00 28.05  ? 228 HOH A O     1 
HETATM 1054 O  O     . HOH N 3 .  ? 17.088  -3.971  16.070  1.00 23.85  ? 229 HOH A O     1 
HETATM 1055 O  O     . HOH N 3 .  ? 23.439  2.257   11.215  1.00 24.95  ? 230 HOH A O     1 
HETATM 1056 O  O     . HOH N 3 .  ? 22.836  3.020   8.104   1.00 23.08  ? 231 HOH A O     1 
HETATM 1057 O  O     . HOH N 3 .  ? 14.545  2.955   9.208   1.00 21.06  ? 232 HOH A O     1 
HETATM 1058 O  O     . HOH N 3 .  ? 15.041  -7.842  8.158   1.00 29.81  ? 233 HOH A O     1 
HETATM 1059 O  O     . HOH N 3 .  ? 16.418  -1.948  7.521   1.00 25.02  ? 234 HOH A O     1 
HETATM 1060 O  O     . HOH N 3 .  ? 13.180  -6.138  17.330  1.00 29.21  ? 235 HOH A O     1 
HETATM 1061 O  O     . HOH N 3 .  ? 2.326   -11.784 -6.810  1.00 20.86  ? 236 HOH A O     1 
HETATM 1062 O  O     . HOH N 3 .  ? 15.710  -5.129  7.158   1.00 29.45  ? 237 HOH A O     1 
HETATM 1063 O  O     . HOH N 3 .  ? 9.077   -6.266  5.956   1.00 26.28  ? 238 HOH A O     1 
HETATM 1064 O  O     . HOH N 3 .  ? 5.629   -8.091  -0.527  1.00 26.38  ? 239 HOH A O     1 
HETATM 1065 O  O     . HOH N 3 .  ? -1.660  -1.153  -0.192  1.00 18.26  ? 240 HOH A O     1 
HETATM 1066 O  O     . HOH N 3 .  ? 2.139   -3.574  12.788  1.00 29.27  ? 241 HOH A O     1 
HETATM 1067 O  O     . HOH N 3 .  ? 3.677   -8.116  2.993   1.00 28.82  ? 242 HOH A O     1 
HETATM 1068 O  O     . HOH N 3 .  ? 4.780   -5.793  -11.395 1.00 19.97  ? 243 HOH A O     1 
HETATM 1069 O  O     . HOH N 3 .  ? 3.466   -12.577 -4.096  1.00 23.71  ? 244 HOH A O     1 
HETATM 1070 O  O     . HOH N 3 .  ? 4.248   -15.286 -5.130  1.00 28.37  ? 245 HOH A O     1 
HETATM 1071 O  O     . HOH N 3 .  ? 3.586   -10.204 -1.828  1.00 25.42  ? 246 HOH A O     1 
HETATM 1072 O  O     . HOH N 3 .  ? 4.931   -15.033 -8.350  1.00 27.27  ? 247 HOH A O     1 
HETATM 1073 O  O     . HOH N 3 .  ? 0.239   1.771   1.465   1.00 19.98  ? 248 HOH A O     1 
HETATM 1074 O  O     . HOH N 3 .  ? 12.120  -5.000  6.156   1.00 29.00  ? 249 HOH A O     1 
HETATM 1075 O  O     . HOH N 3 .  ? 21.066  -2.435  14.907  1.00 21.80  ? 250 HOH A O     1 
HETATM 1076 O  O     . HOH N 3 .  ? 16.062  -6.153  17.045  1.00 26.31  ? 251 HOH A O     1 
HETATM 1077 O  O     . HOH N 3 .  ? 13.870  6.940   11.506  1.00 31.07  ? 252 HOH A O     1 
HETATM 1078 O  O     . HOH N 3 .  ? 14.516  -19.113 -3.786  1.00 27.65  ? 253 HOH A O     1 
HETATM 1079 O  O     . HOH N 3 .  ? 14.269  3.428   6.345   1.00 29.72  ? 254 HOH A O     1 
HETATM 1080 O  O     . HOH N 3 .  ? 15.207  -4.459  4.229   1.00 26.48  ? 255 HOH A O     1 
HETATM 1081 O  O     . HOH N 3 .  ? 17.133  -19.090 -5.601  1.00 27.62  ? 256 HOH A O     1 
HETATM 1082 O  O     . HOH N 3 .  ? 17.927  -6.338  3.246   1.00 30.41  ? 257 HOH A O     1 
HETATM 1083 O  O     . HOH N 3 .  ? -0.119  -1.427  13.218  1.00 31.90  ? 258 HOH A O     1 
HETATM 1084 O  O     . HOH N 3 .  ? -4.327  -11.397 -4.815  1.00 23.12  ? 259 HOH A O     1 
HETATM 1085 O  O     . HOH N 3 .  ? 16.874  -16.038 -8.316  1.00 26.67  ? 260 HOH A O     1 
HETATM 1086 O  O     . HOH N 3 .  ? 6.119   -10.071 1.969   1.00 31.82  ? 261 HOH A O     1 
HETATM 1087 O  O     . HOH O 3 .  ? 5.412   -15.550 0.799   1.00 28.91  ? 201 HOH B O     1 
HETATM 1088 O  O     . HOH O 3 .  ? 19.427  -4.511  -2.556  1.00 26.65  ? 202 HOH B O     1 
HETATM 1089 O  O     . HOH O 3 .  ? 18.488  7.566   23.032  1.00 28.44  ? 203 HOH B O     1 
HETATM 1090 O  O     . HOH O 3 .  ? 8.409   8.146   2.847   1.00 33.03  ? 204 HOH B O     1 
HETATM 1091 O  O     . HOH O 3 .  ? 13.459  -19.088 2.329   1.00 20.07  ? 205 HOH B O     1 
HETATM 1092 O  O     . HOH O 3 .  ? 12.569  -10.830 2.853   1.00 25.14  ? 206 HOH B O     1 
HETATM 1093 O  O     . HOH O 3 .  ? 6.027   -15.378 6.415   1.00 30.36  ? 207 HOH B O     1 
HETATM 1094 O  O     . HOH O 3 .  ? 22.869  1.945   14.391  1.00 28.48  ? 208 HOH B O     1 
HETATM 1095 O  O     . HOH O 3 .  ? 16.438  -14.667 -3.365  1.00 10.74  ? 209 HOH B O     1 
HETATM 1096 O  O     . HOH O 3 .  ? 6.823   -0.409  -5.934  1.00 29.02  ? 210 HOH B O     1 
HETATM 1097 O  O     . HOH O 3 .  ? 8.307   -12.843 2.001   1.00 23.20  ? 211 HOH B O     1 
HETATM 1098 O  O     . HOH O 3 .  ? 14.645  -8.198  0.987   1.00 21.76  ? 212 HOH B O     1 
HETATM 1099 O  O     . HOH O 3 .  ? 10.584  -3.010  16.363  1.00 18.96  ? 213 HOH B O     1 
HETATM 1100 O  O     . HOH O 3 .  ? 6.762   6.586   19.734  1.00 28.70  ? 214 HOH B O     1 
HETATM 1101 O  O     . HOH O 3 .  ? 9.347   5.457   12.596  1.00 19.09  ? 215 HOH B O     1 
HETATM 1102 O  O     . HOH O 3 .  ? 2.295   1.098   -1.989  1.00 26.40  ? 216 HOH B O     1 
HETATM 1103 O  O     . HOH O 3 .  ? 18.472  -9.451  -6.105  1.00 14.57  ? 217 HOH B O     1 
HETATM 1104 O  O     . HOH O 3 .  ? 18.840  -11.291 3.870   1.00 26.40  ? 218 HOH B O     1 
HETATM 1105 O  O     . HOH O 3 .  ? 18.316  -8.211  1.185   1.00 21.76  ? 219 HOH B O     1 
HETATM 1106 O  O     . HOH O 3 .  ? 10.682  2.816   0.749   1.00 22.57  ? 220 HOH B O     1 
HETATM 1107 O  O     . HOH O 3 .  ? 19.214  -0.352  18.804  1.00 24.43  ? 221 HOH B O     1 
HETATM 1108 O  O     . HOH O 3 .  ? 10.679  7.917   18.875  1.00 29.91  ? 222 HOH B O     1 
HETATM 1109 O  O     . HOH O 3 .  ? 19.037  3.639   23.772  1.00 18.08  ? 223 HOH B O     1 
HETATM 1110 O  O     . HOH O 3 .  ? 9.896   0.877   2.600   1.00 16.42  ? 224 HOH B O     1 
HETATM 1111 O  O     . HOH O 3 .  ? 9.918   2.789   5.606   1.00 23.13  ? 225 HOH B O     1 
HETATM 1112 O  O     . HOH O 3 .  ? 12.251  -0.230  21.629  1.00 12.41  ? 226 HOH B O     1 
HETATM 1113 O  O     . HOH O 3 .  ? 11.080  5.667   15.774  1.00 16.34  ? 227 HOH B O     1 
HETATM 1114 O  O     . HOH O 3 .  ? 13.907  -4.054  -0.232  1.00 26.47  ? 228 HOH B O     1 
HETATM 1115 O  O     . HOH O 3 .  ? 6.391   -13.028 0.184   1.00 19.09  ? 229 HOH B O     1 
HETATM 1116 O  O     . HOH O 3 .  ? 13.869  -16.257 -3.331  1.00 12.44  ? 230 HOH B O     1 
HETATM 1117 O  O     . HOH O 3 .  ? 2.989   0.370   14.869  1.00 23.32  ? 231 HOH B O     1 
HETATM 1118 O  O     . HOH O 3 .  ? 17.193  -1.287  -6.603  1.00 26.21  ? 232 HOH B O     1 
HETATM 1119 O  O     . HOH O 3 .  ? 0.965   4.289   1.431   1.00 23.53  ? 233 HOH B O     1 
HETATM 1120 O  O     . HOH O 3 .  ? 3.754   8.043   13.477  1.00 27.37  ? 234 HOH B O     1 
HETATM 1121 O  O     . HOH O 3 .  ? 5.666   9.987   7.635   1.00 26.93  ? 235 HOH B O     1 
HETATM 1122 O  O     . HOH O 3 .  ? 13.815  -18.732 -0.341  1.00 19.24  ? 236 HOH B O     1 
HETATM 1123 O  O     . HOH O 3 .  ? 21.049  -7.396  -1.190  1.00 31.79  ? 237 HOH B O     1 
HETATM 1124 O  O     . HOH O 3 .  ? 10.492  -10.285 1.096   1.00 21.91  ? 238 HOH B O     1 
HETATM 1125 O  O     . HOH O 3 .  ? 7.588   -10.678 0.121   1.00 8.57   ? 239 HOH B O     1 
HETATM 1126 O  O     . HOH O 3 .  ? 14.459  6.102   17.899  1.00 22.21  ? 240 HOH B O     1 
HETATM 1127 O  O     . HOH O 3 .  ? 11.410  4.276   10.758  1.00 24.89  ? 241 HOH B O     1 
HETATM 1128 O  O     . HOH O 3 .  ? 12.687  5.313   13.274  1.00 19.47  ? 242 HOH B O     1 
HETATM 1129 O  O     . HOH O 3 .  ? 14.555  7.785   21.043  1.00 21.18  ? 243 HOH B O     1 
HETATM 1130 O  O     . HOH O 3 .  ? 11.305  1.016   8.594   1.00 26.75  ? 244 HOH B O     1 
HETATM 1131 O  O     . HOH O 3 .  ? 11.217  -2.134  -8.087  1.00 25.61  ? 245 HOH B O     1 
HETATM 1132 O  O     . HOH O 3 .  ? 14.548  -14.076 -5.477  1.00 10.73  ? 246 HOH B O     1 
HETATM 1133 O  O     . HOH O 3 .  ? 7.896   -7.861  1.135   1.00 28.75  ? 247 HOH B O     1 
HETATM 1134 O  O     . HOH O 3 .  ? 10.635  -1.845  1.909   1.00 22.35  ? 248 HOH B O     1 
HETATM 1135 O  O     . HOH O 3 .  ? 17.670  -3.409  -0.811  1.00 29.25  ? 249 HOH B O     1 
HETATM 1136 O  O     . HOH O 3 .  ? 3.553   -1.278  12.534  1.00 25.12  ? 250 HOH B O     1 
HETATM 1137 O  O     . HOH O 3 .  ? 17.442  8.137   18.252  1.00 28.82  ? 251 HOH B O     1 
HETATM 1138 O  O     . HOH O 3 .  ? 11.648  -4.690  1.635   1.00 19.94  ? 252 HOH B O     1 
HETATM 1139 O  O     . HOH O 3 .  ? 15.617  -12.183 -7.347  1.00 14.42  ? 253 HOH B O     1 
HETATM 1140 O  O     . HOH O 3 .  ? 14.497  6.974   15.312  1.00 25.54  ? 254 HOH B O     1 
HETATM 1141 O  O     . HOH O 3 .  ? 21.160  -0.237  17.089  1.00 26.87  ? 255 HOH B O     1 
HETATM 1142 O  O     . HOH O 3 .  ? 8.309   -9.942  2.601   1.00 15.09  ? 256 HOH B O     1 
HETATM 1143 O  O     . HOH O 3 .  ? 13.849  9.215   18.770  1.00 32.99  ? 257 HOH B O     1 
HETATM 1144 O  O     . HOH O 3 .  ? 12.049  3.729   7.922   1.00 35.09  ? 258 HOH B O     1 
HETATM 1145 O  O     . HOH O 3 .  ? 12.050  1.489   4.251   1.00 21.94  ? 259 HOH B O     1 
HETATM 1146 O  O     . HOH P 3 .  ? -10.815 1.496   -12.884 1.00 31.72  ? 201 HOH C O     1 
HETATM 1147 O  O     . HOH P 3 .  ? 1.298   8.229   2.965   1.00 29.37  ? 202 HOH C O     1 
HETATM 1148 O  O     . HOH P 3 .  ? -10.689 12.279  -10.121 1.00 25.24  ? 203 HOH C O     1 
HETATM 1149 O  O     . HOH P 3 .  ? -19.395 9.484   -2.279  1.00 28.75  ? 204 HOH C O     1 
HETATM 1150 O  O     . HOH P 3 .  ? -19.473 -0.254  -5.266  1.00 27.48  ? 205 HOH C O     1 
HETATM 1151 O  O     . HOH P 3 .  ? -4.906  1.059   10.918  1.00 33.98  ? 206 HOH C O     1 
HETATM 1152 O  O     . HOH P 3 .  ? -7.348  3.743   -15.299 1.00 28.67  ? 207 HOH C O     1 
HETATM 1153 O  O     . HOH P 3 .  ? 4.245   8.925   10.036  1.00 19.51  ? 208 HOH C O     1 
HETATM 1154 O  O     . HOH P 3 .  ? -2.969  6.171   9.274   1.00 23.15  ? 209 HOH C O     1 
HETATM 1155 O  O     . HOH P 3 .  ? -12.037 2.070   -9.698  1.00 15.31  ? 210 HOH C O     1 
HETATM 1156 O  O     . HOH P 3 .  ? 0.955   18.524  8.243   1.00 25.55  ? 211 HOH C O     1 
HETATM 1157 O  O     . HOH P 3 .  ? 1.462   1.917   4.525   1.00 14.30  ? 212 HOH C O     1 
HETATM 1158 O  O     . HOH P 3 .  ? -15.740 -4.088  -1.432  1.00 23.13  ? 213 HOH C O     1 
HETATM 1159 O  O     . HOH P 3 .  ? -5.730  3.378   8.218   1.00 23.94  ? 214 HOH C O     1 
HETATM 1160 O  O     . HOH P 3 .  ? -10.692 4.275   -1.207  1.00 18.08  ? 215 HOH C O     1 
HETATM 1161 O  O     . HOH P 3 .  ? 1.886   5.581   11.260  1.00 20.96  ? 216 HOH C O     1 
HETATM 1162 O  O     . HOH P 3 .  ? -7.676  5.392   6.764   1.00 28.63  ? 217 HOH C O     1 
HETATM 1163 O  O     . HOH P 3 .  ? -15.660 4.246   0.992   1.00 24.27  ? 218 HOH C O     1 
HETATM 1164 O  O     . HOH P 3 .  ? 0.764   -0.390  7.473   1.00 22.40  ? 219 HOH C O     1 
HETATM 1165 O  O     . HOH P 3 .  ? -0.070  3.663   12.122  1.00 29.00  ? 220 HOH C O     1 
HETATM 1166 O  O     . HOH P 3 .  ? -18.756 8.832   -12.401 1.00 20.87  ? 221 HOH C O     1 
HETATM 1167 O  O     . HOH P 3 .  ? -7.564  6.120   -12.603 1.00 25.80  ? 222 HOH C O     1 
HETATM 1168 O  O     . HOH P 3 .  ? -8.403  2.500   5.463   1.00 26.85  ? 223 HOH C O     1 
HETATM 1169 O  O     . HOH P 3 .  ? -6.289  18.043  6.148   1.00 19.24  ? 224 HOH C O     1 
HETATM 1170 O  O     . HOH P 3 .  ? -12.916 7.601   -5.873  1.00 19.08  ? 225 HOH C O     1 
HETATM 1171 O  O     . HOH P 3 .  ? -11.734 9.698   -7.084  1.00 23.97  ? 226 HOH C O     1 
HETATM 1172 O  O     . HOH P 3 .  ? -10.361 0.030   -15.775 1.00 27.56  ? 227 HOH C O     1 
HETATM 1173 O  O     . HOH P 3 .  ? -4.982  9.481   10.194  1.00 20.58  ? 228 HOH C O     1 
HETATM 1174 O  O     . HOH P 3 .  ? -12.993 3.704   0.176   1.00 26.18  ? 229 HOH C O     1 
HETATM 1175 O  O     . HOH P 3 .  ? -8.910  2.978   -9.707  1.00 21.71  ? 230 HOH C O     1 
HETATM 1176 O  O     . HOH P 3 .  ? 3.417   14.088  5.048   1.00 24.06  ? 231 HOH C O     1 
HETATM 1177 O  O     . HOH P 3 .  ? -22.478 3.821   -3.029  1.00 27.01  ? 232 HOH C O     1 
HETATM 1178 O  O     . HOH P 3 .  ? -12.216 4.894   -3.523  1.00 19.54  ? 233 HOH C O     1 
HETATM 1179 O  O     . HOH P 3 .  ? -9.556  4.129   -12.317 1.00 22.59  ? 234 HOH C O     1 
HETATM 1180 O  O     . HOH P 3 .  ? -9.097  7.313   -9.835  1.00 30.70  ? 235 HOH C O     1 
HETATM 1181 O  O     . HOH P 3 .  ? -19.559 5.853   -12.862 1.00 27.32  ? 236 HOH C O     1 
HETATM 1182 O  O     . HOH P 3 .  ? -8.692  4.947   3.098   1.00 27.57  ? 237 HOH C O     1 
HETATM 1183 O  O     . HOH P 3 .  ? -15.381 13.723  -11.990 1.00 31.51  ? 238 HOH C O     1 
HETATM 1184 O  O     . HOH P 3 .  ? -5.486  7.112   8.367   1.00 21.49  ? 239 HOH C O     1 
HETATM 1185 O  O     . HOH P 3 .  ? -14.885 6.119   -2.680  1.00 22.22  ? 240 HOH C O     1 
HETATM 1186 O  O     . HOH P 3 .  ? -20.228 4.253   -8.837  1.00 22.08  ? 241 HOH C O     1 
HETATM 1187 O  O     . HOH P 3 .  ? -4.714  -2.609  1.287   1.00 24.42  ? 242 HOH C O     1 
HETATM 1188 O  O     . HOH P 3 .  ? -11.649 5.155   -6.096  1.00 14.90  ? 243 HOH C O     1 
HETATM 1189 O  O     . HOH P 3 .  ? -1.748  10.230  9.876   1.00 25.92  ? 244 HOH C O     1 
HETATM 1190 O  O     . HOH P 3 .  ? -14.377 10.948  -3.467  1.00 27.91  ? 245 HOH C O     1 
HETATM 1191 O  O     . HOH P 3 .  ? -15.036 9.699   -1.371  1.00 30.66  ? 246 HOH C O     1 
HETATM 1192 O  O     . HOH P 3 .  ? -13.413 4.819   2.177   1.00 31.26  ? 247 HOH C O     1 
HETATM 1193 O  O     . HOH P 3 .  ? -10.643 15.103  -10.175 1.00 31.20  ? 248 HOH C O     1 
HETATM 1194 O  O     . HOH P 3 .  ? -9.347  0.124   -11.676 1.00 26.12  ? 249 HOH C O     1 
HETATM 1195 O  O     . HOH P 3 .  ? -19.829 8.162   -14.926 1.00 12.30  ? 250 HOH C O     1 
HETATM 1196 O  O     . HOH P 3 .  ? 1.884   6.564   14.007  1.00 29.71  ? 251 HOH C O     1 
HETATM 1197 O  O     . HOH P 3 .  ? -12.684 5.142   4.516   1.00 20.88  ? 252 HOH C O     1 
HETATM 1198 O  O     . HOH P 3 .  ? -8.412  -1.838  -15.092 1.00 40.40  ? 253 HOH C O     1 
HETATM 1199 O  O     . HOH Q 3 .  ? -16.016 12.967  -1.444  1.00 26.60  ? 201 HOH D O     1 
HETATM 1200 O  O     . HOH Q 3 .  ? -7.290  -7.370  -1.378  1.00 27.02  ? 202 HOH D O     1 
HETATM 1201 O  O     . HOH Q 3 .  ? -10.977 16.461  -3.917  1.00 23.70  ? 203 HOH D O     1 
HETATM 1202 O  O     . HOH Q 3 .  ? -21.910 3.240   -23.621 1.00 18.00  ? 204 HOH D O     1 
HETATM 1203 O  O     . HOH Q 3 .  ? -1.114  1.530   -0.977  1.00 22.12  ? 205 HOH D O     1 
HETATM 1204 O  O     . HOH Q 3 .  ? -18.003 8.618   -23.401 1.00 26.08  ? 206 HOH D O     1 
HETATM 1205 O  O     . HOH Q 3 .  ? -11.585 -11.545 -11.505 1.00 21.60  ? 207 HOH D O     1 
HETATM 1206 O  O     . HOH Q 3 .  ? -3.107  -7.796  -7.696  1.00 19.48  ? 208 HOH D O     1 
HETATM 1207 O  O     . HOH Q 3 .  ? -12.153 -5.122  -9.985  1.00 16.80  ? 209 HOH D O     1 
HETATM 1208 O  O     . HOH Q 3 .  ? -9.831  8.227   2.869   1.00 24.53  ? 210 HOH D O     1 
HETATM 1209 O  O     . HOH Q 3 .  ? -16.917 -3.351  -15.791 1.00 18.80  ? 211 HOH D O     1 
HETATM 1210 O  O     . HOH Q 3 .  ? -20.111 -3.316  -8.174  1.00 22.31  ? 212 HOH D O     1 
HETATM 1211 O  O     . HOH Q 3 .  ? -24.225 -1.984  -18.382 1.00 15.65  ? 213 HOH D O     1 
HETATM 1212 O  O     . HOH Q 3 .  ? -11.624 9.660   4.574   1.00 30.76  ? 214 HOH D O     1 
HETATM 1213 O  O     . HOH Q 3 .  ? -9.713  -8.235  -11.144 1.00 28.24  ? 215 HOH D O     1 
HETATM 1214 O  O     . HOH Q 3 .  ? -20.527 2.281   -11.038 1.00 26.75  ? 216 HOH D O     1 
HETATM 1215 O  O     . HOH Q 3 .  ? -10.069 2.060   -6.653  1.00 13.24  ? 217 HOH D O     1 
HETATM 1216 O  O     . HOH Q 3 .  ? -11.196 17.908  -1.132  1.00 27.22  ? 218 HOH D O     1 
HETATM 1217 O  O     . HOH Q 3 .  ? -18.057 -0.932  -19.098 1.00 23.15  ? 219 HOH D O     1 
HETATM 1218 O  O     . HOH Q 3 .  ? -17.980 3.106   -8.561  1.00 15.29  ? 220 HOH D O     1 
HETATM 1219 O  O     . HOH Q 3 .  ? -16.857 16.523  3.200   1.00 22.80  ? 221 HOH D O     1 
HETATM 1220 O  O     . HOH Q 3 .  ? -16.078 -5.425  -5.427  1.00 18.84  ? 222 HOH D O     1 
HETATM 1221 O  O     . HOH Q 3 .  ? -6.307  5.194   -7.310  1.00 25.05  ? 223 HOH D O     1 
HETATM 1222 O  O     . HOH Q 3 .  ? -12.206 16.957  5.222   1.00 24.67  ? 224 HOH D O     1 
HETATM 1223 O  O     . HOH Q 3 .  ? -10.008 10.383  -3.155  1.00 20.23  ? 225 HOH D O     1 
HETATM 1224 O  O     . HOH Q 3 .  ? -21.467 -1.468  -20.131 1.00 15.01  ? 226 HOH D O     1 
HETATM 1225 O  O     . HOH Q 3 .  ? -10.136 17.636  4.915   1.00 25.05  ? 227 HOH D O     1 
HETATM 1226 O  O     . HOH Q 3 .  ? -11.022 7.899   -0.974  1.00 21.68  ? 228 HOH D O     1 
HETATM 1227 O  O     . HOH Q 3 .  ? -6.723  -3.672  -8.674  1.00 17.05  ? 229 HOH D O     1 
HETATM 1228 O  O     . HOH Q 3 .  ? -11.084 10.232  0.344   1.00 21.28  ? 230 HOH D O     1 
HETATM 1229 O  O     . HOH Q 3 .  ? -5.025  -0.248  -8.096  1.00 19.60  ? 231 HOH D O     1 
HETATM 1230 O  O     . HOH Q 3 .  ? -8.954  -2.032  -8.805  1.00 15.43  ? 232 HOH D O     1 
HETATM 1231 O  O     . HOH Q 3 .  ? -4.668  -4.213  -0.921  1.00 21.33  ? 233 HOH D O     1 
HETATM 1232 O  O     . HOH Q 3 .  ? -7.657  0.353   -7.136  1.00 13.89  ? 234 HOH D O     1 
HETATM 1233 O  O     . HOH Q 3 .  ? -19.445 -0.466  -23.018 1.00 27.97  ? 235 HOH D O     1 
HETATM 1234 O  O     . HOH Q 3 .  ? -7.208  16.692  2.256   1.00 19.53  ? 236 HOH D O     1 
HETATM 1235 O  O     . HOH Q 3 .  ? -17.383 8.882   -19.444 1.00 28.83  ? 237 HOH D O     1 
HETATM 1236 O  O     . HOH Q 3 .  ? -7.315  8.260   -5.496  1.00 17.65  ? 238 HOH D O     1 
HETATM 1237 O  O     . HOH Q 3 .  ? -3.546  14.934  -4.627  1.00 18.06  ? 239 HOH D O     1 
HETATM 1238 O  O     . HOH Q 3 .  ? -1.493  12.055  1.361   1.00 17.41  ? 240 HOH D O     1 
HETATM 1239 O  O     . HOH Q 3 .  ? -11.578 -1.299  -10.190 1.00 13.47  ? 241 HOH D O     1 
HETATM 1240 O  O     . HOH Q 3 .  ? -18.859 6.736   -16.547 1.00 20.03  ? 242 HOH D O     1 
HETATM 1241 O  O     . HOH Q 3 .  ? -13.445 7.665   -21.742 1.00 31.28  ? 243 HOH D O     1 
HETATM 1242 O  O     . HOH Q 3 .  ? -8.426  4.132   -5.615  1.00 18.46  ? 244 HOH D O     1 
HETATM 1243 O  O     . HOH Q 3 .  ? -23.781 -2.073  -13.707 1.00 29.64  ? 245 HOH D O     1 
HETATM 1244 O  O     . HOH Q 3 .  ? -9.466  8.332   6.241   1.00 30.87  ? 246 HOH D O     1 
HETATM 1245 O  O     . HOH Q 3 .  ? -12.089 -2.552  -12.944 1.00 24.17  ? 247 HOH D O     1 
HETATM 1246 O  O     . HOH Q 3 .  ? -0.037  9.982   -1.381  1.00 29.43  ? 248 HOH D O     1 
HETATM 1247 O  O     . HOH Q 3 .  ? -13.951 -2.160  -15.825 1.00 25.65  ? 249 HOH D O     1 
HETATM 1248 O  O     . HOH Q 3 .  ? -8.836  6.363   -3.964  1.00 14.98  ? 250 HOH D O     1 
HETATM 1249 O  O     . HOH Q 3 .  ? -18.275 -3.454  -4.004  1.00 25.42  ? 251 HOH D O     1 
HETATM 1250 O  O     . HOH Q 3 .  ? -22.275 -0.589  -23.096 1.00 19.98  ? 252 HOH D O     1 
HETATM 1251 O  O     . HOH Q 3 .  ? -23.073 -4.301  -20.149 1.00 22.22  ? 253 HOH D O     1 
HETATM 1252 O  O     . HOH Q 3 .  ? -19.489 -5.314  -6.049  1.00 27.72  ? 254 HOH D O     1 
HETATM 1253 O  O     . HOH Q 3 .  ? -13.469 -4.714  -12.502 1.00 24.64  ? 255 HOH D O     1 
HETATM 1254 O  O     . HOH Q 3 .  ? 1.129   6.025   -1.845  1.00 29.70  ? 256 HOH D O     1 
HETATM 1255 O  O     . HOH Q 3 .  ? -11.556 6.128   1.050   1.00 23.09  ? 257 HOH D O     1 
HETATM 1256 O  O     . HOH Q 3 .  ? -9.714  -4.058  -10.605 1.00 24.00  ? 258 HOH D O     1 
HETATM 1257 O  O     . HOH Q 3 .  ? -11.113 8.150   -3.669  1.00 18.59  ? 259 HOH D O     1 
HETATM 1258 O  O     . HOH Q 3 .  ? -12.700 6.356   -1.254  1.00 13.20  ? 260 HOH D O     1 
HETATM 1259 O  O     . HOH Q 3 .  ? -11.452 7.252   5.386   1.00 27.62  ? 261 HOH D O     1 
HETATM 1260 O  O     . HOH Q 3 .  ? -11.807 6.751   3.165   1.00 24.42  ? 262 HOH D O     1 
# 
